data_2EJX
# 
_entry.id   2EJX 
# 
_audit_conform.dict_name       mmcif_pdbx.dic 
_audit_conform.dict_version    5.388 
_audit_conform.dict_location   http://mmcif.pdb.org/dictionaries/ascii/mmcif_pdbx.dic 
# 
loop_
_database_2.database_id 
_database_2.database_code 
_database_2.pdbx_database_accession 
_database_2.pdbx_DOI 
PDB   2EJX         pdb_00002ejx 10.2210/pdb2ejx/pdb 
RCSB  RCSB026755   ?            ?                   
WWPDB D_1000026755 ?            ?                   
# 
loop_
_pdbx_audit_revision_history.ordinal 
_pdbx_audit_revision_history.data_content_type 
_pdbx_audit_revision_history.major_revision 
_pdbx_audit_revision_history.minor_revision 
_pdbx_audit_revision_history.revision_date 
1 'Structure model' 1 0 2008-03-25 
2 'Structure model' 1 1 2011-07-13 
3 'Structure model' 1 2 2013-07-17 
4 'Structure model' 1 3 2013-11-06 
5 'Structure model' 1 4 2024-03-13 
# 
_pdbx_audit_revision_details.ordinal             1 
_pdbx_audit_revision_details.revision_ordinal    1 
_pdbx_audit_revision_details.data_content_type   'Structure model' 
_pdbx_audit_revision_details.provider            repository 
_pdbx_audit_revision_details.type                'Initial release' 
_pdbx_audit_revision_details.description         ? 
_pdbx_audit_revision_details.details             ? 
# 
loop_
_pdbx_audit_revision_group.ordinal 
_pdbx_audit_revision_group.revision_ordinal 
_pdbx_audit_revision_group.data_content_type 
_pdbx_audit_revision_group.group 
1 2 'Structure model' 'Version format compliance' 
2 3 'Structure model' 'Database references'       
3 4 'Structure model' 'Database references'       
4 5 'Structure model' 'Data collection'           
5 5 'Structure model' 'Database references'       
# 
loop_
_pdbx_audit_revision_category.ordinal 
_pdbx_audit_revision_category.revision_ordinal 
_pdbx_audit_revision_category.data_content_type 
_pdbx_audit_revision_category.category 
1 5 'Structure model' chem_comp_atom     
2 5 'Structure model' chem_comp_bond     
3 5 'Structure model' database_2         
4 5 'Structure model' struct_ref_seq_dif 
# 
loop_
_pdbx_audit_revision_item.ordinal 
_pdbx_audit_revision_item.revision_ordinal 
_pdbx_audit_revision_item.data_content_type 
_pdbx_audit_revision_item.item 
1 5 'Structure model' '_database_2.pdbx_DOI'                
2 5 'Structure model' '_database_2.pdbx_database_accession' 
3 5 'Structure model' '_struct_ref_seq_dif.details'         
# 
_pdbx_database_status.status_code                     REL 
_pdbx_database_status.entry_id                        2EJX 
_pdbx_database_status.recvd_initial_deposition_date   2007-03-21 
_pdbx_database_status.deposit_site                    PDBJ 
_pdbx_database_status.process_site                    PDBJ 
_pdbx_database_status.status_code_sf                  REL 
_pdbx_database_status.status_code_mr                  ? 
_pdbx_database_status.SG_entry                        Y 
_pdbx_database_status.status_code_cs                  ? 
_pdbx_database_status.methods_development_category    ? 
_pdbx_database_status.pdb_format_compatible           Y 
_pdbx_database_status.status_code_nmr_data            ? 
# 
loop_
_audit_author.name 
_audit_author.pdbx_ordinal 
'Miyakawa, T.' 1 
'Miyazono, K.' 2 
'Sawano, Y.'   3 
'Hatano, K.'   4 
'Nagata, K.'   5 
'Tanokura, M.' 6 
# 
_citation.id                        primary 
_citation.title                     
'A thermoacidophile-specific protein family, DUF3211, functions as a fatty acid carrier with novel binding mode' 
_citation.journal_abbrev            J.Bacteriol. 
_citation.journal_volume            195 
_citation.page_first                4005 
_citation.page_last                 4012 
_citation.year                      2013 
_citation.journal_id_ASTM           JOBAAY 
_citation.country                   US 
_citation.journal_id_ISSN           0021-9193 
_citation.journal_id_CSD            0767 
_citation.book_publisher            ? 
_citation.pdbx_database_id_PubMed   23836863 
_citation.pdbx_database_id_DOI      10.1128/JB.00432-13 
# 
loop_
_citation_author.citation_id 
_citation_author.name 
_citation_author.ordinal 
_citation_author.identifier_ORCID 
primary 'Miyakawa, T.' 1 ? 
primary 'Sawano, Y.'   2 ? 
primary 'Miyazono, K.' 3 ? 
primary 'Miyauchi, Y.' 4 ? 
primary 'Hatano, K.'   5 ? 
primary 'Tanokura, M.' 6 ? 
# 
loop_
_entity.id 
_entity.type 
_entity.src_method 
_entity.pdbx_description 
_entity.formula_weight 
_entity.pdbx_number_of_molecules 
_entity.pdbx_ec 
_entity.pdbx_mutation 
_entity.pdbx_fragment 
_entity.details 
1 polymer man STK_08120 16015.574 1   ? ? ? ? 
2 water   nat water     18.015    102 ? ? ? ? 
# 
_entity_poly.entity_id                      1 
_entity_poly.type                           'polypeptide(L)' 
_entity_poly.nstd_linkage                   no 
_entity_poly.nstd_monomer                   no 
_entity_poly.pdbx_seq_one_letter_code       
;GSHMMKVEKEIKTNQDIDVVMTIFSDPAFTIPQIFPGIASIKCIEPEIFEAEGKFLAFSYKVKGRVYKGVDEVRIIYDSD
RGNGILYIRKKDNNTLQIILEHDNKLTAFLGKPYVSSNLDRLAENIDEIIRLERIKRKI
;
_entity_poly.pdbx_seq_one_letter_code_can   
;GSHMMKVEKEIKTNQDIDVVMTIFSDPAFTIPQIFPGIASIKCIEPEIFEAEGKFLAFSYKVKGRVYKGVDEVRIIYDSD
RGNGILYIRKKDNNTLQIILEHDNKLTAFLGKPYVSSNLDRLAENIDEIIRLERIKRKI
;
_entity_poly.pdbx_strand_id                 A 
_entity_poly.pdbx_target_identifier         ? 
# 
_pdbx_entity_nonpoly.entity_id   2 
_pdbx_entity_nonpoly.name        water 
_pdbx_entity_nonpoly.comp_id     HOH 
# 
loop_
_entity_poly_seq.entity_id 
_entity_poly_seq.num 
_entity_poly_seq.mon_id 
_entity_poly_seq.hetero 
1 1   GLY n 
1 2   SER n 
1 3   HIS n 
1 4   MET n 
1 5   MET n 
1 6   LYS n 
1 7   VAL n 
1 8   GLU n 
1 9   LYS n 
1 10  GLU n 
1 11  ILE n 
1 12  LYS n 
1 13  THR n 
1 14  ASN n 
1 15  GLN n 
1 16  ASP n 
1 17  ILE n 
1 18  ASP n 
1 19  VAL n 
1 20  VAL n 
1 21  MET n 
1 22  THR n 
1 23  ILE n 
1 24  PHE n 
1 25  SER n 
1 26  ASP n 
1 27  PRO n 
1 28  ALA n 
1 29  PHE n 
1 30  THR n 
1 31  ILE n 
1 32  PRO n 
1 33  GLN n 
1 34  ILE n 
1 35  PHE n 
1 36  PRO n 
1 37  GLY n 
1 38  ILE n 
1 39  ALA n 
1 40  SER n 
1 41  ILE n 
1 42  LYS n 
1 43  CYS n 
1 44  ILE n 
1 45  GLU n 
1 46  PRO n 
1 47  GLU n 
1 48  ILE n 
1 49  PHE n 
1 50  GLU n 
1 51  ALA n 
1 52  GLU n 
1 53  GLY n 
1 54  LYS n 
1 55  PHE n 
1 56  LEU n 
1 57  ALA n 
1 58  PHE n 
1 59  SER n 
1 60  TYR n 
1 61  LYS n 
1 62  VAL n 
1 63  LYS n 
1 64  GLY n 
1 65  ARG n 
1 66  VAL n 
1 67  TYR n 
1 68  LYS n 
1 69  GLY n 
1 70  VAL n 
1 71  ASP n 
1 72  GLU n 
1 73  VAL n 
1 74  ARG n 
1 75  ILE n 
1 76  ILE n 
1 77  TYR n 
1 78  ASP n 
1 79  SER n 
1 80  ASP n 
1 81  ARG n 
1 82  GLY n 
1 83  ASN n 
1 84  GLY n 
1 85  ILE n 
1 86  LEU n 
1 87  TYR n 
1 88  ILE n 
1 89  ARG n 
1 90  LYS n 
1 91  LYS n 
1 92  ASP n 
1 93  ASN n 
1 94  ASN n 
1 95  THR n 
1 96  LEU n 
1 97  GLN n 
1 98  ILE n 
1 99  ILE n 
1 100 LEU n 
1 101 GLU n 
1 102 HIS n 
1 103 ASP n 
1 104 ASN n 
1 105 LYS n 
1 106 LEU n 
1 107 THR n 
1 108 ALA n 
1 109 PHE n 
1 110 LEU n 
1 111 GLY n 
1 112 LYS n 
1 113 PRO n 
1 114 TYR n 
1 115 VAL n 
1 116 SER n 
1 117 SER n 
1 118 ASN n 
1 119 LEU n 
1 120 ASP n 
1 121 ARG n 
1 122 LEU n 
1 123 ALA n 
1 124 GLU n 
1 125 ASN n 
1 126 ILE n 
1 127 ASP n 
1 128 GLU n 
1 129 ILE n 
1 130 ILE n 
1 131 ARG n 
1 132 LEU n 
1 133 GLU n 
1 134 ARG n 
1 135 ILE n 
1 136 LYS n 
1 137 ARG n 
1 138 LYS n 
1 139 ILE n 
# 
_entity_src_gen.entity_id                          1 
_entity_src_gen.pdbx_src_id                        1 
_entity_src_gen.pdbx_alt_source_flag               sample 
_entity_src_gen.pdbx_seq_type                      ? 
_entity_src_gen.pdbx_beg_seq_num                   ? 
_entity_src_gen.pdbx_end_seq_num                   ? 
_entity_src_gen.gene_src_common_name               ? 
_entity_src_gen.gene_src_genus                     Sulfolobus 
_entity_src_gen.pdbx_gene_src_gene                 STK_08120 
_entity_src_gen.gene_src_species                   'Sulfolobus tokodaii' 
_entity_src_gen.gene_src_strain                    'strain 7' 
_entity_src_gen.gene_src_tissue                    ? 
_entity_src_gen.gene_src_tissue_fraction           ? 
_entity_src_gen.gene_src_details                   ? 
_entity_src_gen.pdbx_gene_src_fragment             ? 
_entity_src_gen.pdbx_gene_src_scientific_name      'Sulfolobus tokodaii str. 7' 
_entity_src_gen.pdbx_gene_src_ncbi_taxonomy_id     273063 
_entity_src_gen.pdbx_gene_src_variant              ? 
_entity_src_gen.pdbx_gene_src_cell_line            ? 
_entity_src_gen.pdbx_gene_src_atcc                 ? 
_entity_src_gen.pdbx_gene_src_organ                ? 
_entity_src_gen.pdbx_gene_src_organelle            ? 
_entity_src_gen.pdbx_gene_src_cell                 ? 
_entity_src_gen.pdbx_gene_src_cellular_location    ? 
_entity_src_gen.host_org_common_name               ? 
_entity_src_gen.pdbx_host_org_scientific_name      'Escherichia coli' 
_entity_src_gen.pdbx_host_org_ncbi_taxonomy_id     562 
_entity_src_gen.host_org_genus                     Escherichia 
_entity_src_gen.pdbx_host_org_gene                 ? 
_entity_src_gen.pdbx_host_org_organ                ? 
_entity_src_gen.host_org_species                   ? 
_entity_src_gen.pdbx_host_org_tissue               ? 
_entity_src_gen.pdbx_host_org_tissue_fraction      ? 
_entity_src_gen.pdbx_host_org_strain               'Rosetta(DE3)' 
_entity_src_gen.pdbx_host_org_variant              ? 
_entity_src_gen.pdbx_host_org_cell_line            ? 
_entity_src_gen.pdbx_host_org_atcc                 ? 
_entity_src_gen.pdbx_host_org_culture_collection   ? 
_entity_src_gen.pdbx_host_org_cell                 ? 
_entity_src_gen.pdbx_host_org_organelle            ? 
_entity_src_gen.pdbx_host_org_cellular_location    ? 
_entity_src_gen.pdbx_host_org_vector_type          PLASMID 
_entity_src_gen.pdbx_host_org_vector               ? 
_entity_src_gen.host_org_details                   ? 
_entity_src_gen.expression_system_id               ? 
_entity_src_gen.plasmid_name                       pET28a 
_entity_src_gen.plasmid_details                    ? 
_entity_src_gen.pdbx_description                   ? 
# 
loop_
_chem_comp.id 
_chem_comp.type 
_chem_comp.mon_nstd_flag 
_chem_comp.name 
_chem_comp.pdbx_synonyms 
_chem_comp.formula 
_chem_comp.formula_weight 
ALA 'L-peptide linking' y ALANINE         ? 'C3 H7 N O2'     89.093  
ARG 'L-peptide linking' y ARGININE        ? 'C6 H15 N4 O2 1' 175.209 
ASN 'L-peptide linking' y ASPARAGINE      ? 'C4 H8 N2 O3'    132.118 
ASP 'L-peptide linking' y 'ASPARTIC ACID' ? 'C4 H7 N O4'     133.103 
CYS 'L-peptide linking' y CYSTEINE        ? 'C3 H7 N O2 S'   121.158 
GLN 'L-peptide linking' y GLUTAMINE       ? 'C5 H10 N2 O3'   146.144 
GLU 'L-peptide linking' y 'GLUTAMIC ACID' ? 'C5 H9 N O4'     147.129 
GLY 'peptide linking'   y GLYCINE         ? 'C2 H5 N O2'     75.067  
HIS 'L-peptide linking' y HISTIDINE       ? 'C6 H10 N3 O2 1' 156.162 
HOH non-polymer         . WATER           ? 'H2 O'           18.015  
ILE 'L-peptide linking' y ISOLEUCINE      ? 'C6 H13 N O2'    131.173 
LEU 'L-peptide linking' y LEUCINE         ? 'C6 H13 N O2'    131.173 
LYS 'L-peptide linking' y LYSINE          ? 'C6 H15 N2 O2 1' 147.195 
MET 'L-peptide linking' y METHIONINE      ? 'C5 H11 N O2 S'  149.211 
PHE 'L-peptide linking' y PHENYLALANINE   ? 'C9 H11 N O2'    165.189 
PRO 'L-peptide linking' y PROLINE         ? 'C5 H9 N O2'     115.130 
SER 'L-peptide linking' y SERINE          ? 'C3 H7 N O3'     105.093 
THR 'L-peptide linking' y THREONINE       ? 'C4 H9 N O3'     119.119 
TYR 'L-peptide linking' y TYROSINE        ? 'C9 H11 N O3'    181.189 
VAL 'L-peptide linking' y VALINE          ? 'C5 H11 N O2'    117.146 
# 
loop_
_pdbx_poly_seq_scheme.asym_id 
_pdbx_poly_seq_scheme.entity_id 
_pdbx_poly_seq_scheme.seq_id 
_pdbx_poly_seq_scheme.mon_id 
_pdbx_poly_seq_scheme.ndb_seq_num 
_pdbx_poly_seq_scheme.pdb_seq_num 
_pdbx_poly_seq_scheme.auth_seq_num 
_pdbx_poly_seq_scheme.pdb_mon_id 
_pdbx_poly_seq_scheme.auth_mon_id 
_pdbx_poly_seq_scheme.pdb_strand_id 
_pdbx_poly_seq_scheme.pdb_ins_code 
_pdbx_poly_seq_scheme.hetero 
A 1 1   GLY 1   -2  ?   ?   ?   A . n 
A 1 2   SER 2   -1  ?   ?   ?   A . n 
A 1 3   HIS 3   0   ?   ?   ?   A . n 
A 1 4   MET 4   1   ?   ?   ?   A . n 
A 1 5   MET 5   2   ?   ?   ?   A . n 
A 1 6   LYS 6   3   3   LYS LYS A . n 
A 1 7   VAL 7   4   4   VAL VAL A . n 
A 1 8   GLU 8   5   5   GLU GLU A . n 
A 1 9   LYS 9   6   6   LYS LYS A . n 
A 1 10  GLU 10  7   7   GLU GLU A . n 
A 1 11  ILE 11  8   8   ILE ILE A . n 
A 1 12  LYS 12  9   9   LYS LYS A . n 
A 1 13  THR 13  10  10  THR THR A . n 
A 1 14  ASN 14  11  11  ASN ASN A . n 
A 1 15  GLN 15  12  12  GLN GLN A . n 
A 1 16  ASP 16  13  13  ASP ASP A . n 
A 1 17  ILE 17  14  14  ILE ILE A . n 
A 1 18  ASP 18  15  15  ASP ASP A . n 
A 1 19  VAL 19  16  16  VAL VAL A . n 
A 1 20  VAL 20  17  17  VAL VAL A . n 
A 1 21  MET 21  18  18  MET MET A . n 
A 1 22  THR 22  19  19  THR THR A . n 
A 1 23  ILE 23  20  20  ILE ILE A . n 
A 1 24  PHE 24  21  21  PHE PHE A . n 
A 1 25  SER 25  22  22  SER SER A . n 
A 1 26  ASP 26  23  23  ASP ASP A . n 
A 1 27  PRO 27  24  24  PRO PRO A . n 
A 1 28  ALA 28  25  25  ALA ALA A . n 
A 1 29  PHE 29  26  26  PHE PHE A . n 
A 1 30  THR 30  27  27  THR THR A . n 
A 1 31  ILE 31  28  28  ILE ILE A . n 
A 1 32  PRO 32  29  29  PRO PRO A . n 
A 1 33  GLN 33  30  30  GLN GLN A . n 
A 1 34  ILE 34  31  31  ILE ILE A . n 
A 1 35  PHE 35  32  32  PHE PHE A . n 
A 1 36  PRO 36  33  33  PRO PRO A . n 
A 1 37  GLY 37  34  34  GLY GLY A . n 
A 1 38  ILE 38  35  35  ILE ILE A . n 
A 1 39  ALA 39  36  36  ALA ALA A . n 
A 1 40  SER 40  37  37  SER SER A . n 
A 1 41  ILE 41  38  38  ILE ILE A . n 
A 1 42  LYS 42  39  39  LYS LYS A . n 
A 1 43  CYS 43  40  40  CYS CYS A . n 
A 1 44  ILE 44  41  41  ILE ILE A . n 
A 1 45  GLU 45  42  42  GLU GLU A . n 
A 1 46  PRO 46  43  43  PRO PRO A . n 
A 1 47  GLU 47  44  44  GLU GLU A . n 
A 1 48  ILE 48  45  45  ILE ILE A . n 
A 1 49  PHE 49  46  46  PHE PHE A . n 
A 1 50  GLU 50  47  47  GLU GLU A . n 
A 1 51  ALA 51  48  48  ALA ALA A . n 
A 1 52  GLU 52  49  49  GLU GLU A . n 
A 1 53  GLY 53  50  50  GLY GLY A . n 
A 1 54  LYS 54  51  51  LYS LYS A . n 
A 1 55  PHE 55  52  52  PHE PHE A . n 
A 1 56  LEU 56  53  53  LEU LEU A . n 
A 1 57  ALA 57  54  54  ALA ALA A . n 
A 1 58  PHE 58  55  55  PHE PHE A . n 
A 1 59  SER 59  56  56  SER SER A . n 
A 1 60  TYR 60  57  57  TYR TYR A . n 
A 1 61  LYS 61  58  58  LYS LYS A . n 
A 1 62  VAL 62  59  59  VAL VAL A . n 
A 1 63  LYS 63  60  60  LYS LYS A . n 
A 1 64  GLY 64  61  61  GLY GLY A . n 
A 1 65  ARG 65  62  62  ARG ARG A . n 
A 1 66  VAL 66  63  63  VAL VAL A . n 
A 1 67  TYR 67  64  64  TYR TYR A . n 
A 1 68  LYS 68  65  65  LYS LYS A . n 
A 1 69  GLY 69  66  66  GLY GLY A . n 
A 1 70  VAL 70  67  67  VAL VAL A . n 
A 1 71  ASP 71  68  68  ASP ASP A . n 
A 1 72  GLU 72  69  69  GLU GLU A . n 
A 1 73  VAL 73  70  70  VAL VAL A . n 
A 1 74  ARG 74  71  71  ARG ARG A . n 
A 1 75  ILE 75  72  72  ILE ILE A . n 
A 1 76  ILE 76  73  73  ILE ILE A . n 
A 1 77  TYR 77  74  74  TYR TYR A . n 
A 1 78  ASP 78  75  75  ASP ASP A . n 
A 1 79  SER 79  76  76  SER SER A . n 
A 1 80  ASP 80  77  77  ASP ASP A . n 
A 1 81  ARG 81  78  78  ARG ARG A . n 
A 1 82  GLY 82  79  79  GLY GLY A . n 
A 1 83  ASN 83  80  80  ASN ASN A . n 
A 1 84  GLY 84  81  81  GLY GLY A . n 
A 1 85  ILE 85  82  82  ILE ILE A . n 
A 1 86  LEU 86  83  83  LEU LEU A . n 
A 1 87  TYR 87  84  84  TYR TYR A . n 
A 1 88  ILE 88  85  85  ILE ILE A . n 
A 1 89  ARG 89  86  86  ARG ARG A . n 
A 1 90  LYS 90  87  87  LYS LYS A . n 
A 1 91  LYS 91  88  88  LYS LYS A . n 
A 1 92  ASP 92  89  89  ASP ASP A . n 
A 1 93  ASN 93  90  90  ASN ASN A . n 
A 1 94  ASN 94  91  91  ASN ASN A . n 
A 1 95  THR 95  92  92  THR THR A . n 
A 1 96  LEU 96  93  93  LEU LEU A . n 
A 1 97  GLN 97  94  94  GLN GLN A . n 
A 1 98  ILE 98  95  95  ILE ILE A . n 
A 1 99  ILE 99  96  96  ILE ILE A . n 
A 1 100 LEU 100 97  97  LEU LEU A . n 
A 1 101 GLU 101 98  98  GLU GLU A . n 
A 1 102 HIS 102 99  99  HIS HIS A . n 
A 1 103 ASP 103 100 100 ASP ASP A . n 
A 1 104 ASN 104 101 101 ASN ASN A . n 
A 1 105 LYS 105 102 102 LYS LYS A . n 
A 1 106 LEU 106 103 103 LEU LEU A . n 
A 1 107 THR 107 104 104 THR THR A . n 
A 1 108 ALA 108 105 105 ALA ALA A . n 
A 1 109 PHE 109 106 106 PHE PHE A . n 
A 1 110 LEU 110 107 107 LEU LEU A . n 
A 1 111 GLY 111 108 108 GLY GLY A . n 
A 1 112 LYS 112 109 109 LYS LYS A . n 
A 1 113 PRO 113 110 110 PRO PRO A . n 
A 1 114 TYR 114 111 111 TYR TYR A . n 
A 1 115 VAL 115 112 112 VAL VAL A . n 
A 1 116 SER 116 113 113 SER SER A . n 
A 1 117 SER 117 114 114 SER SER A . n 
A 1 118 ASN 118 115 115 ASN ASN A . n 
A 1 119 LEU 119 116 116 LEU LEU A . n 
A 1 120 ASP 120 117 117 ASP ASP A . n 
A 1 121 ARG 121 118 118 ARG ARG A . n 
A 1 122 LEU 122 119 119 LEU LEU A . n 
A 1 123 ALA 123 120 120 ALA ALA A . n 
A 1 124 GLU 124 121 121 GLU GLU A . n 
A 1 125 ASN 125 122 122 ASN ASN A . n 
A 1 126 ILE 126 123 123 ILE ILE A . n 
A 1 127 ASP 127 124 124 ASP ASP A . n 
A 1 128 GLU 128 125 125 GLU GLU A . n 
A 1 129 ILE 129 126 126 ILE ILE A . n 
A 1 130 ILE 130 127 127 ILE ILE A . n 
A 1 131 ARG 131 128 128 ARG ARG A . n 
A 1 132 LEU 132 129 129 LEU LEU A . n 
A 1 133 GLU 133 130 130 GLU GLU A . n 
A 1 134 ARG 134 131 131 ARG ARG A . n 
A 1 135 ILE 135 132 132 ILE ILE A . n 
A 1 136 LYS 136 133 133 LYS LYS A . n 
A 1 137 ARG 137 134 134 ARG ARG A . n 
A 1 138 LYS 138 135 135 LYS LYS A . n 
A 1 139 ILE 139 136 136 ILE ILE A . n 
# 
loop_
_pdbx_nonpoly_scheme.asym_id 
_pdbx_nonpoly_scheme.entity_id 
_pdbx_nonpoly_scheme.mon_id 
_pdbx_nonpoly_scheme.ndb_seq_num 
_pdbx_nonpoly_scheme.pdb_seq_num 
_pdbx_nonpoly_scheme.auth_seq_num 
_pdbx_nonpoly_scheme.pdb_mon_id 
_pdbx_nonpoly_scheme.auth_mon_id 
_pdbx_nonpoly_scheme.pdb_strand_id 
_pdbx_nonpoly_scheme.pdb_ins_code 
B 2 HOH 1   137 1   HOH HOH A . 
B 2 HOH 2   138 2   HOH HOH A . 
B 2 HOH 3   139 3   HOH HOH A . 
B 2 HOH 4   140 4   HOH HOH A . 
B 2 HOH 5   141 5   HOH HOH A . 
B 2 HOH 6   142 6   HOH HOH A . 
B 2 HOH 7   143 7   HOH HOH A . 
B 2 HOH 8   144 8   HOH HOH A . 
B 2 HOH 9   145 9   HOH HOH A . 
B 2 HOH 10  146 10  HOH HOH A . 
B 2 HOH 11  147 11  HOH HOH A . 
B 2 HOH 12  148 12  HOH HOH A . 
B 2 HOH 13  149 13  HOH HOH A . 
B 2 HOH 14  150 14  HOH HOH A . 
B 2 HOH 15  151 15  HOH HOH A . 
B 2 HOH 16  152 16  HOH HOH A . 
B 2 HOH 17  153 17  HOH HOH A . 
B 2 HOH 18  154 18  HOH HOH A . 
B 2 HOH 19  155 19  HOH HOH A . 
B 2 HOH 20  156 20  HOH HOH A . 
B 2 HOH 21  157 21  HOH HOH A . 
B 2 HOH 22  158 22  HOH HOH A . 
B 2 HOH 23  159 23  HOH HOH A . 
B 2 HOH 24  160 24  HOH HOH A . 
B 2 HOH 25  161 25  HOH HOH A . 
B 2 HOH 26  162 26  HOH HOH A . 
B 2 HOH 27  163 27  HOH HOH A . 
B 2 HOH 28  164 28  HOH HOH A . 
B 2 HOH 29  165 29  HOH HOH A . 
B 2 HOH 30  166 30  HOH HOH A . 
B 2 HOH 31  167 31  HOH HOH A . 
B 2 HOH 32  168 32  HOH HOH A . 
B 2 HOH 33  169 33  HOH HOH A . 
B 2 HOH 34  170 34  HOH HOH A . 
B 2 HOH 35  171 35  HOH HOH A . 
B 2 HOH 36  172 36  HOH HOH A . 
B 2 HOH 37  173 37  HOH HOH A . 
B 2 HOH 38  174 38  HOH HOH A . 
B 2 HOH 39  175 39  HOH HOH A . 
B 2 HOH 40  176 40  HOH HOH A . 
B 2 HOH 41  177 41  HOH HOH A . 
B 2 HOH 42  178 42  HOH HOH A . 
B 2 HOH 43  179 43  HOH HOH A . 
B 2 HOH 44  180 44  HOH HOH A . 
B 2 HOH 45  181 45  HOH HOH A . 
B 2 HOH 46  182 46  HOH HOH A . 
B 2 HOH 47  183 47  HOH HOH A . 
B 2 HOH 48  184 48  HOH HOH A . 
B 2 HOH 49  185 49  HOH HOH A . 
B 2 HOH 50  186 50  HOH HOH A . 
B 2 HOH 51  187 51  HOH HOH A . 
B 2 HOH 52  188 52  HOH HOH A . 
B 2 HOH 53  189 53  HOH HOH A . 
B 2 HOH 54  190 54  HOH HOH A . 
B 2 HOH 55  191 55  HOH HOH A . 
B 2 HOH 56  192 56  HOH HOH A . 
B 2 HOH 57  193 57  HOH HOH A . 
B 2 HOH 58  194 58  HOH HOH A . 
B 2 HOH 59  195 59  HOH HOH A . 
B 2 HOH 60  196 60  HOH HOH A . 
B 2 HOH 61  197 61  HOH HOH A . 
B 2 HOH 62  198 62  HOH HOH A . 
B 2 HOH 63  199 63  HOH HOH A . 
B 2 HOH 64  200 64  HOH HOH A . 
B 2 HOH 65  201 65  HOH HOH A . 
B 2 HOH 66  202 66  HOH HOH A . 
B 2 HOH 67  203 67  HOH HOH A . 
B 2 HOH 68  204 68  HOH HOH A . 
B 2 HOH 69  205 69  HOH HOH A . 
B 2 HOH 70  206 70  HOH HOH A . 
B 2 HOH 71  207 71  HOH HOH A . 
B 2 HOH 72  208 72  HOH HOH A . 
B 2 HOH 73  209 73  HOH HOH A . 
B 2 HOH 74  210 74  HOH HOH A . 
B 2 HOH 75  211 75  HOH HOH A . 
B 2 HOH 76  212 76  HOH HOH A . 
B 2 HOH 77  213 77  HOH HOH A . 
B 2 HOH 78  214 78  HOH HOH A . 
B 2 HOH 79  215 79  HOH HOH A . 
B 2 HOH 80  216 80  HOH HOH A . 
B 2 HOH 81  217 81  HOH HOH A . 
B 2 HOH 82  218 82  HOH HOH A . 
B 2 HOH 83  219 83  HOH HOH A . 
B 2 HOH 84  220 84  HOH HOH A . 
B 2 HOH 85  221 85  HOH HOH A . 
B 2 HOH 86  222 86  HOH HOH A . 
B 2 HOH 87  223 87  HOH HOH A . 
B 2 HOH 88  224 88  HOH HOH A . 
B 2 HOH 89  225 89  HOH HOH A . 
B 2 HOH 90  226 90  HOH HOH A . 
B 2 HOH 91  227 91  HOH HOH A . 
B 2 HOH 92  228 92  HOH HOH A . 
B 2 HOH 93  229 93  HOH HOH A . 
B 2 HOH 94  230 94  HOH HOH A . 
B 2 HOH 95  231 95  HOH HOH A . 
B 2 HOH 96  232 96  HOH HOH A . 
B 2 HOH 97  233 97  HOH HOH A . 
B 2 HOH 98  234 98  HOH HOH A . 
B 2 HOH 99  235 99  HOH HOH A . 
B 2 HOH 100 236 100 HOH HOH A . 
B 2 HOH 101 237 101 HOH HOH A . 
B 2 HOH 102 238 102 HOH HOH A . 
# 
loop_
_software.name 
_software.classification 
_software.version 
_software.citation_id 
_software.pdbx_ordinal 
REFMAC   refinement        5.2.0019 ? 1 
HKL-2000 'data collection' .        ? 2 
HKL-2000 'data reduction'  .        ? 3 
HKL-2000 'data scaling'    .        ? 4 
SHELXS   phasing           .        ? 5 
# 
_cell.entry_id           2EJX 
_cell.length_a           54.887 
_cell.length_b           70.446 
_cell.length_c           35.230 
_cell.angle_alpha        90.00 
_cell.angle_beta         90.00 
_cell.angle_gamma        90.00 
_cell.Z_PDB              4 
_cell.pdbx_unique_axis   ? 
_cell.length_a_esd       ? 
_cell.length_b_esd       ? 
_cell.length_c_esd       ? 
_cell.angle_alpha_esd    ? 
_cell.angle_beta_esd     ? 
_cell.angle_gamma_esd    ? 
# 
_symmetry.entry_id                         2EJX 
_symmetry.space_group_name_H-M             'P 21 21 2' 
_symmetry.pdbx_full_space_group_name_H-M   ? 
_symmetry.cell_setting                     ? 
_symmetry.Int_Tables_number                18 
_symmetry.space_group_name_Hall            ? 
# 
_exptl.entry_id          2EJX 
_exptl.method            'X-RAY DIFFRACTION' 
_exptl.crystals_number   2 
# 
_exptl_crystal.id                    1 
_exptl_crystal.density_meas          ? 
_exptl_crystal.density_Matthews      2.13 
_exptl_crystal.density_percent_sol   42.14 
_exptl_crystal.description           ? 
_exptl_crystal.F_000                 ? 
_exptl_crystal.preparation           ? 
# 
_exptl_crystal_grow.crystal_id      1 
_exptl_crystal_grow.method          'VAPOR DIFFUSION, SITTING DROP' 
_exptl_crystal_grow.temp            293 
_exptl_crystal_grow.temp_details    ? 
_exptl_crystal_grow.pH              6.6 
_exptl_crystal_grow.pdbx_details    
'15% PEG4000, 20% isopropanol, 100mM MES, pH 6.6, VAPOR DIFFUSION, SITTING DROP, temperature 293K' 
_exptl_crystal_grow.pdbx_pH_range   . 
# 
loop_
_diffrn.id 
_diffrn.ambient_temp 
_diffrn.ambient_temp_details 
_diffrn.crystal_id 
1 100 ? 1 
2 100 ? 1 
# 
loop_
_diffrn_detector.diffrn_id 
_diffrn_detector.detector 
_diffrn_detector.type 
_diffrn_detector.pdbx_collection_date 
_diffrn_detector.details 
1 CCD 'ADSC QUANTUM 210' 2006-10-29 ? 
2 CCD 'ADSC QUANTUM 210' 2006-11-12 ? 
# 
loop_
_diffrn_radiation.diffrn_id 
_diffrn_radiation.wavelength_id 
_diffrn_radiation.pdbx_monochromatic_or_laue_m_l 
_diffrn_radiation.monochromator 
_diffrn_radiation.pdbx_diffrn_protocol 
_diffrn_radiation.pdbx_scattering_type 
1 1 M ? 'SINGLE WAVELENGTH' x-ray 
2 1 M ? 'SINGLE WAVELENGTH' x-ray 
# 
loop_
_diffrn_radiation_wavelength.id 
_diffrn_radiation_wavelength.wavelength 
_diffrn_radiation_wavelength.wt 
1 1.00000 1.0 
2 0.97924 1.0 
# 
loop_
_diffrn_source.diffrn_id 
_diffrn_source.source 
_diffrn_source.type 
_diffrn_source.pdbx_synchrotron_site 
_diffrn_source.pdbx_synchrotron_beamline 
_diffrn_source.pdbx_wavelength 
_diffrn_source.pdbx_wavelength_list 
1 SYNCHROTRON 'PHOTON FACTORY BEAMLINE AR-NW12A' 'Photon Factory' AR-NW12A ? 1.00000 
2 SYNCHROTRON 'PHOTON FACTORY BEAMLINE AR-NW12A' 'Photon Factory' AR-NW12A ? 0.97924 
# 
_reflns.entry_id                     2EJX 
_reflns.observed_criterion_sigma_F   ? 
_reflns.observed_criterion_sigma_I   ? 
_reflns.d_resolution_high            1.79 
_reflns.d_resolution_low             50.00 
_reflns.number_all                   ? 
_reflns.number_obs                   13524 
_reflns.percent_possible_obs         97.8 
_reflns.pdbx_Rmerge_I_obs            ? 
_reflns.pdbx_Rsym_value              0.072 
_reflns.pdbx_netI_over_sigmaI        43.9 
_reflns.B_iso_Wilson_estimate        ? 
_reflns.pdbx_redundancy              5.5 
_reflns.R_free_details               ? 
_reflns.limit_h_max                  ? 
_reflns.limit_h_min                  ? 
_reflns.limit_k_max                  ? 
_reflns.limit_k_min                  ? 
_reflns.limit_l_max                  ? 
_reflns.limit_l_min                  ? 
_reflns.observed_criterion_F_max     ? 
_reflns.observed_criterion_F_min     ? 
_reflns.pdbx_chi_squared             ? 
_reflns.pdbx_scaling_rejects         ? 
_reflns.pdbx_ordinal                 1 
_reflns.pdbx_diffrn_id               1,2 
# 
_reflns_shell.d_res_high             1.79 
_reflns_shell.d_res_low              1.85 
_reflns_shell.percent_possible_all   96.6 
_reflns_shell.Rmerge_I_obs           ? 
_reflns_shell.pdbx_Rsym_value        0.255 
_reflns_shell.meanI_over_sigI_obs    10.8 
_reflns_shell.pdbx_redundancy        6.0 
_reflns_shell.percent_possible_obs   ? 
_reflns_shell.number_unique_all      ? 
_reflns_shell.number_measured_all    ? 
_reflns_shell.number_measured_obs    ? 
_reflns_shell.number_unique_obs      ? 
_reflns_shell.pdbx_chi_squared       ? 
_reflns_shell.pdbx_ordinal           1 
_reflns_shell.pdbx_diffrn_id         1,2 
# 
_refine.entry_id                                 2EJX 
_refine.ls_number_reflns_obs                     12526 
_refine.ls_number_reflns_all                     ? 
_refine.pdbx_ls_sigma_I                          ? 
_refine.pdbx_ls_sigma_F                          ? 
_refine.pdbx_data_cutoff_high_absF               ? 
_refine.pdbx_data_cutoff_low_absF                ? 
_refine.pdbx_data_cutoff_high_rms_absF           ? 
_refine.ls_d_res_low                             20.00 
_refine.ls_d_res_high                            1.79 
_refine.ls_percent_reflns_obs                    97.74 
_refine.ls_R_factor_obs                          0.22246 
_refine.ls_R_factor_all                          ? 
_refine.ls_R_factor_R_work                       0.22035 
_refine.ls_R_factor_R_free                       0.26171 
_refine.ls_R_factor_R_free_error                 ? 
_refine.ls_R_factor_R_free_error_details         ? 
_refine.ls_percent_reflns_R_free                 4.9 
_refine.ls_number_reflns_R_free                  652 
_refine.ls_number_parameters                     ? 
_refine.ls_number_restraints                     ? 
_refine.occupancy_min                            ? 
_refine.occupancy_max                            ? 
_refine.correlation_coeff_Fo_to_Fc               0.944 
_refine.correlation_coeff_Fo_to_Fc_free          0.926 
_refine.B_iso_mean                               30.835 
_refine.aniso_B[1][1]                            0.14 
_refine.aniso_B[2][2]                            -0.08 
_refine.aniso_B[3][3]                            -0.06 
_refine.aniso_B[1][2]                            0.00 
_refine.aniso_B[1][3]                            0.00 
_refine.aniso_B[2][3]                            0.00 
_refine.solvent_model_details                    MASK 
_refine.solvent_model_param_ksol                 ? 
_refine.solvent_model_param_bsol                 ? 
_refine.pdbx_solvent_vdw_probe_radii             1.40 
_refine.pdbx_solvent_ion_probe_radii             0.80 
_refine.pdbx_solvent_shrinkage_radii             0.80 
_refine.pdbx_ls_cross_valid_method               THROUGHOUT 
_refine.details                                  'HYDROGENS HAVE BEEN ADDED IN THE RIDING POSITIONS' 
_refine.pdbx_starting_model                      ? 
_refine.pdbx_method_to_determine_struct          SAD 
_refine.pdbx_isotropic_thermal_model             ? 
_refine.pdbx_stereochemistry_target_values       'MAXIMUM LIKELIHOOD' 
_refine.pdbx_stereochem_target_val_spec_case     ? 
_refine.pdbx_R_Free_selection_details            RANDOM 
_refine.pdbx_overall_ESU_R                       0.158 
_refine.pdbx_overall_ESU_R_Free                  0.148 
_refine.overall_SU_ML                            0.114 
_refine.overall_SU_B                             3.604 
_refine.ls_redundancy_reflns_obs                 ? 
_refine.B_iso_min                                ? 
_refine.B_iso_max                                ? 
_refine.overall_SU_R_Cruickshank_DPI             ? 
_refine.overall_SU_R_free                        ? 
_refine.ls_wR_factor_R_free                      ? 
_refine.ls_wR_factor_R_work                      ? 
_refine.overall_FOM_free_R_set                   ? 
_refine.overall_FOM_work_R_set                   ? 
_refine.pdbx_overall_phase_error                 ? 
_refine.pdbx_refine_id                           'X-RAY DIFFRACTION' 
_refine.pdbx_diffrn_id                           1,2 
_refine.pdbx_TLS_residual_ADP_flag               ? 
_refine.pdbx_overall_SU_R_free_Cruickshank_DPI   ? 
_refine.pdbx_overall_SU_R_Blow_DPI               ? 
_refine.pdbx_overall_SU_R_free_Blow_DPI          ? 
# 
_refine_hist.pdbx_refine_id                   'X-RAY DIFFRACTION' 
_refine_hist.cycle_id                         LAST 
_refine_hist.pdbx_number_atoms_protein        1090 
_refine_hist.pdbx_number_atoms_nucleic_acid   0 
_refine_hist.pdbx_number_atoms_ligand         0 
_refine_hist.number_atoms_solvent             102 
_refine_hist.number_atoms_total               1192 
_refine_hist.d_res_high                       1.79 
_refine_hist.d_res_low                        20.00 
# 
loop_
_refine_ls_restr.type 
_refine_ls_restr.dev_ideal 
_refine_ls_restr.dev_ideal_target 
_refine_ls_restr.weight 
_refine_ls_restr.number 
_refine_ls_restr.pdbx_refine_id 
_refine_ls_restr.pdbx_restraint_function 
r_bond_refined_d         0.017  0.022  ? 1107 'X-RAY DIFFRACTION' ? 
r_angle_refined_deg      1.612  1.984  ? 1489 'X-RAY DIFFRACTION' ? 
r_dihedral_angle_1_deg   6.502  5.000  ? 133  'X-RAY DIFFRACTION' ? 
r_dihedral_angle_2_deg   35.578 24.423 ? 52   'X-RAY DIFFRACTION' ? 
r_dihedral_angle_3_deg   14.415 15.000 ? 219  'X-RAY DIFFRACTION' ? 
r_dihedral_angle_4_deg   20.168 15.000 ? 8    'X-RAY DIFFRACTION' ? 
r_chiral_restr           0.109  0.200  ? 169  'X-RAY DIFFRACTION' ? 
r_gen_planes_refined     0.007  0.020  ? 815  'X-RAY DIFFRACTION' ? 
r_nbd_refined            0.205  0.200  ? 511  'X-RAY DIFFRACTION' ? 
r_nbtor_refined          0.310  0.200  ? 778  'X-RAY DIFFRACTION' ? 
r_xyhbond_nbd_refined    0.161  0.200  ? 67   'X-RAY DIFFRACTION' ? 
r_symmetry_vdw_refined   0.237  0.200  ? 41   'X-RAY DIFFRACTION' ? 
r_symmetry_hbond_refined 0.118  0.200  ? 7    'X-RAY DIFFRACTION' ? 
r_mcbond_it              1.097  1.500  ? 689  'X-RAY DIFFRACTION' ? 
r_mcangle_it             1.762  2.000  ? 1092 'X-RAY DIFFRACTION' ? 
r_scbond_it              2.939  3.000  ? 463  'X-RAY DIFFRACTION' ? 
r_scangle_it             4.485  4.500  ? 397  'X-RAY DIFFRACTION' ? 
# 
_refine_ls_shell.pdbx_total_number_of_bins_used   20 
_refine_ls_shell.d_res_high                       1.788 
_refine_ls_shell.d_res_low                        1.834 
_refine_ls_shell.number_reflns_R_work             885 
_refine_ls_shell.R_factor_R_work                  0.266 
_refine_ls_shell.percent_reflns_obs               94.55 
_refine_ls_shell.R_factor_R_free                  0.361 
_refine_ls_shell.R_factor_R_free_error            ? 
_refine_ls_shell.percent_reflns_R_free            ? 
_refine_ls_shell.number_reflns_R_free             51 
_refine_ls_shell.number_reflns_all                ? 
_refine_ls_shell.R_factor_all                     ? 
_refine_ls_shell.number_reflns_obs                885 
_refine_ls_shell.redundancy_reflns_obs            ? 
_refine_ls_shell.pdbx_refine_id                   'X-RAY DIFFRACTION' 
# 
_struct.entry_id                  2EJX 
_struct.title                     'Crystal structure of the hypothetical protein STK_08120 from Sulfolobus tokodaii' 
_struct.pdbx_model_details        ? 
_struct.pdbx_CASP_flag            ? 
_struct.pdbx_model_type_details   ? 
# 
_struct_keywords.entry_id        2EJX 
_struct_keywords.pdbx_keywords   'STRUCTURAL GENOMICS, UNKNOWN FUNCTION' 
_struct_keywords.text            
'ARCAEA, STK_08120, STRUCTURAL GENOMICS, UNKNOWN FUNCTION, NPPSFA, National Project on Protein Structural and Functional Analyses' 
# 
loop_
_struct_asym.id 
_struct_asym.pdbx_blank_PDB_chainid_flag 
_struct_asym.pdbx_modified 
_struct_asym.entity_id 
_struct_asym.details 
A N N 1 ? 
B N N 2 ? 
# 
_struct_ref.id                         1 
_struct_ref.db_name                    UNP 
_struct_ref.db_code                    Q973T5_SULTO 
_struct_ref.pdbx_db_accession          Q973T5 
_struct_ref.entity_id                  1 
_struct_ref.pdbx_seq_one_letter_code   
;MMKVEKEIKTNQDIDVVMTIFSDPAFTIPQIFPGIASIKCIEPEIFEAEGKFLAFSYKVKGRVYKGVDEVRIIYDSDRGN
GILYIRKKDNNTLQIILEHDNKLTAFLGKPYVSSNLDRLAENIDEIIRLERIKRKI
;
_struct_ref.pdbx_align_begin           1 
_struct_ref.pdbx_db_isoform            ? 
# 
_struct_ref_seq.align_id                      1 
_struct_ref_seq.ref_id                        1 
_struct_ref_seq.pdbx_PDB_id_code              2EJX 
_struct_ref_seq.pdbx_strand_id                A 
_struct_ref_seq.seq_align_beg                 4 
_struct_ref_seq.pdbx_seq_align_beg_ins_code   ? 
_struct_ref_seq.seq_align_end                 139 
_struct_ref_seq.pdbx_seq_align_end_ins_code   ? 
_struct_ref_seq.pdbx_db_accession             Q973T5 
_struct_ref_seq.db_align_beg                  1 
_struct_ref_seq.pdbx_db_align_beg_ins_code    ? 
_struct_ref_seq.db_align_end                  136 
_struct_ref_seq.pdbx_db_align_end_ins_code    ? 
_struct_ref_seq.pdbx_auth_seq_align_beg       1 
_struct_ref_seq.pdbx_auth_seq_align_end       136 
# 
loop_
_struct_ref_seq_dif.align_id 
_struct_ref_seq_dif.pdbx_pdb_id_code 
_struct_ref_seq_dif.mon_id 
_struct_ref_seq_dif.pdbx_pdb_strand_id 
_struct_ref_seq_dif.seq_num 
_struct_ref_seq_dif.pdbx_pdb_ins_code 
_struct_ref_seq_dif.pdbx_seq_db_name 
_struct_ref_seq_dif.pdbx_seq_db_accession_code 
_struct_ref_seq_dif.db_mon_id 
_struct_ref_seq_dif.pdbx_seq_db_seq_num 
_struct_ref_seq_dif.details 
_struct_ref_seq_dif.pdbx_auth_seq_num 
_struct_ref_seq_dif.pdbx_ordinal 
1 2EJX GLY A 1 ? UNP Q973T5 ? ? 'expression tag' -2 1 
1 2EJX SER A 2 ? UNP Q973T5 ? ? 'expression tag' -1 2 
1 2EJX HIS A 3 ? UNP Q973T5 ? ? 'expression tag' 0  3 
# 
loop_
_pdbx_struct_assembly.id 
_pdbx_struct_assembly.details 
_pdbx_struct_assembly.method_details 
_pdbx_struct_assembly.oligomeric_details 
_pdbx_struct_assembly.oligomeric_count 
1 author_defined_assembly   ?    monomeric 1 
2 software_defined_assembly PISA dimeric   2 
# 
loop_
_pdbx_struct_assembly_prop.biol_id 
_pdbx_struct_assembly_prop.type 
_pdbx_struct_assembly_prop.value 
_pdbx_struct_assembly_prop.details 
2 'ABSA (A^2)' 1260  ? 
2 MORE         -6.4  ? 
2 'SSA (A^2)'  13380 ? 
# 
loop_
_pdbx_struct_assembly_gen.assembly_id 
_pdbx_struct_assembly_gen.oper_expression 
_pdbx_struct_assembly_gen.asym_id_list 
1 1   A,B 
2 1,2 A,B 
# 
loop_
_pdbx_struct_oper_list.id 
_pdbx_struct_oper_list.type 
_pdbx_struct_oper_list.name 
_pdbx_struct_oper_list.symmetry_operation 
_pdbx_struct_oper_list.matrix[1][1] 
_pdbx_struct_oper_list.matrix[1][2] 
_pdbx_struct_oper_list.matrix[1][3] 
_pdbx_struct_oper_list.vector[1] 
_pdbx_struct_oper_list.matrix[2][1] 
_pdbx_struct_oper_list.matrix[2][2] 
_pdbx_struct_oper_list.matrix[2][3] 
_pdbx_struct_oper_list.vector[2] 
_pdbx_struct_oper_list.matrix[3][1] 
_pdbx_struct_oper_list.matrix[3][2] 
_pdbx_struct_oper_list.matrix[3][3] 
_pdbx_struct_oper_list.vector[3] 
1 'identity operation'         1_555 x,y,z     1.0000000000 0.0000000000  0.0000000000 0.0000000000  0.0000000000  1.0000000000  0.0000000000  0.0000000000   0.0000000000 0.0000000000  1.0000000000  0.0000000000  
2 'crystal symmetry operation' 2_655 -x+1,-y,z 0.8035164428 -0.4676136145 0.3683732260 -4.4532985770 -0.4676136145 -0.8787576940 -0.0955113752 -23.1287118493 0.3683732260 -0.0955113752 -0.9247587488 -7.5567471819 
# 
_struct_biol.id        1 
_struct_biol.details   ? 
# 
loop_
_struct_conf.conf_type_id 
_struct_conf.id 
_struct_conf.pdbx_PDB_helix_id 
_struct_conf.beg_label_comp_id 
_struct_conf.beg_label_asym_id 
_struct_conf.beg_label_seq_id 
_struct_conf.pdbx_beg_PDB_ins_code 
_struct_conf.end_label_comp_id 
_struct_conf.end_label_asym_id 
_struct_conf.end_label_seq_id 
_struct_conf.pdbx_end_PDB_ins_code 
_struct_conf.beg_auth_comp_id 
_struct_conf.beg_auth_asym_id 
_struct_conf.beg_auth_seq_id 
_struct_conf.end_auth_comp_id 
_struct_conf.end_auth_asym_id 
_struct_conf.end_auth_seq_id 
_struct_conf.pdbx_PDB_helix_class 
_struct_conf.details 
_struct_conf.pdbx_PDB_helix_length 
HELX_P HELX_P1 1 ASP A 16  ? SER A 25  ? ASP A 13  SER A 22  1 ? 10 
HELX_P HELX_P2 2 ASP A 26  ? PHE A 35  ? ASP A 23  PHE A 32  1 ? 10 
HELX_P HELX_P3 3 ASN A 104 ? LYS A 138 ? ASN A 101 LYS A 135 1 ? 35 
# 
_struct_conf_type.id          HELX_P 
_struct_conf_type.criteria    ? 
_struct_conf_type.reference   ? 
# 
_struct_sheet.id               A 
_struct_sheet.type             ? 
_struct_sheet.number_strands   7 
_struct_sheet.details          ? 
# 
loop_
_struct_sheet_order.sheet_id 
_struct_sheet_order.range_id_1 
_struct_sheet_order.range_id_2 
_struct_sheet_order.offset 
_struct_sheet_order.sense 
A 1 2 ? anti-parallel 
A 2 3 ? anti-parallel 
A 3 4 ? anti-parallel 
A 4 5 ? anti-parallel 
A 5 6 ? anti-parallel 
A 6 7 ? anti-parallel 
# 
loop_
_struct_sheet_range.sheet_id 
_struct_sheet_range.id 
_struct_sheet_range.beg_label_comp_id 
_struct_sheet_range.beg_label_asym_id 
_struct_sheet_range.beg_label_seq_id 
_struct_sheet_range.pdbx_beg_PDB_ins_code 
_struct_sheet_range.end_label_comp_id 
_struct_sheet_range.end_label_asym_id 
_struct_sheet_range.end_label_seq_id 
_struct_sheet_range.pdbx_end_PDB_ins_code 
_struct_sheet_range.beg_auth_comp_id 
_struct_sheet_range.beg_auth_asym_id 
_struct_sheet_range.beg_auth_seq_id 
_struct_sheet_range.end_auth_comp_id 
_struct_sheet_range.end_auth_asym_id 
_struct_sheet_range.end_auth_seq_id 
A 1 VAL A 7  ? LYS A 12  ? VAL A 4  LYS A 9  
A 2 THR A 95 ? HIS A 102 ? THR A 92 HIS A 99 
A 3 GLY A 82 ? ASP A 92  ? GLY A 79 ASP A 89 
A 4 GLU A 72 ? SER A 79  ? GLU A 69 SER A 76 
A 5 PHE A 58 ? GLY A 69  ? PHE A 55 GLY A 66 
A 6 ILE A 48 ? PHE A 55  ? ILE A 45 PHE A 52 
A 7 ILE A 38 ? LYS A 42  ? ILE A 35 LYS A 39 
# 
loop_
_pdbx_struct_sheet_hbond.sheet_id 
_pdbx_struct_sheet_hbond.range_id_1 
_pdbx_struct_sheet_hbond.range_id_2 
_pdbx_struct_sheet_hbond.range_1_label_atom_id 
_pdbx_struct_sheet_hbond.range_1_label_comp_id 
_pdbx_struct_sheet_hbond.range_1_label_asym_id 
_pdbx_struct_sheet_hbond.range_1_label_seq_id 
_pdbx_struct_sheet_hbond.range_1_PDB_ins_code 
_pdbx_struct_sheet_hbond.range_1_auth_atom_id 
_pdbx_struct_sheet_hbond.range_1_auth_comp_id 
_pdbx_struct_sheet_hbond.range_1_auth_asym_id 
_pdbx_struct_sheet_hbond.range_1_auth_seq_id 
_pdbx_struct_sheet_hbond.range_2_label_atom_id 
_pdbx_struct_sheet_hbond.range_2_label_comp_id 
_pdbx_struct_sheet_hbond.range_2_label_asym_id 
_pdbx_struct_sheet_hbond.range_2_label_seq_id 
_pdbx_struct_sheet_hbond.range_2_PDB_ins_code 
_pdbx_struct_sheet_hbond.range_2_auth_atom_id 
_pdbx_struct_sheet_hbond.range_2_auth_comp_id 
_pdbx_struct_sheet_hbond.range_2_auth_asym_id 
_pdbx_struct_sheet_hbond.range_2_auth_seq_id 
A 1 2 N VAL A 7  ? N VAL A 4  O LEU A 100 ? O LEU A 97 
A 2 3 O ILE A 99 ? O ILE A 96 N TYR A 87  ? N TYR A 84 
A 3 4 O LEU A 86 ? O LEU A 83 N ILE A 75  ? N ILE A 72 
A 4 5 O ARG A 74 ? O ARG A 71 N TYR A 67  ? N TYR A 64 
A 5 6 O VAL A 62 ? O VAL A 59 N ALA A 51  ? N ALA A 48 
A 6 7 O GLU A 52 ? O GLU A 49 N ALA A 39  ? N ALA A 36 
# 
loop_
_pdbx_validate_torsion.id 
_pdbx_validate_torsion.PDB_model_num 
_pdbx_validate_torsion.auth_comp_id 
_pdbx_validate_torsion.auth_asym_id 
_pdbx_validate_torsion.auth_seq_id 
_pdbx_validate_torsion.PDB_ins_code 
_pdbx_validate_torsion.label_alt_id 
_pdbx_validate_torsion.phi 
_pdbx_validate_torsion.psi 
1 1 ILE A 41 ? ? -24.77 -98.04  
2 1 LEU A 53 ? ? 48.89  -135.89 
# 
_pdbx_SG_project.id                    1 
_pdbx_SG_project.project_name          'NPPSFA, National Project on Protein Structural and Functional Analyses' 
_pdbx_SG_project.full_name_of_center   ? 
_pdbx_SG_project.initial_of_center     ? 
# 
loop_
_pdbx_unobs_or_zero_occ_residues.id 
_pdbx_unobs_or_zero_occ_residues.PDB_model_num 
_pdbx_unobs_or_zero_occ_residues.polymer_flag 
_pdbx_unobs_or_zero_occ_residues.occupancy_flag 
_pdbx_unobs_or_zero_occ_residues.auth_asym_id 
_pdbx_unobs_or_zero_occ_residues.auth_comp_id 
_pdbx_unobs_or_zero_occ_residues.auth_seq_id 
_pdbx_unobs_or_zero_occ_residues.PDB_ins_code 
_pdbx_unobs_or_zero_occ_residues.label_asym_id 
_pdbx_unobs_or_zero_occ_residues.label_comp_id 
_pdbx_unobs_or_zero_occ_residues.label_seq_id 
1 1 Y 1 A GLY -2 ? A GLY 1 
2 1 Y 1 A SER -1 ? A SER 2 
3 1 Y 1 A HIS 0  ? A HIS 3 
4 1 Y 1 A MET 1  ? A MET 4 
5 1 Y 1 A MET 2  ? A MET 5 
# 
loop_
_chem_comp_atom.comp_id 
_chem_comp_atom.atom_id 
_chem_comp_atom.type_symbol 
_chem_comp_atom.pdbx_aromatic_flag 
_chem_comp_atom.pdbx_stereo_config 
_chem_comp_atom.pdbx_ordinal 
ALA N    N N N 1   
ALA CA   C N S 2   
ALA C    C N N 3   
ALA O    O N N 4   
ALA CB   C N N 5   
ALA OXT  O N N 6   
ALA H    H N N 7   
ALA H2   H N N 8   
ALA HA   H N N 9   
ALA HB1  H N N 10  
ALA HB2  H N N 11  
ALA HB3  H N N 12  
ALA HXT  H N N 13  
ARG N    N N N 14  
ARG CA   C N S 15  
ARG C    C N N 16  
ARG O    O N N 17  
ARG CB   C N N 18  
ARG CG   C N N 19  
ARG CD   C N N 20  
ARG NE   N N N 21  
ARG CZ   C N N 22  
ARG NH1  N N N 23  
ARG NH2  N N N 24  
ARG OXT  O N N 25  
ARG H    H N N 26  
ARG H2   H N N 27  
ARG HA   H N N 28  
ARG HB2  H N N 29  
ARG HB3  H N N 30  
ARG HG2  H N N 31  
ARG HG3  H N N 32  
ARG HD2  H N N 33  
ARG HD3  H N N 34  
ARG HE   H N N 35  
ARG HH11 H N N 36  
ARG HH12 H N N 37  
ARG HH21 H N N 38  
ARG HH22 H N N 39  
ARG HXT  H N N 40  
ASN N    N N N 41  
ASN CA   C N S 42  
ASN C    C N N 43  
ASN O    O N N 44  
ASN CB   C N N 45  
ASN CG   C N N 46  
ASN OD1  O N N 47  
ASN ND2  N N N 48  
ASN OXT  O N N 49  
ASN H    H N N 50  
ASN H2   H N N 51  
ASN HA   H N N 52  
ASN HB2  H N N 53  
ASN HB3  H N N 54  
ASN HD21 H N N 55  
ASN HD22 H N N 56  
ASN HXT  H N N 57  
ASP N    N N N 58  
ASP CA   C N S 59  
ASP C    C N N 60  
ASP O    O N N 61  
ASP CB   C N N 62  
ASP CG   C N N 63  
ASP OD1  O N N 64  
ASP OD2  O N N 65  
ASP OXT  O N N 66  
ASP H    H N N 67  
ASP H2   H N N 68  
ASP HA   H N N 69  
ASP HB2  H N N 70  
ASP HB3  H N N 71  
ASP HD2  H N N 72  
ASP HXT  H N N 73  
CYS N    N N N 74  
CYS CA   C N R 75  
CYS C    C N N 76  
CYS O    O N N 77  
CYS CB   C N N 78  
CYS SG   S N N 79  
CYS OXT  O N N 80  
CYS H    H N N 81  
CYS H2   H N N 82  
CYS HA   H N N 83  
CYS HB2  H N N 84  
CYS HB3  H N N 85  
CYS HG   H N N 86  
CYS HXT  H N N 87  
GLN N    N N N 88  
GLN CA   C N S 89  
GLN C    C N N 90  
GLN O    O N N 91  
GLN CB   C N N 92  
GLN CG   C N N 93  
GLN CD   C N N 94  
GLN OE1  O N N 95  
GLN NE2  N N N 96  
GLN OXT  O N N 97  
GLN H    H N N 98  
GLN H2   H N N 99  
GLN HA   H N N 100 
GLN HB2  H N N 101 
GLN HB3  H N N 102 
GLN HG2  H N N 103 
GLN HG3  H N N 104 
GLN HE21 H N N 105 
GLN HE22 H N N 106 
GLN HXT  H N N 107 
GLU N    N N N 108 
GLU CA   C N S 109 
GLU C    C N N 110 
GLU O    O N N 111 
GLU CB   C N N 112 
GLU CG   C N N 113 
GLU CD   C N N 114 
GLU OE1  O N N 115 
GLU OE2  O N N 116 
GLU OXT  O N N 117 
GLU H    H N N 118 
GLU H2   H N N 119 
GLU HA   H N N 120 
GLU HB2  H N N 121 
GLU HB3  H N N 122 
GLU HG2  H N N 123 
GLU HG3  H N N 124 
GLU HE2  H N N 125 
GLU HXT  H N N 126 
GLY N    N N N 127 
GLY CA   C N N 128 
GLY C    C N N 129 
GLY O    O N N 130 
GLY OXT  O N N 131 
GLY H    H N N 132 
GLY H2   H N N 133 
GLY HA2  H N N 134 
GLY HA3  H N N 135 
GLY HXT  H N N 136 
HIS N    N N N 137 
HIS CA   C N S 138 
HIS C    C N N 139 
HIS O    O N N 140 
HIS CB   C N N 141 
HIS CG   C Y N 142 
HIS ND1  N Y N 143 
HIS CD2  C Y N 144 
HIS CE1  C Y N 145 
HIS NE2  N Y N 146 
HIS OXT  O N N 147 
HIS H    H N N 148 
HIS H2   H N N 149 
HIS HA   H N N 150 
HIS HB2  H N N 151 
HIS HB3  H N N 152 
HIS HD1  H N N 153 
HIS HD2  H N N 154 
HIS HE1  H N N 155 
HIS HE2  H N N 156 
HIS HXT  H N N 157 
HOH O    O N N 158 
HOH H1   H N N 159 
HOH H2   H N N 160 
ILE N    N N N 161 
ILE CA   C N S 162 
ILE C    C N N 163 
ILE O    O N N 164 
ILE CB   C N S 165 
ILE CG1  C N N 166 
ILE CG2  C N N 167 
ILE CD1  C N N 168 
ILE OXT  O N N 169 
ILE H    H N N 170 
ILE H2   H N N 171 
ILE HA   H N N 172 
ILE HB   H N N 173 
ILE HG12 H N N 174 
ILE HG13 H N N 175 
ILE HG21 H N N 176 
ILE HG22 H N N 177 
ILE HG23 H N N 178 
ILE HD11 H N N 179 
ILE HD12 H N N 180 
ILE HD13 H N N 181 
ILE HXT  H N N 182 
LEU N    N N N 183 
LEU CA   C N S 184 
LEU C    C N N 185 
LEU O    O N N 186 
LEU CB   C N N 187 
LEU CG   C N N 188 
LEU CD1  C N N 189 
LEU CD2  C N N 190 
LEU OXT  O N N 191 
LEU H    H N N 192 
LEU H2   H N N 193 
LEU HA   H N N 194 
LEU HB2  H N N 195 
LEU HB3  H N N 196 
LEU HG   H N N 197 
LEU HD11 H N N 198 
LEU HD12 H N N 199 
LEU HD13 H N N 200 
LEU HD21 H N N 201 
LEU HD22 H N N 202 
LEU HD23 H N N 203 
LEU HXT  H N N 204 
LYS N    N N N 205 
LYS CA   C N S 206 
LYS C    C N N 207 
LYS O    O N N 208 
LYS CB   C N N 209 
LYS CG   C N N 210 
LYS CD   C N N 211 
LYS CE   C N N 212 
LYS NZ   N N N 213 
LYS OXT  O N N 214 
LYS H    H N N 215 
LYS H2   H N N 216 
LYS HA   H N N 217 
LYS HB2  H N N 218 
LYS HB3  H N N 219 
LYS HG2  H N N 220 
LYS HG3  H N N 221 
LYS HD2  H N N 222 
LYS HD3  H N N 223 
LYS HE2  H N N 224 
LYS HE3  H N N 225 
LYS HZ1  H N N 226 
LYS HZ2  H N N 227 
LYS HZ3  H N N 228 
LYS HXT  H N N 229 
MET N    N N N 230 
MET CA   C N S 231 
MET C    C N N 232 
MET O    O N N 233 
MET CB   C N N 234 
MET CG   C N N 235 
MET SD   S N N 236 
MET CE   C N N 237 
MET OXT  O N N 238 
MET H    H N N 239 
MET H2   H N N 240 
MET HA   H N N 241 
MET HB2  H N N 242 
MET HB3  H N N 243 
MET HG2  H N N 244 
MET HG3  H N N 245 
MET HE1  H N N 246 
MET HE2  H N N 247 
MET HE3  H N N 248 
MET HXT  H N N 249 
PHE N    N N N 250 
PHE CA   C N S 251 
PHE C    C N N 252 
PHE O    O N N 253 
PHE CB   C N N 254 
PHE CG   C Y N 255 
PHE CD1  C Y N 256 
PHE CD2  C Y N 257 
PHE CE1  C Y N 258 
PHE CE2  C Y N 259 
PHE CZ   C Y N 260 
PHE OXT  O N N 261 
PHE H    H N N 262 
PHE H2   H N N 263 
PHE HA   H N N 264 
PHE HB2  H N N 265 
PHE HB3  H N N 266 
PHE HD1  H N N 267 
PHE HD2  H N N 268 
PHE HE1  H N N 269 
PHE HE2  H N N 270 
PHE HZ   H N N 271 
PHE HXT  H N N 272 
PRO N    N N N 273 
PRO CA   C N S 274 
PRO C    C N N 275 
PRO O    O N N 276 
PRO CB   C N N 277 
PRO CG   C N N 278 
PRO CD   C N N 279 
PRO OXT  O N N 280 
PRO H    H N N 281 
PRO HA   H N N 282 
PRO HB2  H N N 283 
PRO HB3  H N N 284 
PRO HG2  H N N 285 
PRO HG3  H N N 286 
PRO HD2  H N N 287 
PRO HD3  H N N 288 
PRO HXT  H N N 289 
SER N    N N N 290 
SER CA   C N S 291 
SER C    C N N 292 
SER O    O N N 293 
SER CB   C N N 294 
SER OG   O N N 295 
SER OXT  O N N 296 
SER H    H N N 297 
SER H2   H N N 298 
SER HA   H N N 299 
SER HB2  H N N 300 
SER HB3  H N N 301 
SER HG   H N N 302 
SER HXT  H N N 303 
THR N    N N N 304 
THR CA   C N S 305 
THR C    C N N 306 
THR O    O N N 307 
THR CB   C N R 308 
THR OG1  O N N 309 
THR CG2  C N N 310 
THR OXT  O N N 311 
THR H    H N N 312 
THR H2   H N N 313 
THR HA   H N N 314 
THR HB   H N N 315 
THR HG1  H N N 316 
THR HG21 H N N 317 
THR HG22 H N N 318 
THR HG23 H N N 319 
THR HXT  H N N 320 
TYR N    N N N 321 
TYR CA   C N S 322 
TYR C    C N N 323 
TYR O    O N N 324 
TYR CB   C N N 325 
TYR CG   C Y N 326 
TYR CD1  C Y N 327 
TYR CD2  C Y N 328 
TYR CE1  C Y N 329 
TYR CE2  C Y N 330 
TYR CZ   C Y N 331 
TYR OH   O N N 332 
TYR OXT  O N N 333 
TYR H    H N N 334 
TYR H2   H N N 335 
TYR HA   H N N 336 
TYR HB2  H N N 337 
TYR HB3  H N N 338 
TYR HD1  H N N 339 
TYR HD2  H N N 340 
TYR HE1  H N N 341 
TYR HE2  H N N 342 
TYR HH   H N N 343 
TYR HXT  H N N 344 
VAL N    N N N 345 
VAL CA   C N S 346 
VAL C    C N N 347 
VAL O    O N N 348 
VAL CB   C N N 349 
VAL CG1  C N N 350 
VAL CG2  C N N 351 
VAL OXT  O N N 352 
VAL H    H N N 353 
VAL H2   H N N 354 
VAL HA   H N N 355 
VAL HB   H N N 356 
VAL HG11 H N N 357 
VAL HG12 H N N 358 
VAL HG13 H N N 359 
VAL HG21 H N N 360 
VAL HG22 H N N 361 
VAL HG23 H N N 362 
VAL HXT  H N N 363 
# 
loop_
_chem_comp_bond.comp_id 
_chem_comp_bond.atom_id_1 
_chem_comp_bond.atom_id_2 
_chem_comp_bond.value_order 
_chem_comp_bond.pdbx_aromatic_flag 
_chem_comp_bond.pdbx_stereo_config 
_chem_comp_bond.pdbx_ordinal 
ALA N   CA   sing N N 1   
ALA N   H    sing N N 2   
ALA N   H2   sing N N 3   
ALA CA  C    sing N N 4   
ALA CA  CB   sing N N 5   
ALA CA  HA   sing N N 6   
ALA C   O    doub N N 7   
ALA C   OXT  sing N N 8   
ALA CB  HB1  sing N N 9   
ALA CB  HB2  sing N N 10  
ALA CB  HB3  sing N N 11  
ALA OXT HXT  sing N N 12  
ARG N   CA   sing N N 13  
ARG N   H    sing N N 14  
ARG N   H2   sing N N 15  
ARG CA  C    sing N N 16  
ARG CA  CB   sing N N 17  
ARG CA  HA   sing N N 18  
ARG C   O    doub N N 19  
ARG C   OXT  sing N N 20  
ARG CB  CG   sing N N 21  
ARG CB  HB2  sing N N 22  
ARG CB  HB3  sing N N 23  
ARG CG  CD   sing N N 24  
ARG CG  HG2  sing N N 25  
ARG CG  HG3  sing N N 26  
ARG CD  NE   sing N N 27  
ARG CD  HD2  sing N N 28  
ARG CD  HD3  sing N N 29  
ARG NE  CZ   sing N N 30  
ARG NE  HE   sing N N 31  
ARG CZ  NH1  sing N N 32  
ARG CZ  NH2  doub N N 33  
ARG NH1 HH11 sing N N 34  
ARG NH1 HH12 sing N N 35  
ARG NH2 HH21 sing N N 36  
ARG NH2 HH22 sing N N 37  
ARG OXT HXT  sing N N 38  
ASN N   CA   sing N N 39  
ASN N   H    sing N N 40  
ASN N   H2   sing N N 41  
ASN CA  C    sing N N 42  
ASN CA  CB   sing N N 43  
ASN CA  HA   sing N N 44  
ASN C   O    doub N N 45  
ASN C   OXT  sing N N 46  
ASN CB  CG   sing N N 47  
ASN CB  HB2  sing N N 48  
ASN CB  HB3  sing N N 49  
ASN CG  OD1  doub N N 50  
ASN CG  ND2  sing N N 51  
ASN ND2 HD21 sing N N 52  
ASN ND2 HD22 sing N N 53  
ASN OXT HXT  sing N N 54  
ASP N   CA   sing N N 55  
ASP N   H    sing N N 56  
ASP N   H2   sing N N 57  
ASP CA  C    sing N N 58  
ASP CA  CB   sing N N 59  
ASP CA  HA   sing N N 60  
ASP C   O    doub N N 61  
ASP C   OXT  sing N N 62  
ASP CB  CG   sing N N 63  
ASP CB  HB2  sing N N 64  
ASP CB  HB3  sing N N 65  
ASP CG  OD1  doub N N 66  
ASP CG  OD2  sing N N 67  
ASP OD2 HD2  sing N N 68  
ASP OXT HXT  sing N N 69  
CYS N   CA   sing N N 70  
CYS N   H    sing N N 71  
CYS N   H2   sing N N 72  
CYS CA  C    sing N N 73  
CYS CA  CB   sing N N 74  
CYS CA  HA   sing N N 75  
CYS C   O    doub N N 76  
CYS C   OXT  sing N N 77  
CYS CB  SG   sing N N 78  
CYS CB  HB2  sing N N 79  
CYS CB  HB3  sing N N 80  
CYS SG  HG   sing N N 81  
CYS OXT HXT  sing N N 82  
GLN N   CA   sing N N 83  
GLN N   H    sing N N 84  
GLN N   H2   sing N N 85  
GLN CA  C    sing N N 86  
GLN CA  CB   sing N N 87  
GLN CA  HA   sing N N 88  
GLN C   O    doub N N 89  
GLN C   OXT  sing N N 90  
GLN CB  CG   sing N N 91  
GLN CB  HB2  sing N N 92  
GLN CB  HB3  sing N N 93  
GLN CG  CD   sing N N 94  
GLN CG  HG2  sing N N 95  
GLN CG  HG3  sing N N 96  
GLN CD  OE1  doub N N 97  
GLN CD  NE2  sing N N 98  
GLN NE2 HE21 sing N N 99  
GLN NE2 HE22 sing N N 100 
GLN OXT HXT  sing N N 101 
GLU N   CA   sing N N 102 
GLU N   H    sing N N 103 
GLU N   H2   sing N N 104 
GLU CA  C    sing N N 105 
GLU CA  CB   sing N N 106 
GLU CA  HA   sing N N 107 
GLU C   O    doub N N 108 
GLU C   OXT  sing N N 109 
GLU CB  CG   sing N N 110 
GLU CB  HB2  sing N N 111 
GLU CB  HB3  sing N N 112 
GLU CG  CD   sing N N 113 
GLU CG  HG2  sing N N 114 
GLU CG  HG3  sing N N 115 
GLU CD  OE1  doub N N 116 
GLU CD  OE2  sing N N 117 
GLU OE2 HE2  sing N N 118 
GLU OXT HXT  sing N N 119 
GLY N   CA   sing N N 120 
GLY N   H    sing N N 121 
GLY N   H2   sing N N 122 
GLY CA  C    sing N N 123 
GLY CA  HA2  sing N N 124 
GLY CA  HA3  sing N N 125 
GLY C   O    doub N N 126 
GLY C   OXT  sing N N 127 
GLY OXT HXT  sing N N 128 
HIS N   CA   sing N N 129 
HIS N   H    sing N N 130 
HIS N   H2   sing N N 131 
HIS CA  C    sing N N 132 
HIS CA  CB   sing N N 133 
HIS CA  HA   sing N N 134 
HIS C   O    doub N N 135 
HIS C   OXT  sing N N 136 
HIS CB  CG   sing N N 137 
HIS CB  HB2  sing N N 138 
HIS CB  HB3  sing N N 139 
HIS CG  ND1  sing Y N 140 
HIS CG  CD2  doub Y N 141 
HIS ND1 CE1  doub Y N 142 
HIS ND1 HD1  sing N N 143 
HIS CD2 NE2  sing Y N 144 
HIS CD2 HD2  sing N N 145 
HIS CE1 NE2  sing Y N 146 
HIS CE1 HE1  sing N N 147 
HIS NE2 HE2  sing N N 148 
HIS OXT HXT  sing N N 149 
HOH O   H1   sing N N 150 
HOH O   H2   sing N N 151 
ILE N   CA   sing N N 152 
ILE N   H    sing N N 153 
ILE N   H2   sing N N 154 
ILE CA  C    sing N N 155 
ILE CA  CB   sing N N 156 
ILE CA  HA   sing N N 157 
ILE C   O    doub N N 158 
ILE C   OXT  sing N N 159 
ILE CB  CG1  sing N N 160 
ILE CB  CG2  sing N N 161 
ILE CB  HB   sing N N 162 
ILE CG1 CD1  sing N N 163 
ILE CG1 HG12 sing N N 164 
ILE CG1 HG13 sing N N 165 
ILE CG2 HG21 sing N N 166 
ILE CG2 HG22 sing N N 167 
ILE CG2 HG23 sing N N 168 
ILE CD1 HD11 sing N N 169 
ILE CD1 HD12 sing N N 170 
ILE CD1 HD13 sing N N 171 
ILE OXT HXT  sing N N 172 
LEU N   CA   sing N N 173 
LEU N   H    sing N N 174 
LEU N   H2   sing N N 175 
LEU CA  C    sing N N 176 
LEU CA  CB   sing N N 177 
LEU CA  HA   sing N N 178 
LEU C   O    doub N N 179 
LEU C   OXT  sing N N 180 
LEU CB  CG   sing N N 181 
LEU CB  HB2  sing N N 182 
LEU CB  HB3  sing N N 183 
LEU CG  CD1  sing N N 184 
LEU CG  CD2  sing N N 185 
LEU CG  HG   sing N N 186 
LEU CD1 HD11 sing N N 187 
LEU CD1 HD12 sing N N 188 
LEU CD1 HD13 sing N N 189 
LEU CD2 HD21 sing N N 190 
LEU CD2 HD22 sing N N 191 
LEU CD2 HD23 sing N N 192 
LEU OXT HXT  sing N N 193 
LYS N   CA   sing N N 194 
LYS N   H    sing N N 195 
LYS N   H2   sing N N 196 
LYS CA  C    sing N N 197 
LYS CA  CB   sing N N 198 
LYS CA  HA   sing N N 199 
LYS C   O    doub N N 200 
LYS C   OXT  sing N N 201 
LYS CB  CG   sing N N 202 
LYS CB  HB2  sing N N 203 
LYS CB  HB3  sing N N 204 
LYS CG  CD   sing N N 205 
LYS CG  HG2  sing N N 206 
LYS CG  HG3  sing N N 207 
LYS CD  CE   sing N N 208 
LYS CD  HD2  sing N N 209 
LYS CD  HD3  sing N N 210 
LYS CE  NZ   sing N N 211 
LYS CE  HE2  sing N N 212 
LYS CE  HE3  sing N N 213 
LYS NZ  HZ1  sing N N 214 
LYS NZ  HZ2  sing N N 215 
LYS NZ  HZ3  sing N N 216 
LYS OXT HXT  sing N N 217 
MET N   CA   sing N N 218 
MET N   H    sing N N 219 
MET N   H2   sing N N 220 
MET CA  C    sing N N 221 
MET CA  CB   sing N N 222 
MET CA  HA   sing N N 223 
MET C   O    doub N N 224 
MET C   OXT  sing N N 225 
MET CB  CG   sing N N 226 
MET CB  HB2  sing N N 227 
MET CB  HB3  sing N N 228 
MET CG  SD   sing N N 229 
MET CG  HG2  sing N N 230 
MET CG  HG3  sing N N 231 
MET SD  CE   sing N N 232 
MET CE  HE1  sing N N 233 
MET CE  HE2  sing N N 234 
MET CE  HE3  sing N N 235 
MET OXT HXT  sing N N 236 
PHE N   CA   sing N N 237 
PHE N   H    sing N N 238 
PHE N   H2   sing N N 239 
PHE CA  C    sing N N 240 
PHE CA  CB   sing N N 241 
PHE CA  HA   sing N N 242 
PHE C   O    doub N N 243 
PHE C   OXT  sing N N 244 
PHE CB  CG   sing N N 245 
PHE CB  HB2  sing N N 246 
PHE CB  HB3  sing N N 247 
PHE CG  CD1  doub Y N 248 
PHE CG  CD2  sing Y N 249 
PHE CD1 CE1  sing Y N 250 
PHE CD1 HD1  sing N N 251 
PHE CD2 CE2  doub Y N 252 
PHE CD2 HD2  sing N N 253 
PHE CE1 CZ   doub Y N 254 
PHE CE1 HE1  sing N N 255 
PHE CE2 CZ   sing Y N 256 
PHE CE2 HE2  sing N N 257 
PHE CZ  HZ   sing N N 258 
PHE OXT HXT  sing N N 259 
PRO N   CA   sing N N 260 
PRO N   CD   sing N N 261 
PRO N   H    sing N N 262 
PRO CA  C    sing N N 263 
PRO CA  CB   sing N N 264 
PRO CA  HA   sing N N 265 
PRO C   O    doub N N 266 
PRO C   OXT  sing N N 267 
PRO CB  CG   sing N N 268 
PRO CB  HB2  sing N N 269 
PRO CB  HB3  sing N N 270 
PRO CG  CD   sing N N 271 
PRO CG  HG2  sing N N 272 
PRO CG  HG3  sing N N 273 
PRO CD  HD2  sing N N 274 
PRO CD  HD3  sing N N 275 
PRO OXT HXT  sing N N 276 
SER N   CA   sing N N 277 
SER N   H    sing N N 278 
SER N   H2   sing N N 279 
SER CA  C    sing N N 280 
SER CA  CB   sing N N 281 
SER CA  HA   sing N N 282 
SER C   O    doub N N 283 
SER C   OXT  sing N N 284 
SER CB  OG   sing N N 285 
SER CB  HB2  sing N N 286 
SER CB  HB3  sing N N 287 
SER OG  HG   sing N N 288 
SER OXT HXT  sing N N 289 
THR N   CA   sing N N 290 
THR N   H    sing N N 291 
THR N   H2   sing N N 292 
THR CA  C    sing N N 293 
THR CA  CB   sing N N 294 
THR CA  HA   sing N N 295 
THR C   O    doub N N 296 
THR C   OXT  sing N N 297 
THR CB  OG1  sing N N 298 
THR CB  CG2  sing N N 299 
THR CB  HB   sing N N 300 
THR OG1 HG1  sing N N 301 
THR CG2 HG21 sing N N 302 
THR CG2 HG22 sing N N 303 
THR CG2 HG23 sing N N 304 
THR OXT HXT  sing N N 305 
TYR N   CA   sing N N 306 
TYR N   H    sing N N 307 
TYR N   H2   sing N N 308 
TYR CA  C    sing N N 309 
TYR CA  CB   sing N N 310 
TYR CA  HA   sing N N 311 
TYR C   O    doub N N 312 
TYR C   OXT  sing N N 313 
TYR CB  CG   sing N N 314 
TYR CB  HB2  sing N N 315 
TYR CB  HB3  sing N N 316 
TYR CG  CD1  doub Y N 317 
TYR CG  CD2  sing Y N 318 
TYR CD1 CE1  sing Y N 319 
TYR CD1 HD1  sing N N 320 
TYR CD2 CE2  doub Y N 321 
TYR CD2 HD2  sing N N 322 
TYR CE1 CZ   doub Y N 323 
TYR CE1 HE1  sing N N 324 
TYR CE2 CZ   sing Y N 325 
TYR CE2 HE2  sing N N 326 
TYR CZ  OH   sing N N 327 
TYR OH  HH   sing N N 328 
TYR OXT HXT  sing N N 329 
VAL N   CA   sing N N 330 
VAL N   H    sing N N 331 
VAL N   H2   sing N N 332 
VAL CA  C    sing N N 333 
VAL CA  CB   sing N N 334 
VAL CA  HA   sing N N 335 
VAL C   O    doub N N 336 
VAL C   OXT  sing N N 337 
VAL CB  CG1  sing N N 338 
VAL CB  CG2  sing N N 339 
VAL CB  HB   sing N N 340 
VAL CG1 HG11 sing N N 341 
VAL CG1 HG12 sing N N 342 
VAL CG1 HG13 sing N N 343 
VAL CG2 HG21 sing N N 344 
VAL CG2 HG22 sing N N 345 
VAL CG2 HG23 sing N N 346 
VAL OXT HXT  sing N N 347 
# 
_atom_sites.entry_id                    2EJX 
_atom_sites.fract_transf_matrix[1][1]   -0.00258598 
_atom_sites.fract_transf_matrix[1][2]   -0.01620643 
_atom_sites.fract_transf_matrix[1][3]   -0.00791178 
_atom_sites.fract_transf_matrix[2][1]   0.00396687 
_atom_sites.fract_transf_matrix[2][2]   0.00546290 
_atom_sites.fract_transf_matrix[2][3]   -0.01248674 
_atom_sites.fract_transf_matrix[3][1]   0.02695467 
_atom_sites.fract_transf_matrix[3][2]   -0.00698877 
_atom_sites.fract_transf_matrix[3][3]   0.00550557 
_atom_sites.fract_transf_vector[1]      0.276924 
_atom_sites.fract_transf_vector[2]      0.024828 
_atom_sites.fract_transf_vector[3]      0.431751 
# 
loop_
_atom_type.symbol 
C 
N 
O 
S 
# 
loop_
_atom_site.group_PDB 
_atom_site.id 
_atom_site.type_symbol 
_atom_site.label_atom_id 
_atom_site.label_alt_id 
_atom_site.label_comp_id 
_atom_site.label_asym_id 
_atom_site.label_entity_id 
_atom_site.label_seq_id 
_atom_site.pdbx_PDB_ins_code 
_atom_site.Cartn_x 
_atom_site.Cartn_y 
_atom_site.Cartn_z 
_atom_site.occupancy 
_atom_site.B_iso_or_equiv 
_atom_site.pdbx_formal_charge 
_atom_site.auth_seq_id 
_atom_site.auth_comp_id 
_atom_site.auth_asym_id 
_atom_site.auth_atom_id 
_atom_site.pdbx_PDB_model_num 
ATOM   1    N N   . LYS A 1 6   ? 5.492   13.597  -2.814  1.00 40.35 ? 3   LYS A N   1 
ATOM   2    C CA  . LYS A 1 6   ? 4.555   12.527  -2.359  1.00 38.86 ? 3   LYS A CA  1 
ATOM   3    C C   . LYS A 1 6   ? 3.429   12.340  -3.364  1.00 37.68 ? 3   LYS A C   1 
ATOM   4    O O   . LYS A 1 6   ? 3.052   13.301  -4.058  1.00 38.02 ? 3   LYS A O   1 
ATOM   5    C CB  . LYS A 1 6   ? 3.996   12.853  -0.975  1.00 39.63 ? 3   LYS A CB  1 
ATOM   6    C CG  . LYS A 1 6   ? 3.347   14.232  -0.800  1.00 41.02 ? 3   LYS A CG  1 
ATOM   7    C CD  . LYS A 1 6   ? 3.067   14.506  0.670   1.00 41.25 ? 3   LYS A CD  1 
ATOM   8    C CE  . LYS A 1 6   ? 1.844   15.399  0.867   1.00 44.96 ? 3   LYS A CE  1 
ATOM   9    N NZ  . LYS A 1 6   ? 2.140   16.872  0.813   1.00 48.46 ? 3   LYS A NZ  1 
ATOM   10   N N   . VAL A 1 7   ? 2.912   11.108  -3.446  1.00 34.10 ? 4   VAL A N   1 
ATOM   11   C CA  . VAL A 1 7   ? 1.786   10.745  -4.319  1.00 32.96 ? 4   VAL A CA  1 
ATOM   12   C C   . VAL A 1 7   ? 0.687   10.385  -3.332  1.00 31.48 ? 4   VAL A C   1 
ATOM   13   O O   . VAL A 1 7   ? 0.965   9.711   -2.341  1.00 31.19 ? 4   VAL A O   1 
ATOM   14   C CB  . VAL A 1 7   ? 2.110   9.494   -5.196  1.00 32.92 ? 4   VAL A CB  1 
ATOM   15   C CG1 . VAL A 1 7   ? 0.925   9.137   -6.124  1.00 33.18 ? 4   VAL A CG1 1 
ATOM   16   C CG2 . VAL A 1 7   ? 3.356   9.741   -6.033  1.00 34.85 ? 4   VAL A CG2 1 
ATOM   17   N N   . GLU A 1 8   ? -0.536  10.862  -3.560  1.00 30.00 ? 5   GLU A N   1 
ATOM   18   C CA  . GLU A 1 8   ? -1.614  10.477  -2.652  1.00 29.39 ? 5   GLU A CA  1 
ATOM   19   C C   . GLU A 1 8   ? -2.953  10.278  -3.323  1.00 26.67 ? 5   GLU A C   1 
ATOM   20   O O   . GLU A 1 8   ? -3.128  10.614  -4.485  1.00 26.74 ? 5   GLU A O   1 
ATOM   21   C CB  . GLU A 1 8   ? -1.748  11.479  -1.515  1.00 30.21 ? 5   GLU A CB  1 
ATOM   22   C CG  . GLU A 1 8   ? -2.024  12.871  -1.909  1.00 35.38 ? 5   GLU A CG  1 
ATOM   23   C CD  . GLU A 1 8   ? -1.794  13.792  -0.729  1.00 40.58 ? 5   GLU A CD  1 
ATOM   24   O OE1 . GLU A 1 8   ? -2.423  13.576  0.340   1.00 42.79 ? 5   GLU A OE1 1 
ATOM   25   O OE2 . GLU A 1 8   ? -0.964  14.716  -0.863  1.00 45.45 ? 5   GLU A OE2 1 
ATOM   26   N N   . LYS A 1 9   ? -3.906  9.765   -2.552  1.00 25.09 ? 6   LYS A N   1 
ATOM   27   C CA  . LYS A 1 9   ? -5.203  9.403   -3.086  1.00 22.54 ? 6   LYS A CA  1 
ATOM   28   C C   . LYS A 1 9   ? -6.162  9.298   -1.926  1.00 22.33 ? 6   LYS A C   1 
ATOM   29   O O   . LYS A 1 9   ? -5.864  8.641   -0.944  1.00 22.08 ? 6   LYS A O   1 
ATOM   30   C CB  . LYS A 1 9   ? -5.109  8.031   -3.820  1.00 24.14 ? 6   LYS A CB  1 
ATOM   31   C CG  . LYS A 1 9   ? -6.454  7.610   -4.511  1.00 22.90 ? 6   LYS A CG  1 
ATOM   32   C CD  . LYS A 1 9   ? -6.569  8.335   -5.866  1.00 24.79 ? 6   LYS A CD  1 
ATOM   33   C CE  . LYS A 1 9   ? -7.952  8.164   -6.489  1.00 26.37 ? 6   LYS A CE  1 
ATOM   34   N NZ  . LYS A 1 9   ? -7.965  9.009   -7.734  1.00 28.32 ? 6   LYS A NZ  1 
ATOM   35   N N   . GLU A 1 10  ? -7.343  9.910   -2.067  1.00 21.77 ? 7   GLU A N   1 
ATOM   36   C CA  . GLU A 1 10  ? -8.413  9.769   -1.120  1.00 21.52 ? 7   GLU A CA  1 
ATOM   37   C C   . GLU A 1 10  ? -9.233  8.610   -1.600  1.00 22.56 ? 7   GLU A C   1 
ATOM   38   O O   . GLU A 1 10  ? -9.432  8.473   -2.813  1.00 23.42 ? 7   GLU A O   1 
ATOM   39   C CB  . GLU A 1 10  ? -9.286  11.037  -1.140  1.00 22.51 ? 7   GLU A CB  1 
ATOM   40   C CG  . GLU A 1 10  ? -10.488 10.937  -0.254  1.00 24.04 ? 7   GLU A CG  1 
ATOM   41   C CD  . GLU A 1 10  ? -11.237 12.242  -0.148  1.00 29.93 ? 7   GLU A CD  1 
ATOM   42   O OE1 . GLU A 1 10  ? -12.166 12.439  -0.938  1.00 31.04 ? 7   GLU A OE1 1 
ATOM   43   O OE2 . GLU A 1 10  ? -10.873 13.068  0.719   1.00 31.26 ? 7   GLU A OE2 1 
ATOM   44   N N   . ILE A 1 11  ? -9.653  7.756   -0.662  1.00 21.84 ? 8   ILE A N   1 
ATOM   45   C CA  . ILE A 1 11  ? -10.538 6.645   -0.967  1.00 22.42 ? 8   ILE A CA  1 
ATOM   46   C C   . ILE A 1 11  ? -11.763 6.752   -0.095  1.00 23.29 ? 8   ILE A C   1 
ATOM   47   O O   . ILE A 1 11  ? -11.658 6.883   1.139   1.00 23.36 ? 8   ILE A O   1 
ATOM   48   C CB  . ILE A 1 11  ? -9.828  5.303   -0.708  1.00 22.08 ? 8   ILE A CB  1 
ATOM   49   C CG1 . ILE A 1 11  ? -8.596  5.184   -1.625  1.00 24.42 ? 8   ILE A CG1 1 
ATOM   50   C CG2 . ILE A 1 11  ? -10.828 4.067   -0.890  1.00 23.48 ? 8   ILE A CG2 1 
ATOM   51   C CD1 . ILE A 1 11  ? -7.965  3.807   -1.684  1.00 25.80 ? 8   ILE A CD1 1 
ATOM   52   N N   . LYS A 1 12  ? -12.927 6.622   -0.738  1.00 23.89 ? 9   LYS A N   1 
ATOM   53   C CA  . LYS A 1 12  ? -14.220 6.585   -0.087  1.00 25.04 ? 9   LYS A CA  1 
ATOM   54   C C   . LYS A 1 12  ? -14.703 5.136   0.000   1.00 25.13 ? 9   LYS A C   1 
ATOM   55   O O   . LYS A 1 12  ? -14.604 4.388   -0.979  1.00 24.46 ? 9   LYS A O   1 
ATOM   56   C CB  . LYS A 1 12  ? -15.215 7.423   -0.896  1.00 25.60 ? 9   LYS A CB  1 
ATOM   57   C CG  . LYS A 1 12  ? -14.849 8.921   -0.939  1.00 28.68 ? 9   LYS A CG  1 
ATOM   58   C CD  . LYS A 1 12  ? -15.588 9.616   0.234   1.00 31.58 ? 9   LYS A CD  1 
ATOM   59   C CE  . LYS A 1 12  ? -15.182 11.058  0.438   1.00 33.09 ? 9   LYS A CE  1 
ATOM   60   N NZ  . LYS A 1 12  ? -15.654 11.534  1.803   1.00 32.06 ? 9   LYS A NZ  1 
ATOM   61   N N   . THR A 1 13  ? -15.230 4.746   1.155   1.00 25.64 ? 10  THR A N   1 
ATOM   62   C CA  . THR A 1 13  ? -15.683 3.370   1.356   1.00 26.78 ? 10  THR A CA  1 
ATOM   63   C C   . THR A 1 13  ? -16.960 3.292   2.183   1.00 26.06 ? 10  THR A C   1 
ATOM   64   O O   . THR A 1 13  ? -17.171 4.077   3.101   1.00 26.40 ? 10  THR A O   1 
ATOM   65   C CB  . THR A 1 13  ? -14.568 2.491   2.029   1.00 27.03 ? 10  THR A CB  1 
ATOM   66   O OG1 . THR A 1 13  ? -15.043 1.158   2.276   1.00 28.20 ? 10  THR A OG1 1 
ATOM   67   C CG2 . THR A 1 13  ? -14.143 3.080   3.370   1.00 29.20 ? 10  THR A CG2 1 
ATOM   68   N N   . ASN A 1 14  ? -17.839 2.369   1.798   1.00 27.79 ? 11  ASN A N   1 
ATOM   69   C CA  . ASN A 1 14  ? -18.979 1.969   2.603   1.00 27.62 ? 11  ASN A CA  1 
ATOM   70   C C   . ASN A 1 14  ? -18.719 0.722   3.431   1.00 27.51 ? 11  ASN A C   1 
ATOM   71   O O   . ASN A 1 14  ? -19.637 0.188   4.076   1.00 27.17 ? 11  ASN A O   1 
ATOM   72   C CB  . ASN A 1 14  ? -20.155 1.676   1.678   1.00 29.27 ? 11  ASN A CB  1 
ATOM   73   C CG  . ASN A 1 14  ? -20.791 2.922   1.130   1.00 32.62 ? 11  ASN A CG  1 
ATOM   74   O OD1 . ASN A 1 14  ? -20.676 4.006   1.709   1.00 38.80 ? 11  ASN A OD1 1 
ATOM   75   N ND2 . ASN A 1 14  ? -21.537 2.760   0.043   1.00 37.50 ? 11  ASN A ND2 1 
ATOM   76   N N   . GLN A 1 15  ? -17.493 0.197   3.386   1.00 26.90 ? 12  GLN A N   1 
ATOM   77   C CA  . GLN A 1 15  ? -17.162 -0.968  4.191   1.00 27.83 ? 12  GLN A CA  1 
ATOM   78   C C   . GLN A 1 15  ? -16.819 -0.468  5.593   1.00 28.57 ? 12  GLN A C   1 
ATOM   79   O O   . GLN A 1 15  ? -16.569 0.737   5.765   1.00 30.34 ? 12  GLN A O   1 
ATOM   80   C CB  . GLN A 1 15  ? -15.970 -1.742  3.575   1.00 27.57 ? 12  GLN A CB  1 
ATOM   81   C CG  . GLN A 1 15  ? -16.286 -2.662  2.422   1.00 30.40 ? 12  GLN A CG  1 
ATOM   82   C CD  . GLN A 1 15  ? -16.786 -4.003  2.903   1.00 34.58 ? 12  GLN A CD  1 
ATOM   83   O OE1 . GLN A 1 15  ? -16.734 -4.299  4.086   1.00 37.34 ? 12  GLN A OE1 1 
ATOM   84   N NE2 . GLN A 1 15  ? -17.291 -4.808  1.990   1.00 38.94 ? 12  GLN A NE2 1 
ATOM   85   N N   . ASP A 1 16  ? -16.821 -1.347  6.588   1.00 27.78 ? 13  ASP A N   1 
ATOM   86   C CA  . ASP A 1 16  ? -16.487 -0.932  7.947   1.00 29.79 ? 13  ASP A CA  1 
ATOM   87   C C   . ASP A 1 16  ? -15.067 -0.394  7.902   1.00 28.82 ? 13  ASP A C   1 
ATOM   88   O O   . ASP A 1 16  ? -14.131 -1.125  7.572   1.00 26.62 ? 13  ASP A O   1 
ATOM   89   C CB  . ASP A 1 16  ? -16.581 -2.096  8.941   1.00 30.57 ? 13  ASP A CB  1 
ATOM   90   C CG  . ASP A 1 16  ? -16.168 -1.704  10.357  1.00 35.31 ? 13  ASP A CG  1 
ATOM   91   O OD1 . ASP A 1 16  ? -14.997 -1.354  10.594  1.00 34.59 ? 13  ASP A OD1 1 
ATOM   92   O OD2 . ASP A 1 16  ? -17.021 -1.756  11.267  1.00 40.00 ? 13  ASP A OD2 1 
ATOM   93   N N   . ILE A 1 17  ? -14.923 0.871   8.249   1.00 28.59 ? 14  ILE A N   1 
ATOM   94   C CA  . ILE A 1 17  ? -13.644 1.556   8.082   1.00 29.53 ? 14  ILE A CA  1 
ATOM   95   C C   . ILE A 1 17  ? -12.515 0.936   8.889   1.00 28.81 ? 14  ILE A C   1 
ATOM   96   O O   . ILE A 1 17  ? -11.374 1.018   8.493   1.00 28.22 ? 14  ILE A O   1 
ATOM   97   C CB  . ILE A 1 17  ? -13.748 3.087   8.409   1.00 30.79 ? 14  ILE A CB  1 
ATOM   98   C CG1 . ILE A 1 17  ? -12.462 3.812   7.973   1.00 32.26 ? 14  ILE A CG1 1 
ATOM   99   C CG2 . ILE A 1 17  ? -14.078 3.327   9.929   1.00 32.76 ? 14  ILE A CG2 1 
ATOM   100  C CD1 . ILE A 1 17  ? -12.330 4.062   6.459   1.00 30.61 ? 14  ILE A CD1 1 
ATOM   101  N N   . ASP A 1 18  ? -12.830 0.334   10.024  1.00 28.16 ? 15  ASP A N   1 
ATOM   102  C CA  . ASP A 1 18  ? -11.807 -0.193  10.861  1.00 27.56 ? 15  ASP A CA  1 
ATOM   103  C C   . ASP A 1 18  ? -11.316 -1.508  10.299  1.00 25.81 ? 15  ASP A C   1 
ATOM   104  O O   . ASP A 1 18  ? -10.121 -1.792  10.299  1.00 26.07 ? 15  ASP A O   1 
ATOM   105  C CB  . ASP A 1 18  ? -12.291 -0.250  12.325  1.00 28.08 ? 15  ASP A CB  1 
ATOM   106  C CG  . ASP A 1 18  ? -12.521 1.159   12.891  1.00 32.91 ? 15  ASP A CG  1 
ATOM   107  O OD1 . ASP A 1 18  ? -11.662 2.055   12.673  1.00 34.48 ? 15  ASP A OD1 1 
ATOM   108  O OD2 . ASP A 1 18  ? -13.581 1.392   13.498  1.00 32.31 ? 15  ASP A OD2 1 
ATOM   109  N N   . VAL A 1 19  ? -12.221 -2.256  9.693   1.00 23.30 ? 16  VAL A N   1 
ATOM   110  C CA  . VAL A 1 19  ? -11.815 -3.445  8.931   1.00 21.74 ? 16  VAL A CA  1 
ATOM   111  C C   . VAL A 1 19  ? -10.916 -3.080  7.764   1.00 20.95 ? 16  VAL A C   1 
ATOM   112  O O   . VAL A 1 19  ? -9.906  -3.741  7.542   1.00 20.66 ? 16  VAL A O   1 
ATOM   113  C CB  . VAL A 1 19  ? -13.079 -4.263  8.489   1.00 22.14 ? 16  VAL A CB  1 
ATOM   114  C CG1 . VAL A 1 19  ? -12.687 -5.400  7.511   1.00 24.48 ? 16  VAL A CG1 1 
ATOM   115  C CG2 . VAL A 1 19  ? -13.732 -4.871  9.761   1.00 24.65 ? 16  VAL A CG2 1 
ATOM   116  N N   . VAL A 1 20  ? -11.286 -2.046  7.027   1.00 19.97 ? 17  VAL A N   1 
ATOM   117  C CA  . VAL A 1 20  ? -10.494 -1.615  5.895   1.00 21.10 ? 17  VAL A CA  1 
ATOM   118  C C   . VAL A 1 20  ? -9.074  -1.205  6.298   1.00 21.34 ? 17  VAL A C   1 
ATOM   119  O O   . VAL A 1 20  ? -8.089  -1.582  5.651   1.00 20.68 ? 17  VAL A O   1 
ATOM   120  C CB  . VAL A 1 20  ? -11.205 -0.488  5.152   1.00 20.33 ? 17  VAL A CB  1 
ATOM   121  C CG1 . VAL A 1 20  ? -10.339 0.046   4.017   1.00 23.17 ? 17  VAL A CG1 1 
ATOM   122  C CG2 . VAL A 1 20  ? -12.633 -1.008  4.581   1.00 20.03 ? 17  VAL A CG2 1 
ATOM   123  N N   . MET A 1 21  ? -8.999  -0.374  7.329   1.00 22.75 ? 18  MET A N   1 
ATOM   124  C CA  . MET A 1 21  ? -7.702  0.032   7.901   1.00 23.89 ? 18  MET A CA  1 
ATOM   125  C C   . MET A 1 21  ? -6.865  -1.185  8.325   1.00 25.27 ? 18  MET A C   1 
ATOM   126  O O   . MET A 1 21  ? -5.642  -1.234  8.093   1.00 25.61 ? 18  MET A O   1 
ATOM   127  C CB  . MET A 1 21  ? -7.923  0.975   9.088   1.00 24.64 ? 18  MET A CB  1 
ATOM   128  C CG  . MET A 1 21  ? -8.474  2.360   8.749   1.00 25.32 ? 18  MET A CG  1 
ATOM   129  S SD  . MET A 1 21  ? -7.324  3.313   7.693   1.00 26.95 ? 18  MET A SD  1 
ATOM   130  C CE  . MET A 1 21  ? -6.011  3.631   8.835   1.00 26.79 ? 18  MET A CE  1 
ATOM   131  N N   . THR A 1 22  ? -7.488  -2.140  9.002   1.00 24.55 ? 19  THR A N   1 
ATOM   132  C CA  . THR A 1 22  ? -6.804  -3.372  9.386   1.00 25.32 ? 19  THR A CA  1 
ATOM   133  C C   . THR A 1 22  ? -6.223  -4.145  8.198   1.00 24.46 ? 19  THR A C   1 
ATOM   134  O O   . THR A 1 22  ? -5.092  -4.622  8.267   1.00 24.84 ? 19  THR A O   1 
ATOM   135  C CB  . THR A 1 22  ? -7.712  -4.301  10.263  1.00 24.62 ? 19  THR A CB  1 
ATOM   136  O OG1 . THR A 1 22  ? -8.116  -3.589  11.426  1.00 26.47 ? 19  THR A OG1 1 
ATOM   137  C CG2 . THR A 1 22  ? -6.952  -5.541  10.719  1.00 26.39 ? 19  THR A CG2 1 
ATOM   138  N N   . ILE A 1 23  ? -6.995  -4.283  7.110   1.00 23.16 ? 20  ILE A N   1 
ATOM   139  C CA  . ILE A 1 23  ? -6.506  -4.908  5.901   1.00 22.91 ? 20  ILE A CA  1 
ATOM   140  C C   . ILE A 1 23  ? -5.309  -4.122  5.311   1.00 23.13 ? 20  ILE A C   1 
ATOM   141  O O   . ILE A 1 23  ? -4.327  -4.721  4.910   1.00 23.43 ? 20  ILE A O   1 
ATOM   142  C CB  . ILE A 1 23  ? -7.680  -5.194  4.886   1.00 21.41 ? 20  ILE A CB  1 
ATOM   143  C CG1 . ILE A 1 23  ? -8.621  -6.228  5.512   1.00 21.06 ? 20  ILE A CG1 1 
ATOM   144  C CG2 . ILE A 1 23  ? -7.204  -5.623  3.470   1.00 21.33 ? 20  ILE A CG2 1 
ATOM   145  C CD1 . ILE A 1 23  ? -9.979  -6.381  4.726   1.00 22.66 ? 20  ILE A CD1 1 
ATOM   146  N N   . PHE A 1 24  ? -5.376  -2.815  5.315   1.00 23.59 ? 21  PHE A N   1 
ATOM   147  C CA  . PHE A 1 24  ? -4.271  -2.001  4.801   1.00 24.92 ? 21  PHE A CA  1 
ATOM   148  C C   . PHE A 1 24  ? -2.995  -2.174  5.651   1.00 25.36 ? 21  PHE A C   1 
ATOM   149  O O   . PHE A 1 24  ? -1.881  -2.025  5.119   1.00 26.24 ? 21  PHE A O   1 
ATOM   150  C CB  . PHE A 1 24  ? -4.690  -0.521  4.698   1.00 25.08 ? 21  PHE A CB  1 
ATOM   151  C CG  . PHE A 1 24  ? -5.262  -0.159  3.361   1.00 25.79 ? 21  PHE A CG  1 
ATOM   152  C CD1 . PHE A 1 24  ? -4.434  -0.111  2.238   1.00 25.57 ? 21  PHE A CD1 1 
ATOM   153  C CD2 . PHE A 1 24  ? -6.639  0.122   3.211   1.00 25.35 ? 21  PHE A CD2 1 
ATOM   154  C CE1 . PHE A 1 24  ? -4.946  0.210   0.977   1.00 26.91 ? 21  PHE A CE1 1 
ATOM   155  C CE2 . PHE A 1 24  ? -7.144  0.472   1.967   1.00 23.44 ? 21  PHE A CE2 1 
ATOM   156  C CZ  . PHE A 1 24  ? -6.311  0.503   0.853   1.00 23.74 ? 21  PHE A CZ  1 
ATOM   157  N N   . SER A 1 25  ? -3.159  -2.567  6.928   1.00 25.19 ? 22  SER A N   1 
ATOM   158  C CA  . SER A 1 25  ? -1.990  -2.839  7.837   1.00 24.74 ? 22  SER A CA  1 
ATOM   159  C C   . SER A 1 25  ? -1.309  -4.167  7.536   1.00 26.09 ? 22  SER A C   1 
ATOM   160  O O   . SER A 1 25  ? -0.246  -4.472  8.077   1.00 25.22 ? 22  SER A O   1 
ATOM   161  C CB  . SER A 1 25  ? -2.422  -2.821  9.305   1.00 25.69 ? 22  SER A CB  1 
ATOM   162  O OG  . SER A 1 25  ? -3.062  -4.034  9.691   1.00 25.84 ? 22  SER A OG  1 
ATOM   163  N N   . ASP A 1 26  ? -1.936  -5.010  6.714   1.00 24.90 ? 23  ASP A N   1 
ATOM   164  C CA  . ASP A 1 26  ? -1.276  -6.211  6.197   1.00 26.80 ? 23  ASP A CA  1 
ATOM   165  C C   . ASP A 1 26  ? -0.451  -5.915  4.939   1.00 27.32 ? 23  ASP A C   1 
ATOM   166  O O   . ASP A 1 26  ? -0.993  -5.628  3.861   1.00 25.87 ? 23  ASP A O   1 
ATOM   167  C CB  . ASP A 1 26  ? -2.331  -7.289  5.886   1.00 25.97 ? 23  ASP A CB  1 
ATOM   168  C CG  . ASP A 1 26  ? -1.727  -8.602  5.376   1.00 30.77 ? 23  ASP A CG  1 
ATOM   169  O OD1 . ASP A 1 26  ? -0.472  -8.726  5.293   1.00 26.23 ? 23  ASP A OD1 1 
ATOM   170  O OD2 . ASP A 1 26  ? -2.522  -9.525  5.054   1.00 29.44 ? 23  ASP A OD2 1 
ATOM   171  N N   . PRO A 1 27  ? 0.887   -6.029  5.044   1.00 27.02 ? 24  PRO A N   1 
ATOM   172  C CA  . PRO A 1 27  ? 1.650   -5.654  3.861   1.00 26.79 ? 24  PRO A CA  1 
ATOM   173  C C   . PRO A 1 27  ? 1.443   -6.590  2.682   1.00 25.85 ? 24  PRO A C   1 
ATOM   174  O O   . PRO A 1 27  ? 1.671   -6.192  1.547   1.00 26.28 ? 24  PRO A O   1 
ATOM   175  C CB  . PRO A 1 27  ? 3.133   -5.697  4.370   1.00 27.58 ? 24  PRO A CB  1 
ATOM   176  C CG  . PRO A 1 27  ? 3.126   -6.610  5.482   1.00 28.89 ? 24  PRO A CG  1 
ATOM   177  C CD  . PRO A 1 27  ? 1.771   -6.450  6.152   1.00 28.52 ? 24  PRO A CD  1 
ATOM   178  N N   . ALA A 1 28  ? 0.978   -7.816  2.929   1.00 24.72 ? 25  ALA A N   1 
ATOM   179  C CA  . ALA A 1 28  ? 0.684   -8.755  1.852   1.00 25.78 ? 25  ALA A CA  1 
ATOM   180  C C   . ALA A 1 28  ? -0.486  -8.247  1.011   1.00 25.16 ? 25  ALA A C   1 
ATOM   181  O O   . ALA A 1 28  ? -0.664  -8.643  -0.128  1.00 25.85 ? 25  ALA A O   1 
ATOM   182  C CB  . ALA A 1 28  ? 0.337   -10.104 2.434   1.00 26.05 ? 25  ALA A CB  1 
ATOM   183  N N   . PHE A 1 29  ? -1.293  -7.381  1.600   1.00 24.79 ? 26  PHE A N   1 
ATOM   184  C CA  . PHE A 1 29  ? -2.349  -6.710  0.837   1.00 24.85 ? 26  PHE A CA  1 
ATOM   185  C C   . PHE A 1 29  ? -1.809  -5.480  0.139   1.00 24.23 ? 26  PHE A C   1 
ATOM   186  O O   . PHE A 1 29  ? -1.772  -5.390  -1.125  1.00 26.04 ? 26  PHE A O   1 
ATOM   187  C CB  . PHE A 1 29  ? -3.544  -6.323  1.749   1.00 24.40 ? 26  PHE A CB  1 
ATOM   188  C CG  . PHE A 1 29  ? -4.608  -5.511  1.038   1.00 23.56 ? 26  PHE A CG  1 
ATOM   189  C CD1 . PHE A 1 29  ? -5.522  -6.147  0.150   1.00 26.77 ? 26  PHE A CD1 1 
ATOM   190  C CD2 . PHE A 1 29  ? -4.705  -4.142  1.216   1.00 25.15 ? 26  PHE A CD2 1 
ATOM   191  C CE1 . PHE A 1 29  ? -6.499  -5.405  -0.550  1.00 25.02 ? 26  PHE A CE1 1 
ATOM   192  C CE2 . PHE A 1 29  ? -5.692  -3.363  0.519   1.00 23.63 ? 26  PHE A CE2 1 
ATOM   193  C CZ  . PHE A 1 29  ? -6.613  -3.999  -0.356  1.00 24.22 ? 26  PHE A CZ  1 
ATOM   194  N N   . THR A 1 30  ? -1.296  -4.575  0.976   1.00 25.23 ? 27  THR A N   1 
ATOM   195  C CA  . THR A 1 30  ? -1.032  -3.182  0.606   1.00 24.13 ? 27  THR A CA  1 
ATOM   196  C C   . THR A 1 30  ? 0.095   -3.045  -0.423  1.00 24.07 ? 27  THR A C   1 
ATOM   197  O O   . THR A 1 30  ? -0.029  -2.256  -1.359  1.00 23.62 ? 27  THR A O   1 
ATOM   198  C CB  . THR A 1 30  ? -0.751  -2.363  1.862   1.00 25.23 ? 27  THR A CB  1 
ATOM   199  O OG1 . THR A 1 30  ? -1.912  -2.404  2.712   1.00 23.66 ? 27  THR A OG1 1 
ATOM   200  C CG2 . THR A 1 30  ? -0.414  -0.904  1.530   1.00 23.76 ? 27  THR A CG2 1 
ATOM   201  N N   . ILE A 1 31  ? 1.183   -3.797  -0.259  1.00 24.67 ? 28  ILE A N   1 
ATOM   202  C CA  . ILE A 1 31  ? 2.348   -3.632  -1.133  1.00 24.69 ? 28  ILE A CA  1 
ATOM   203  C C   . ILE A 1 31  ? 2.071   -4.082  -2.579  1.00 25.32 ? 28  ILE A C   1 
ATOM   204  O O   . ILE A 1 31  ? 2.336   -3.323  -3.498  1.00 25.25 ? 28  ILE A O   1 
ATOM   205  C CB  . ILE A 1 31  ? 3.668   -4.271  -0.506  1.00 24.25 ? 28  ILE A CB  1 
ATOM   206  C CG1 . ILE A 1 31  ? 3.954   -3.673  0.875   1.00 26.69 ? 28  ILE A CG1 1 
ATOM   207  C CG2 . ILE A 1 31  ? 4.857   -4.106  -1.396  1.00 22.48 ? 28  ILE A CG2 1 
ATOM   208  C CD1 . ILE A 1 31  ? 4.208   -2.217  0.889   1.00 27.02 ? 28  ILE A CD1 1 
ATOM   209  N N   . PRO A 1 32  ? 1.534   -5.315  -2.801  1.00 25.65 ? 29  PRO A N   1 
ATOM   210  C CA  . PRO A 1 32  ? 1.195   -5.688  -4.175  1.00 26.26 ? 29  PRO A CA  1 
ATOM   211  C C   . PRO A 1 32  ? 0.125   -4.785  -4.806  1.00 25.80 ? 29  PRO A C   1 
ATOM   212  O O   . PRO A 1 32  ? 0.151   -4.542  -6.017  1.00 26.45 ? 29  PRO A O   1 
ATOM   213  C CB  . PRO A 1 32  ? 0.678   -7.125  -4.023  1.00 27.74 ? 29  PRO A CB  1 
ATOM   214  C CG  . PRO A 1 32  ? 1.338   -7.592  -2.717  1.00 26.58 ? 29  PRO A CG  1 
ATOM   215  C CD  . PRO A 1 32  ? 1.260   -6.420  -1.865  1.00 25.30 ? 29  PRO A CD  1 
ATOM   216  N N   . GLN A 1 33  ? -0.763  -4.249  -3.989  1.00 25.71 ? 30  GLN A N   1 
ATOM   217  C CA  . GLN A 1 33  ? -1.830  -3.351  -4.503  1.00 25.18 ? 30  GLN A CA  1 
ATOM   218  C C   . GLN A 1 33  ? -1.327  -2.007  -4.995  1.00 26.33 ? 30  GLN A C   1 
ATOM   219  O O   . GLN A 1 33  ? -1.933  -1.441  -5.918  1.00 25.64 ? 30  GLN A O   1 
ATOM   220  C CB  . GLN A 1 33  ? -2.935  -3.112  -3.474  1.00 25.64 ? 30  GLN A CB  1 
ATOM   221  C CG  . GLN A 1 33  ? -3.862  -4.293  -3.203  1.00 27.25 ? 30  GLN A CG  1 
ATOM   222  C CD  . GLN A 1 33  ? -4.857  -4.588  -4.324  1.00 28.28 ? 30  GLN A CD  1 
ATOM   223  O OE1 . GLN A 1 33  ? -5.577  -5.616  -4.301  1.00 33.66 ? 30  GLN A OE1 1 
ATOM   224  N NE2 . GLN A 1 33  ? -4.910  -3.717  -5.294  1.00 23.44 ? 30  GLN A NE2 1 
ATOM   225  N N   . ILE A 1 34  ? -0.252  -1.502  -4.358  1.00 24.61 ? 31  ILE A N   1 
ATOM   226  C CA  . ILE A 1 34  ? 0.200   -0.106  -4.578  1.00 25.34 ? 31  ILE A CA  1 
ATOM   227  C C   . ILE A 1 34  ? 1.529   0.027   -5.306  1.00 24.25 ? 31  ILE A C   1 
ATOM   228  O O   . ILE A 1 34  ? 1.672   0.844   -6.224  1.00 23.51 ? 31  ILE A O   1 
ATOM   229  C CB  . ILE A 1 34  ? 0.198   0.702   -3.233  1.00 26.24 ? 31  ILE A CB  1 
ATOM   230  C CG1 . ILE A 1 34  ? -1.253  0.894   -2.726  1.00 24.11 ? 31  ILE A CG1 1 
ATOM   231  C CG2 . ILE A 1 34  ? 0.819   2.119   -3.418  1.00 25.70 ? 31  ILE A CG2 1 
ATOM   232  C CD1 . ILE A 1 34  ? -1.321  1.197   -1.269  1.00 24.26 ? 31  ILE A CD1 1 
ATOM   233  N N   . PHE A 1 35  ? 2.507   -0.809  -4.937  1.00 25.83 ? 32  PHE A N   1 
ATOM   234  C CA  . PHE A 1 35  ? 3.838   -0.683  -5.508  1.00 26.13 ? 32  PHE A CA  1 
ATOM   235  C C   . PHE A 1 35  ? 3.840   -1.113  -6.981  1.00 26.62 ? 32  PHE A C   1 
ATOM   236  O O   . PHE A 1 35  ? 2.991   -1.915  -7.368  1.00 26.57 ? 32  PHE A O   1 
ATOM   237  C CB  . PHE A 1 35  ? 4.868   -1.448  -4.669  1.00 25.70 ? 32  PHE A CB  1 
ATOM   238  C CG  . PHE A 1 35  ? 5.429   -0.632  -3.533  1.00 28.55 ? 32  PHE A CG  1 
ATOM   239  C CD1 . PHE A 1 35  ? 4.579   -0.008  -2.622  1.00 30.19 ? 32  PHE A CD1 1 
ATOM   240  C CD2 . PHE A 1 35  ? 6.797   -0.435  -3.414  1.00 32.10 ? 32  PHE A CD2 1 
ATOM   241  C CE1 . PHE A 1 35  ? 5.077   0.771   -1.575  1.00 30.17 ? 32  PHE A CE1 1 
ATOM   242  C CE2 . PHE A 1 35  ? 7.315   0.366   -2.369  1.00 32.52 ? 32  PHE A CE2 1 
ATOM   243  C CZ  . PHE A 1 35  ? 6.454   0.946   -1.445  1.00 28.76 ? 32  PHE A CZ  1 
ATOM   244  N N   . PRO A 1 36  ? 4.753   -0.545  -7.816  1.00 26.70 ? 33  PRO A N   1 
ATOM   245  C CA  . PRO A 1 36  ? 4.759   -0.941  -9.236  1.00 26.81 ? 33  PRO A CA  1 
ATOM   246  C C   . PRO A 1 36  ? 5.189   -2.381  -9.496  1.00 26.71 ? 33  PRO A C   1 
ATOM   247  O O   . PRO A 1 36  ? 6.318   -2.750  -9.167  1.00 28.32 ? 33  PRO A O   1 
ATOM   248  C CB  . PRO A 1 36  ? 5.768   0.017   -9.901  1.00 26.84 ? 33  PRO A CB  1 
ATOM   249  C CG  . PRO A 1 36  ? 6.165   1.006   -8.867  1.00 27.56 ? 33  PRO A CG  1 
ATOM   250  C CD  . PRO A 1 36  ? 5.774   0.493   -7.509  1.00 26.89 ? 33  PRO A CD  1 
ATOM   251  N N   . GLY A 1 37  ? 4.303   -3.169  -10.096 1.00 26.28 ? 34  GLY A N   1 
ATOM   252  C CA  . GLY A 1 37  ? 4.679   -4.459  -10.707 1.00 26.81 ? 34  GLY A CA  1 
ATOM   253  C C   . GLY A 1 37  ? 5.286   -5.464  -9.735  1.00 26.18 ? 34  GLY A C   1 
ATOM   254  O O   . GLY A 1 37  ? 6.245   -6.151  -10.078 1.00 25.63 ? 34  GLY A O   1 
ATOM   255  N N   . ILE A 1 38  ? 4.702   -5.561  -8.538  1.00 26.17 ? 35  ILE A N   1 
ATOM   256  C CA  . ILE A 1 38  ? 5.139   -6.545  -7.527  1.00 27.20 ? 35  ILE A CA  1 
ATOM   257  C C   . ILE A 1 38  ? 4.930   -7.986  -8.015  1.00 27.94 ? 35  ILE A C   1 
ATOM   258  O O   . ILE A 1 38  ? 3.825   -8.357  -8.411  1.00 28.22 ? 35  ILE A O   1 
ATOM   259  C CB  . ILE A 1 38  ? 4.434   -6.308  -6.148  1.00 26.64 ? 35  ILE A CB  1 
ATOM   260  C CG1 . ILE A 1 38  ? 4.828   -4.953  -5.556  1.00 26.25 ? 35  ILE A CG1 1 
ATOM   261  C CG2 . ILE A 1 38  ? 4.703   -7.464  -5.143  1.00 28.81 ? 35  ILE A CG2 1 
ATOM   262  C CD1 . ILE A 1 38  ? 6.268   -4.942  -4.992  1.00 25.06 ? 35  ILE A CD1 1 
ATOM   263  N N   . ALA A 1 39  ? 5.996   -8.782  -8.015  1.00 29.90 ? 36  ALA A N   1 
ATOM   264  C CA  . ALA A 1 39  ? 5.914   -10.171 -8.494  1.00 31.61 ? 36  ALA A CA  1 
ATOM   265  C C   . ALA A 1 39  ? 6.253   -11.229 -7.414  1.00 32.85 ? 36  ALA A C   1 
ATOM   266  O O   . ALA A 1 39  ? 6.034   -12.437 -7.627  1.00 34.29 ? 36  ALA A O   1 
ATOM   267  C CB  . ALA A 1 39  ? 6.800   -10.383 -9.738  1.00 31.13 ? 36  ALA A CB  1 
ATOM   268  N N   . SER A 1 40  ? 6.798   -10.764 -6.298  1.00 32.18 ? 37  SER A N   1 
ATOM   269  C CA  . SER A 1 40  ? 7.105   -11.588 -5.126  1.00 33.34 ? 37  SER A CA  1 
ATOM   270  C C   . SER A 1 40  ? 6.800   -10.824 -3.841  1.00 33.27 ? 37  SER A C   1 
ATOM   271  O O   . SER A 1 40  ? 6.986   -9.619  -3.777  1.00 32.68 ? 37  SER A O   1 
ATOM   272  C CB  . SER A 1 40  ? 8.563   -12.024 -5.169  1.00 33.02 ? 37  SER A CB  1 
ATOM   273  O OG  . SER A 1 40  ? 8.740   -12.820 -6.333  1.00 37.16 ? 37  SER A OG  1 
ATOM   274  N N   . ILE A 1 41  ? 6.304   -11.517 -2.814  1.00 33.41 ? 38  ILE A N   1 
ATOM   275  C CA  . ILE A 1 41  ? 6.108   -10.904 -1.505  1.00 35.10 ? 38  ILE A CA  1 
ATOM   276  C C   . ILE A 1 41  ? 6.248   -12.009 -0.453  1.00 36.38 ? 38  ILE A C   1 
ATOM   277  O O   . ILE A 1 41  ? 5.763   -13.108 -0.666  1.00 36.27 ? 38  ILE A O   1 
ATOM   278  C CB  . ILE A 1 41  ? 4.748   -10.145 -1.394  1.00 34.81 ? 38  ILE A CB  1 
ATOM   279  C CG1 . ILE A 1 41  ? 4.541   -9.530  -0.002  1.00 37.02 ? 38  ILE A CG1 1 
ATOM   280  C CG2 . ILE A 1 41  ? 3.592   -11.025 -1.785  1.00 34.23 ? 38  ILE A CG2 1 
ATOM   281  C CD1 . ILE A 1 41  ? 4.488   -7.992  0.022   1.00 31.67 ? 38  ILE A CD1 1 
ATOM   282  N N   . LYS A 1 42  ? 6.971   -11.703 0.620   1.00 38.23 ? 39  LYS A N   1 
ATOM   283  C CA  . LYS A 1 42  ? 7.195   -12.611 1.738   1.00 40.34 ? 39  LYS A CA  1 
ATOM   284  C C   . LYS A 1 42  ? 6.696   -11.920 2.985   1.00 41.84 ? 39  LYS A C   1 
ATOM   285  O O   . LYS A 1 42  ? 7.160   -10.826 3.317   1.00 41.41 ? 39  LYS A O   1 
ATOM   286  C CB  . LYS A 1 42  ? 8.670   -12.960 1.885   1.00 40.19 ? 39  LYS A CB  1 
ATOM   287  C CG  . LYS A 1 42  ? 8.909   -14.235 2.673   1.00 42.66 ? 39  LYS A CG  1 
ATOM   288  C CD  . LYS A 1 42  ? 10.356  -14.486 3.009   1.00 47.19 ? 39  LYS A CD  1 
ATOM   289  C CE  . LYS A 1 42  ? 10.727  -13.784 4.320   1.00 49.71 ? 39  LYS A CE  1 
ATOM   290  N NZ  . LYS A 1 42  ? 11.714  -14.577 5.158   1.00 51.83 ? 39  LYS A NZ  1 
ATOM   291  N N   . CYS A 1 43  ? 5.745   -12.552 3.670   1.00 43.82 ? 40  CYS A N   1 
ATOM   292  C CA  . CYS A 1 43  ? 5.080   -11.963 4.844   1.00 46.65 ? 40  CYS A CA  1 
ATOM   293  C C   . CYS A 1 43  ? 4.948   -12.923 6.027   1.00 48.15 ? 40  CYS A C   1 
ATOM   294  O O   . CYS A 1 43  ? 3.877   -13.087 6.634   1.00 48.61 ? 40  CYS A O   1 
ATOM   295  C CB  . CYS A 1 43  ? 3.714   -11.419 4.458   1.00 47.14 ? 40  CYS A CB  1 
ATOM   296  S SG  . CYS A 1 43  ? 3.896   -9.977  3.481   1.00 51.68 ? 40  CYS A SG  1 
ATOM   297  N N   . ILE A 1 44  ? 6.063   -13.588 6.261   1.00 49.41 ? 41  ILE A N   1 
ATOM   298  C CA  . ILE A 1 44  ? 6.455   -14.276 7.482   1.00 51.30 ? 41  ILE A CA  1 
ATOM   299  C C   . ILE A 1 44  ? 5.802   -13.772 8.798   1.00 51.73 ? 41  ILE A C   1 
ATOM   300  O O   . ILE A 1 44  ? 4.677   -14.171 9.130   1.00 51.99 ? 41  ILE A O   1 
ATOM   301  C CB  . ILE A 1 44  ? 7.989   -14.148 7.547   1.00 51.32 ? 41  ILE A CB  1 
ATOM   302  C CG1 . ILE A 1 44  ? 8.404   -12.711 7.145   1.00 51.60 ? 41  ILE A CG1 1 
ATOM   303  C CG2 . ILE A 1 44  ? 8.620   -15.112 6.516   1.00 51.78 ? 41  ILE A CG2 1 
ATOM   304  C CD1 . ILE A 1 44  ? 9.812   -12.271 7.630   1.00 50.76 ? 41  ILE A CD1 1 
ATOM   305  N N   . GLU A 1 45  ? 6.532   -12.923 9.536   1.00 51.76 ? 42  GLU A N   1 
ATOM   306  C CA  . GLU A 1 45  ? 6.059   -12.225 10.729  1.00 52.08 ? 42  GLU A CA  1 
ATOM   307  C C   . GLU A 1 45  ? 5.078   -11.141 10.249  1.00 51.42 ? 42  GLU A C   1 
ATOM   308  O O   . GLU A 1 45  ? 5.303   -10.550 9.181   1.00 51.46 ? 42  GLU A O   1 
ATOM   309  C CB  . GLU A 1 45  ? 7.279   -11.596 11.395  1.00 52.46 ? 42  GLU A CB  1 
ATOM   310  C CG  . GLU A 1 45  ? 7.294   -11.489 12.916  1.00 54.10 ? 42  GLU A CG  1 
ATOM   311  C CD  . GLU A 1 45  ? 8.513   -10.683 13.406  1.00 54.20 ? 42  GLU A CD  1 
ATOM   312  O OE1 . GLU A 1 45  ? 9.655   -11.204 13.330  1.00 55.82 ? 42  GLU A OE1 1 
ATOM   313  O OE2 . GLU A 1 45  ? 8.326   -9.514  13.842  1.00 57.48 ? 42  GLU A OE2 1 
ATOM   314  N N   . PRO A 1 46  ? 4.000   -10.859 11.035  1.00 50.46 ? 43  PRO A N   1 
ATOM   315  C CA  . PRO A 1 46  ? 2.824   -10.093 10.520  1.00 48.86 ? 43  PRO A CA  1 
ATOM   316  C C   . PRO A 1 46  ? 3.093   -8.615  10.232  1.00 46.95 ? 43  PRO A C   1 
ATOM   317  O O   . PRO A 1 46  ? 2.296   -7.946  9.540   1.00 47.06 ? 43  PRO A O   1 
ATOM   318  C CB  . PRO A 1 46  ? 1.788   -10.230 11.647  1.00 49.56 ? 43  PRO A CB  1 
ATOM   319  C CG  . PRO A 1 46  ? 2.643   -10.394 12.907  1.00 50.73 ? 43  PRO A CG  1 
ATOM   320  C CD  . PRO A 1 46  ? 3.844   -11.215 12.462  1.00 50.49 ? 43  PRO A CD  1 
ATOM   321  N N   . GLU A 1 47  ? 4.194   -8.102  10.764  1.00 43.23 ? 44  GLU A N   1 
ATOM   322  C CA  . GLU A 1 47  ? 4.511   -6.708  10.559  1.00 41.25 ? 44  GLU A CA  1 
ATOM   323  C C   . GLU A 1 47  ? 5.743   -6.477  9.683   1.00 38.84 ? 44  GLU A C   1 
ATOM   324  O O   . GLU A 1 47  ? 6.186   -5.353  9.594   1.00 39.38 ? 44  GLU A O   1 
ATOM   325  C CB  . GLU A 1 47  ? 4.642   -5.981  11.893  1.00 40.85 ? 44  GLU A CB  1 
ATOM   326  C CG  . GLU A 1 47  ? 3.381   -6.102  12.750  1.00 43.71 ? 44  GLU A CG  1 
ATOM   327  C CD  . GLU A 1 47  ? 3.217   -4.955  13.715  1.00 47.72 ? 44  GLU A CD  1 
ATOM   328  O OE1 . GLU A 1 47  ? 3.994   -4.888  14.692  1.00 50.17 ? 44  GLU A OE1 1 
ATOM   329  O OE2 . GLU A 1 47  ? 2.306   -4.120  13.507  1.00 49.26 ? 44  GLU A OE2 1 
ATOM   330  N N   . ILE A 1 48  ? 6.293   -7.533  9.076   1.00 35.91 ? 45  ILE A N   1 
ATOM   331  C CA  . ILE A 1 48  ? 7.481   -7.404  8.221   1.00 35.11 ? 45  ILE A CA  1 
ATOM   332  C C   . ILE A 1 48  ? 7.243   -7.972  6.843   1.00 33.81 ? 45  ILE A C   1 
ATOM   333  O O   . ILE A 1 48  ? 6.558   -8.977  6.695   1.00 34.71 ? 45  ILE A O   1 
ATOM   334  C CB  . ILE A 1 48  ? 8.739   -8.110  8.831   1.00 35.46 ? 45  ILE A CB  1 
ATOM   335  C CG1 . ILE A 1 48  ? 8.880   -7.795  10.307  1.00 34.90 ? 45  ILE A CG1 1 
ATOM   336  C CG2 . ILE A 1 48  ? 10.003  -7.681  8.096   1.00 35.86 ? 45  ILE A CG2 1 
ATOM   337  C CD1 . ILE A 1 48  ? 9.838   -8.729  11.018  1.00 40.97 ? 45  ILE A CD1 1 
ATOM   338  N N   . PHE A 1 49  ? 7.833   -7.349  5.821   1.00 31.45 ? 46  PHE A N   1 
ATOM   339  C CA  . PHE A 1 49  ? 7.704   -7.872  4.498   1.00 30.21 ? 46  PHE A CA  1 
ATOM   340  C C   . PHE A 1 49  ? 8.970   -7.671  3.684   1.00 30.32 ? 46  PHE A C   1 
ATOM   341  O O   . PHE A 1 49  ? 9.756   -6.765  3.953   1.00 29.56 ? 46  PHE A O   1 
ATOM   342  C CB  . PHE A 1 49  ? 6.528   -7.177  3.785   1.00 30.25 ? 46  PHE A CB  1 
ATOM   343  C CG  . PHE A 1 49  ? 6.842   -5.794  3.344   1.00 25.56 ? 46  PHE A CG  1 
ATOM   344  C CD1 . PHE A 1 49  ? 7.316   -5.571  2.042   1.00 24.54 ? 46  PHE A CD1 1 
ATOM   345  C CD2 . PHE A 1 49  ? 6.677   -4.724  4.212   1.00 25.52 ? 46  PHE A CD2 1 
ATOM   346  C CE1 . PHE A 1 49  ? 7.614   -4.311  1.611   1.00 25.76 ? 46  PHE A CE1 1 
ATOM   347  C CE2 . PHE A 1 49  ? 6.983   -3.440  3.799   1.00 26.34 ? 46  PHE A CE2 1 
ATOM   348  C CZ  . PHE A 1 49  ? 7.458   -3.234  2.495   1.00 26.96 ? 46  PHE A CZ  1 
ATOM   349  N N   . GLU A 1 50  ? 9.130   -8.535  2.700   1.00 30.57 ? 47  GLU A N   1 
ATOM   350  C CA  . GLU A 1 50  ? 10.088  -8.341  1.616   1.00 31.81 ? 47  GLU A CA  1 
ATOM   351  C C   . GLU A 1 50  ? 9.342   -8.576  0.317   1.00 31.82 ? 47  GLU A C   1 
ATOM   352  O O   . GLU A 1 50  ? 8.577   -9.556  0.174   1.00 33.01 ? 47  GLU A O   1 
ATOM   353  C CB  . GLU A 1 50  ? 11.236  -9.359  1.732   1.00 33.29 ? 47  GLU A CB  1 
ATOM   354  C CG  . GLU A 1 50  ? 11.905  -9.358  3.080   1.00 35.71 ? 47  GLU A CG  1 
ATOM   355  C CD  . GLU A 1 50  ? 12.616  -10.667 3.412   1.00 42.60 ? 47  GLU A CD  1 
ATOM   356  O OE1 . GLU A 1 50  ? 13.134  -11.329 2.483   1.00 42.80 ? 47  GLU A OE1 1 
ATOM   357  O OE2 . GLU A 1 50  ? 12.633  -11.036 4.617   1.00 45.27 ? 47  GLU A OE2 1 
ATOM   358  N N   . ALA A 1 51  ? 9.587   -7.713  -0.659  1.00 30.46 ? 48  ALA A N   1 
ATOM   359  C CA  . ALA A 1 51  ? 8.953   -7.873  -1.938  1.00 29.03 ? 48  ALA A CA  1 
ATOM   360  C C   . ALA A 1 51  ? 9.909   -7.518  -3.085  1.00 28.74 ? 48  ALA A C   1 
ATOM   361  O O   . ALA A 1 51  ? 10.907  -6.833  -2.884  1.00 27.97 ? 48  ALA A O   1 
ATOM   362  C CB  . ALA A 1 51  ? 7.689   -6.994  -2.011  1.00 28.58 ? 48  ALA A CB  1 
ATOM   363  N N   . GLU A 1 52  ? 9.577   -8.028  -4.260  1.00 28.30 ? 49  GLU A N   1 
ATOM   364  C CA  . GLU A 1 52  ? 10.318  -7.775  -5.484  1.00 29.53 ? 49  GLU A CA  1 
ATOM   365  C C   . GLU A 1 52  ? 9.343   -7.334  -6.543  1.00 27.98 ? 49  GLU A C   1 
ATOM   366  O O   . GLU A 1 52  ? 8.261   -7.898  -6.701  1.00 26.56 ? 49  GLU A O   1 
ATOM   367  C CB  . GLU A 1 52  ? 11.049  -9.057  -5.945  1.00 29.64 ? 49  GLU A CB  1 
ATOM   368  C CG  . GLU A 1 52  ? 12.297  -9.367  -5.053  1.00 33.31 ? 49  GLU A CG  1 
ATOM   369  C CD  . GLU A 1 52  ? 13.114  -10.593 -5.511  1.00 35.30 ? 49  GLU A CD  1 
ATOM   370  O OE1 . GLU A 1 52  ? 13.248  -10.831 -6.731  1.00 44.36 ? 49  GLU A OE1 1 
ATOM   371  O OE2 . GLU A 1 52  ? 13.612  -11.327 -4.633  1.00 40.62 ? 49  GLU A OE2 1 
ATOM   372  N N   . GLY A 1 53  ? 9.728   -6.314  -7.299  1.00 27.83 ? 50  GLY A N   1 
ATOM   373  C CA  . GLY A 1 53  ? 8.910   -5.906  -8.406  1.00 27.67 ? 50  GLY A CA  1 
ATOM   374  C C   . GLY A 1 53  ? 9.773   -5.404  -9.563  1.00 28.70 ? 50  GLY A C   1 
ATOM   375  O O   . GLY A 1 53  ? 11.000  -5.335  -9.462  1.00 26.62 ? 50  GLY A O   1 
ATOM   376  N N   . LYS A 1 54  ? 9.091   -5.014  -10.631 1.00 29.07 ? 51  LYS A N   1 
ATOM   377  C CA  . LYS A 1 54  ? 9.726   -4.384  -11.798 1.00 30.49 ? 51  LYS A CA  1 
ATOM   378  C C   . LYS A 1 54  ? 8.780   -3.378  -12.467 1.00 31.26 ? 51  LYS A C   1 
ATOM   379  O O   . LYS A 1 54  ? 7.562   -3.594  -12.539 1.00 32.77 ? 51  LYS A O   1 
ATOM   380  C CB  . LYS A 1 54  ? 10.170  -5.454  -12.780 1.00 30.57 ? 51  LYS A CB  1 
ATOM   381  C CG  . LYS A 1 54  ? 10.861  -4.939  -14.054 1.00 32.96 ? 51  LYS A CG  1 
ATOM   382  C CD  . LYS A 1 54  ? 11.350  -6.068  -14.900 1.00 36.83 ? 51  LYS A CD  1 
ATOM   383  C CE  . LYS A 1 54  ? 12.351  -5.550  -15.933 1.00 37.98 ? 51  LYS A CE  1 
ATOM   384  N NZ  . LYS A 1 54  ? 12.956  -6.701  -16.664 1.00 40.69 ? 51  LYS A NZ  1 
ATOM   385  N N   . PHE A 1 55  ? 9.341   -2.267  -12.950 1.00 30.39 ? 52  PHE A N   1 
ATOM   386  C CA  . PHE A 1 55  ? 8.611   -1.363  -13.838 1.00 30.30 ? 52  PHE A CA  1 
ATOM   387  C C   . PHE A 1 55  ? 9.631   -0.819  -14.837 1.00 29.88 ? 52  PHE A C   1 
ATOM   388  O O   . PHE A 1 55  ? 10.802  -0.606  -14.481 1.00 29.19 ? 52  PHE A O   1 
ATOM   389  C CB  . PHE A 1 55  ? 7.899   -0.237  -13.099 1.00 30.73 ? 52  PHE A CB  1 
ATOM   390  C CG  . PHE A 1 55  ? 8.815   0.654   -12.334 1.00 31.94 ? 52  PHE A CG  1 
ATOM   391  C CD1 . PHE A 1 55  ? 9.252   1.852   -12.875 1.00 34.66 ? 52  PHE A CD1 1 
ATOM   392  C CD2 . PHE A 1 55  ? 9.278   0.280   -11.077 1.00 35.09 ? 52  PHE A CD2 1 
ATOM   393  C CE1 . PHE A 1 55  ? 10.134  2.666   -12.175 1.00 33.71 ? 52  PHE A CE1 1 
ATOM   394  C CE2 . PHE A 1 55  ? 10.160  1.100   -10.361 1.00 35.16 ? 52  PHE A CE2 1 
ATOM   395  C CZ  . PHE A 1 55  ? 10.595  2.283   -10.916 1.00 36.02 ? 52  PHE A CZ  1 
ATOM   396  N N   . LEU A 1 56  ? 9.190   -0.640  -16.074 1.00 29.57 ? 53  LEU A N   1 
ATOM   397  C CA  . LEU A 1 56  ? 10.103  -0.374  -17.182 1.00 30.83 ? 53  LEU A CA  1 
ATOM   398  C C   . LEU A 1 56  ? 11.242  -1.412  -17.136 1.00 31.22 ? 53  LEU A C   1 
ATOM   399  O O   . LEU A 1 56  ? 10.971  -2.597  -16.910 1.00 31.31 ? 53  LEU A O   1 
ATOM   400  C CB  . LEU A 1 56  ? 10.631  1.069   -17.111 1.00 30.41 ? 53  LEU A CB  1 
ATOM   401  C CG  . LEU A 1 56  ? 9.564   2.192   -17.168 1.00 31.63 ? 53  LEU A CG  1 
ATOM   402  C CD1 . LEU A 1 56  ? 10.222  3.494   -16.792 1.00 31.77 ? 53  LEU A CD1 1 
ATOM   403  C CD2 . LEU A 1 56  ? 8.915   2.306   -18.518 1.00 32.03 ? 53  LEU A CD2 1 
ATOM   404  N N   . ALA A 1 57  ? 12.493  -0.984  -17.322 1.00 32.03 ? 54  ALA A N   1 
ATOM   405  C CA  . ALA A 1 57  ? 13.631  -1.910  -17.256 1.00 31.64 ? 54  ALA A CA  1 
ATOM   406  C C   . ALA A 1 57  ? 14.162  -2.175  -15.847 1.00 31.42 ? 54  ALA A C   1 
ATOM   407  O O   . ALA A 1 57  ? 15.150  -2.902  -15.681 1.00 32.22 ? 54  ALA A O   1 
ATOM   408  C CB  . ALA A 1 57  ? 14.771  -1.446  -18.180 1.00 31.34 ? 54  ALA A CB  1 
ATOM   409  N N   . PHE A 1 58  ? 13.481  -1.648  -14.831 1.00 30.19 ? 55  PHE A N   1 
ATOM   410  C CA  . PHE A 1 58  ? 14.033  -1.617  -13.497 1.00 29.91 ? 55  PHE A CA  1 
ATOM   411  C C   . PHE A 1 58  ? 13.414  -2.575  -12.495 1.00 29.15 ? 55  PHE A C   1 
ATOM   412  O O   . PHE A 1 58  ? 12.360  -2.292  -11.971 1.00 28.41 ? 55  PHE A O   1 
ATOM   413  C CB  . PHE A 1 58  ? 13.931  -0.196  -12.968 1.00 29.04 ? 55  PHE A CB  1 
ATOM   414  C CG  . PHE A 1 58  ? 14.447  0.807   -13.952 1.00 32.98 ? 55  PHE A CG  1 
ATOM   415  C CD1 . PHE A 1 58  ? 15.799  0.832   -14.258 1.00 34.18 ? 55  PHE A CD1 1 
ATOM   416  C CD2 . PHE A 1 58  ? 13.586  1.677   -14.598 1.00 34.24 ? 55  PHE A CD2 1 
ATOM   417  C CE1 . PHE A 1 58  ? 16.292  1.743   -15.210 1.00 35.54 ? 55  PHE A CE1 1 
ATOM   418  C CE2 . PHE A 1 58  ? 14.067  2.596   -15.559 1.00 32.76 ? 55  PHE A CE2 1 
ATOM   419  C CZ  . PHE A 1 58  ? 15.413  2.612   -15.849 1.00 30.93 ? 55  PHE A CZ  1 
ATOM   420  N N   . SER A 1 59  ? 14.110  -3.668  -12.213 1.00 29.44 ? 56  SER A N   1 
ATOM   421  C CA  . SER A 1 59  ? 13.766  -4.538  -11.090 1.00 30.34 ? 56  SER A CA  1 
ATOM   422  C C   . SER A 1 59  ? 14.178  -3.909  -9.780  1.00 29.97 ? 56  SER A C   1 
ATOM   423  O O   . SER A 1 59  ? 15.213  -3.216  -9.680  1.00 31.05 ? 56  SER A O   1 
ATOM   424  C CB  . SER A 1 59  ? 14.471  -5.878  -11.228 1.00 30.26 ? 56  SER A CB  1 
ATOM   425  O OG  . SER A 1 59  ? 13.995  -6.505  -12.406 1.00 33.49 ? 56  SER A OG  1 
ATOM   426  N N   . TYR A 1 60  ? 13.397  -4.170  -8.733  1.00 29.52 ? 57  TYR A N   1 
ATOM   427  C CA  . TYR A 1 60  ? 13.756  -3.664  -7.433  1.00 28.31 ? 57  TYR A CA  1 
ATOM   428  C C   . TYR A 1 60  ? 13.351  -4.665  -6.366  1.00 28.97 ? 57  TYR A C   1 
ATOM   429  O O   . TYR A 1 60  ? 12.466  -5.510  -6.589  1.00 28.90 ? 57  TYR A O   1 
ATOM   430  C CB  . TYR A 1 60  ? 13.134  -2.288  -7.150  1.00 28.97 ? 57  TYR A CB  1 
ATOM   431  C CG  . TYR A 1 60  ? 11.631  -2.311  -7.098  1.00 29.48 ? 57  TYR A CG  1 
ATOM   432  C CD1 . TYR A 1 60  ? 10.962  -2.473  -5.878  1.00 29.84 ? 57  TYR A CD1 1 
ATOM   433  C CD2 . TYR A 1 60  ? 10.873  -2.241  -8.271  1.00 30.23 ? 57  TYR A CD2 1 
ATOM   434  C CE1 . TYR A 1 60  ? 9.578   -2.520  -5.818  1.00 29.07 ? 57  TYR A CE1 1 
ATOM   435  C CE2 . TYR A 1 60  ? 9.480   -2.269  -8.228  1.00 28.07 ? 57  TYR A CE2 1 
ATOM   436  C CZ  . TYR A 1 60  ? 8.840   -2.429  -6.994  1.00 30.64 ? 57  TYR A CZ  1 
ATOM   437  O OH  . TYR A 1 60  ? 7.463   -2.463  -6.918  1.00 28.19 ? 57  TYR A OH  1 
ATOM   438  N N   . LYS A 1 61  ? 14.061  -4.584  -5.253  1.00 28.74 ? 58  LYS A N   1 
ATOM   439  C CA  . LYS A 1 61  ? 13.792  -5.385  -4.052  1.00 30.35 ? 58  LYS A CA  1 
ATOM   440  C C   . LYS A 1 61  ? 13.446  -4.432  -2.944  1.00 31.14 ? 58  LYS A C   1 
ATOM   441  O O   . LYS A 1 61  ? 14.252  -3.547  -2.608  1.00 32.11 ? 58  LYS A O   1 
ATOM   442  C CB  . LYS A 1 61  ? 15.035  -6.163  -3.632  1.00 30.66 ? 58  LYS A CB  1 
ATOM   443  C CG  . LYS A 1 61  ? 15.229  -7.435  -4.355  1.00 35.51 ? 58  LYS A CG  1 
ATOM   444  C CD  . LYS A 1 61  ? 16.613  -8.031  -4.051  1.00 42.15 ? 58  LYS A CD  1 
ATOM   445  C CE  . LYS A 1 61  ? 16.561  -9.113  -2.983  1.00 45.40 ? 58  LYS A CE  1 
ATOM   446  N NZ  . LYS A 1 61  ? 16.630  -8.553  -1.610  1.00 46.25 ? 58  LYS A NZ  1 
ATOM   447  N N   . VAL A 1 62  ? 12.266  -4.585  -2.361  1.00 30.51 ? 59  VAL A N   1 
ATOM   448  C CA  . VAL A 1 62  ? 11.860  -3.718  -1.276  1.00 30.21 ? 59  VAL A CA  1 
ATOM   449  C C   . VAL A 1 62  ? 11.552  -4.599  -0.037  1.00 29.61 ? 59  VAL A C   1 
ATOM   450  O O   . VAL A 1 62  ? 11.100  -5.754  -0.169  1.00 31.10 ? 59  VAL A O   1 
ATOM   451  C CB  . VAL A 1 62  ? 10.695  -2.748  -1.691  1.00 29.09 ? 59  VAL A CB  1 
ATOM   452  C CG1 . VAL A 1 62  ? 9.495   -3.521  -2.163  1.00 31.44 ? 59  VAL A CG1 1 
ATOM   453  C CG2 . VAL A 1 62  ? 10.304  -1.792  -0.586  1.00 29.52 ? 59  VAL A CG2 1 
ATOM   454  N N   . LYS A 1 63  ? 11.887  -4.080  1.135   1.00 28.63 ? 60  LYS A N   1 
ATOM   455  C CA  . LYS A 1 63  ? 11.488  -4.729  2.398   1.00 28.14 ? 60  LYS A CA  1 
ATOM   456  C C   . LYS A 1 63  ? 11.184  -3.635  3.418   1.00 26.70 ? 60  LYS A C   1 
ATOM   457  O O   . LYS A 1 63  ? 11.521  -2.470  3.235   1.00 27.81 ? 60  LYS A O   1 
ATOM   458  C CB  . LYS A 1 63  ? 12.588  -5.687  2.912   1.00 28.95 ? 60  LYS A CB  1 
ATOM   459  C CG  . LYS A 1 63  ? 13.792  -4.950  3.461   1.00 29.68 ? 60  LYS A CG  1 
ATOM   460  C CD  . LYS A 1 63  ? 14.932  -5.933  3.650   1.00 28.96 ? 60  LYS A CD  1 
ATOM   461  C CE  . LYS A 1 63  ? 16.060  -5.329  4.512   1.00 27.27 ? 60  LYS A CE  1 
ATOM   462  N NZ  . LYS A 1 63  ? 16.990  -4.620  3.645   1.00 27.74 ? 60  LYS A NZ  1 
ATOM   463  N N   . GLY A 1 64  ? 10.487  -3.967  4.486   1.00 25.86 ? 61  GLY A N   1 
ATOM   464  C CA  . GLY A 1 64  ? 10.081  -2.933  5.400   1.00 25.06 ? 61  GLY A CA  1 
ATOM   465  C C   . GLY A 1 64  ? 9.227   -3.456  6.562   1.00 25.16 ? 61  GLY A C   1 
ATOM   466  O O   . GLY A 1 64  ? 9.091   -4.660  6.730   1.00 24.72 ? 61  GLY A O   1 
ATOM   467  N N   . ARG A 1 65  ? 8.661   -2.524  7.312   1.00 26.19 ? 62  ARG A N   1 
ATOM   468  C CA  . ARG A 1 65  ? 7.956   -2.801  8.579   1.00 27.91 ? 62  ARG A CA  1 
ATOM   469  C C   . ARG A 1 65  ? 6.732   -1.921  8.701   1.00 28.10 ? 62  ARG A C   1 
ATOM   470  O O   . ARG A 1 65  ? 6.751   -0.773  8.315   1.00 28.43 ? 62  ARG A O   1 
ATOM   471  C CB  . ARG A 1 65  ? 8.891   -2.555  9.785   1.00 29.01 ? 62  ARG A CB  1 
ATOM   472  C CG  . ARG A 1 65  ? 8.275   -2.877  11.185  1.00 31.26 ? 62  ARG A CG  1 
ATOM   473  C CD  . ARG A 1 65  ? 9.310   -3.491  12.149  1.00 40.32 ? 62  ARG A CD  1 
ATOM   474  N NE  . ARG A 1 65  ? 8.621   -4.452  13.018  1.00 45.73 ? 62  ARG A NE  1 
ATOM   475  C CZ  . ARG A 1 65  ? 9.165   -5.551  13.533  1.00 49.66 ? 62  ARG A CZ  1 
ATOM   476  N NH1 . ARG A 1 65  ? 10.431  -5.863  13.288  1.00 50.69 ? 62  ARG A NH1 1 
ATOM   477  N NH2 . ARG A 1 65  ? 8.426   -6.349  14.302  1.00 51.72 ? 62  ARG A NH2 1 
ATOM   478  N N   . VAL A 1 66  ? 5.663   -2.482  9.267   1.00 28.37 ? 63  VAL A N   1 
ATOM   479  C CA  . VAL A 1 66  ? 4.398   -1.791  9.461   1.00 28.04 ? 63  VAL A CA  1 
ATOM   480  C C   . VAL A 1 66  ? 4.248   -1.399  10.929  1.00 29.41 ? 63  VAL A C   1 
ATOM   481  O O   . VAL A 1 66  ? 4.533   -2.207  11.846  1.00 29.63 ? 63  VAL A O   1 
ATOM   482  C CB  . VAL A 1 66  ? 3.224   -2.712  9.080   1.00 27.06 ? 63  VAL A CB  1 
ATOM   483  C CG1 . VAL A 1 66  ? 1.888   -2.014  9.362   1.00 28.86 ? 63  VAL A CG1 1 
ATOM   484  C CG2 . VAL A 1 66  ? 3.330   -3.160  7.634   1.00 28.20 ? 63  VAL A CG2 1 
ATOM   485  N N   . TYR A 1 67  ? 3.858   -0.150  11.153  1.00 29.58 ? 64  TYR A N   1 
ATOM   486  C CA  . TYR A 1 67  ? 3.583   0.352   12.467  1.00 30.97 ? 64  TYR A CA  1 
ATOM   487  C C   . TYR A 1 67  ? 2.140   0.823   12.463  1.00 32.54 ? 64  TYR A C   1 
ATOM   488  O O   . TYR A 1 67  ? 1.710   1.558   11.561  1.00 31.72 ? 64  TYR A O   1 
ATOM   489  C CB  . TYR A 1 67  ? 4.515   1.501   12.817  1.00 32.12 ? 64  TYR A CB  1 
ATOM   490  C CG  . TYR A 1 67  ? 5.978   1.103   12.753  1.00 31.78 ? 64  TYR A CG  1 
ATOM   491  C CD1 . TYR A 1 67  ? 6.625   0.587   13.891  1.00 35.14 ? 64  TYR A CD1 1 
ATOM   492  C CD2 . TYR A 1 67  ? 6.706   1.194   11.554  1.00 31.37 ? 64  TYR A CD2 1 
ATOM   493  C CE1 . TYR A 1 67  ? 7.966   0.204   13.855  1.00 35.25 ? 64  TYR A CE1 1 
ATOM   494  C CE2 . TYR A 1 67  ? 8.066   0.819   11.506  1.00 34.78 ? 64  TYR A CE2 1 
ATOM   495  C CZ  . TYR A 1 67  ? 8.683   0.328   12.673  1.00 36.42 ? 64  TYR A CZ  1 
ATOM   496  O OH  . TYR A 1 67  ? 10.004  -0.075  12.663  1.00 34.61 ? 64  TYR A OH  1 
ATOM   497  N N   . LYS A 1 68  ? 1.395   0.340   13.450  1.00 33.16 ? 65  LYS A N   1 
ATOM   498  C CA  . LYS A 1 68  ? 0.006   0.713   13.654  1.00 34.12 ? 65  LYS A CA  1 
ATOM   499  C C   . LYS A 1 68  ? -0.133  1.801   14.717  1.00 34.36 ? 65  LYS A C   1 
ATOM   500  O O   . LYS A 1 68  ? 0.524   1.758   15.771  1.00 36.40 ? 65  LYS A O   1 
ATOM   501  C CB  . LYS A 1 68  ? -0.819  -0.548  13.998  1.00 34.62 ? 65  LYS A CB  1 
ATOM   502  C CG  . LYS A 1 68  ? -0.671  -1.681  12.979  1.00 34.63 ? 65  LYS A CG  1 
ATOM   503  C CD  . LYS A 1 68  ? -1.662  -2.806  13.247  1.00 34.87 ? 65  LYS A CD  1 
ATOM   504  C CE  . LYS A 1 68  ? -1.446  -4.061  12.376  1.00 36.51 ? 65  LYS A CE  1 
ATOM   505  N NZ  . LYS A 1 68  ? -0.373  -5.037  12.727  1.00 34.75 ? 65  LYS A NZ  1 
ATOM   506  N N   . GLY A 1 69  ? -0.975  2.791   14.444  1.00 33.65 ? 66  GLY A N   1 
ATOM   507  C CA  . GLY A 1 69  ? -1.236  3.861   15.378  1.00 32.93 ? 66  GLY A CA  1 
ATOM   508  C C   . GLY A 1 69  ? -2.713  4.135   15.493  1.00 32.46 ? 66  GLY A C   1 
ATOM   509  O O   . GLY A 1 69  ? -3.534  3.441   14.905  1.00 32.27 ? 66  GLY A O   1 
ATOM   510  N N   . VAL A 1 70  ? -3.067  5.151   16.259  1.00 32.08 ? 67  VAL A N   1 
ATOM   511  C CA  . VAL A 1 70  ? -4.442  5.572   16.286  1.00 32.07 ? 67  VAL A CA  1 
ATOM   512  C C   . VAL A 1 70  ? -4.775  6.022   14.868  1.00 31.36 ? 67  VAL A C   1 
ATOM   513  O O   . VAL A 1 70  ? -4.146  6.918   14.306  1.00 30.32 ? 67  VAL A O   1 
ATOM   514  C CB  . VAL A 1 70  ? -4.699  6.650   17.357  1.00 32.47 ? 67  VAL A CB  1 
ATOM   515  C CG1 . VAL A 1 70  ? -6.133  7.169   17.304  1.00 33.77 ? 67  VAL A CG1 1 
ATOM   516  C CG2 . VAL A 1 70  ? -4.405  6.053   18.735  1.00 34.00 ? 67  VAL A CG2 1 
ATOM   517  N N   . ASP A 1 71  ? -5.733  5.338   14.271  1.00 31.40 ? 68  ASP A N   1 
ATOM   518  C CA  . ASP A 1 71  ? -6.292  5.776   12.967  1.00 31.78 ? 68  ASP A CA  1 
ATOM   519  C C   . ASP A 1 71  ? -5.250  5.916   11.859  1.00 31.37 ? 68  ASP A C   1 
ATOM   520  O O   . ASP A 1 71  ? -5.451  6.629   10.868  1.00 31.47 ? 68  ASP A O   1 
ATOM   521  C CB  . ASP A 1 71  ? -7.152  7.038   13.135  1.00 31.72 ? 68  ASP A CB  1 
ATOM   522  C CG  . ASP A 1 71  ? -8.509  6.753   13.804  1.00 34.67 ? 68  ASP A CG  1 
ATOM   523  O OD1 . ASP A 1 71  ? -9.019  5.609   13.765  1.00 36.99 ? 68  ASP A OD1 1 
ATOM   524  O OD2 . ASP A 1 71  ? -9.091  7.689   14.376  1.00 38.81 ? 68  ASP A OD2 1 
ATOM   525  N N   . GLU A 1 72  ? -4.145  5.187   11.989  1.00 31.45 ? 69  GLU A N   1 
ATOM   526  C CA  . GLU A 1 72  ? -3.061  5.332   11.030  1.00 32.47 ? 69  GLU A CA  1 
ATOM   527  C C   . GLU A 1 72  ? -2.282  4.042   10.880  1.00 31.12 ? 69  GLU A C   1 
ATOM   528  O O   . GLU A 1 72  ? -2.145  3.279   11.840  1.00 31.41 ? 69  GLU A O   1 
ATOM   529  C CB  . GLU A 1 72  ? -2.115  6.480   11.436  1.00 32.75 ? 69  GLU A CB  1 
ATOM   530  C CG  . GLU A 1 72  ? -0.937  6.622   10.464  1.00 36.13 ? 69  GLU A CG  1 
ATOM   531  C CD  . GLU A 1 72  ? -0.173  7.934   10.577  1.00 36.53 ? 69  GLU A CD  1 
ATOM   532  O OE1 . GLU A 1 72  ? -0.739  8.978   10.986  1.00 44.34 ? 69  GLU A OE1 1 
ATOM   533  O OE2 . GLU A 1 72  ? 1.010   7.906   10.223  1.00 42.12 ? 69  GLU A OE2 1 
ATOM   534  N N   . VAL A 1 73  ? -1.814  3.774   9.662   1.00 29.55 ? 70  VAL A N   1 
ATOM   535  C CA  . VAL A 1 73  ? -0.908  2.663   9.379   1.00 28.36 ? 70  VAL A CA  1 
ATOM   536  C C   . VAL A 1 73  ? 0.301   3.311   8.688   1.00 28.91 ? 70  VAL A C   1 
ATOM   537  O O   . VAL A 1 73  ? 0.132   4.039   7.743   1.00 26.79 ? 70  VAL A O   1 
ATOM   538  C CB  . VAL A 1 73  ? -1.531  1.649   8.403   1.00 29.54 ? 70  VAL A CB  1 
ATOM   539  C CG1 . VAL A 1 73  ? -0.542  0.550   8.091   1.00 27.33 ? 70  VAL A CG1 1 
ATOM   540  C CG2 . VAL A 1 73  ? -2.822  1.026   8.972   1.00 28.36 ? 70  VAL A CG2 1 
ATOM   541  N N   . ARG A 1 74  ? 1.512   3.026   9.161   1.00 29.16 ? 71  ARG A N   1 
ATOM   542  C CA  . ARG A 1 74  ? 2.704   3.645   8.616   1.00 30.64 ? 71  ARG A CA  1 
ATOM   543  C C   . ARG A 1 74  ? 3.635   2.505   8.213   1.00 29.05 ? 71  ARG A C   1 
ATOM   544  O O   . ARG A 1 74  ? 3.993   1.670   9.038   1.00 30.20 ? 71  ARG A O   1 
ATOM   545  C CB  . ARG A 1 74  ? 3.313   4.526   9.718   1.00 31.36 ? 71  ARG A CB  1 
ATOM   546  C CG  . ARG A 1 74  ? 4.210   5.613   9.250   1.00 33.67 ? 71  ARG A CG  1 
ATOM   547  C CD  . ARG A 1 74  ? 4.655   6.537   10.407  1.00 33.89 ? 71  ARG A CD  1 
ATOM   548  N NE  . ARG A 1 74  ? 3.533   7.375   10.867  1.00 40.71 ? 71  ARG A NE  1 
ATOM   549  C CZ  . ARG A 1 74  ? 3.664   8.518   11.550  1.00 44.98 ? 71  ARG A CZ  1 
ATOM   550  N NH1 . ARG A 1 74  ? 4.875   8.991   11.841  1.00 45.09 ? 71  ARG A NH1 1 
ATOM   551  N NH2 . ARG A 1 74  ? 2.585   9.207   11.925  1.00 43.93 ? 71  ARG A NH2 1 
ATOM   552  N N   . ILE A 1 75  ? 3.987   2.418   6.938   1.00 28.22 ? 72  ILE A N   1 
ATOM   553  C CA  . ILE A 1 75  ? 4.858   1.337   6.441   1.00 28.29 ? 72  ILE A CA  1 
ATOM   554  C C   . ILE A 1 75  ? 6.185   1.976   6.042   1.00 28.74 ? 72  ILE A C   1 
ATOM   555  O O   . ILE A 1 75  ? 6.252   2.774   5.100   1.00 29.53 ? 72  ILE A O   1 
ATOM   556  C CB  . ILE A 1 75  ? 4.231   0.568   5.261   1.00 28.00 ? 72  ILE A CB  1 
ATOM   557  C CG1 . ILE A 1 75  ? 2.854   0.018   5.676   1.00 29.38 ? 72  ILE A CG1 1 
ATOM   558  C CG2 . ILE A 1 75  ? 5.142   -0.583  4.802   1.00 28.23 ? 72  ILE A CG2 1 
ATOM   559  C CD1 . ILE A 1 75  ? 2.149   -0.894  4.663   1.00 27.87 ? 72  ILE A CD1 1 
ATOM   560  N N   . ILE A 1 76  ? 7.226   1.653   6.795   1.00 28.13 ? 73  ILE A N   1 
ATOM   561  C CA  . ILE A 1 76  ? 8.565   2.198   6.523   1.00 27.52 ? 73  ILE A CA  1 
ATOM   562  C C   . ILE A 1 76  ? 9.339   1.189   5.698   1.00 26.49 ? 73  ILE A C   1 
ATOM   563  O O   . ILE A 1 76  ? 9.403   0.013   6.044   1.00 26.29 ? 73  ILE A O   1 
ATOM   564  C CB  . ILE A 1 76  ? 9.257   2.526   7.850   1.00 26.86 ? 73  ILE A CB  1 
ATOM   565  C CG1 . ILE A 1 76  ? 8.378   3.542   8.591   1.00 27.59 ? 73  ILE A CG1 1 
ATOM   566  C CG2 . ILE A 1 76  ? 10.652  3.069   7.608   1.00 27.00 ? 73  ILE A CG2 1 
ATOM   567  C CD1 . ILE A 1 76  ? 8.923   4.014   9.940   1.00 34.68 ? 73  ILE A CD1 1 
ATOM   568  N N   . TYR A 1 77  ? 9.896   1.616   4.561   1.00 25.79 ? 74  TYR A N   1 
ATOM   569  C CA  . TYR A 1 77  ? 10.534  0.640   3.689   1.00 25.61 ? 74  TYR A CA  1 
ATOM   570  C C   . TYR A 1 77  ? 11.885  1.141   3.151   1.00 25.71 ? 74  TYR A C   1 
ATOM   571  O O   . TYR A 1 77  ? 12.124  2.352   3.151   1.00 26.71 ? 74  TYR A O   1 
ATOM   572  C CB  . TYR A 1 77  ? 9.622   0.279   2.521   1.00 24.55 ? 74  TYR A CB  1 
ATOM   573  C CG  . TYR A 1 77  ? 9.349   1.447   1.593   1.00 25.31 ? 74  TYR A CG  1 
ATOM   574  C CD1 . TYR A 1 77  ? 10.223  1.741   0.532   1.00 22.17 ? 74  TYR A CD1 1 
ATOM   575  C CD2 . TYR A 1 77  ? 8.213   2.282   1.780   1.00 24.42 ? 74  TYR A CD2 1 
ATOM   576  C CE1 . TYR A 1 77  ? 9.979   2.816   -0.331  1.00 23.82 ? 74  TYR A CE1 1 
ATOM   577  C CE2 . TYR A 1 77  ? 7.979   3.354   0.916   1.00 23.73 ? 74  TYR A CE2 1 
ATOM   578  C CZ  . TYR A 1 77  ? 8.875   3.601   -0.116  1.00 22.21 ? 74  TYR A CZ  1 
ATOM   579  O OH  . TYR A 1 77  ? 8.624   4.642   -0.941  1.00 26.54 ? 74  TYR A OH  1 
ATOM   580  N N   . ASP A 1 78  ? 12.726  0.194   2.720   1.00 27.43 ? 75  ASP A N   1 
ATOM   581  C CA  . ASP A 1 78  ? 13.987  0.468   1.995   1.00 28.14 ? 75  ASP A CA  1 
ATOM   582  C C   . ASP A 1 78  ? 14.101  -0.392  0.783   1.00 28.72 ? 75  ASP A C   1 
ATOM   583  O O   . ASP A 1 78  ? 13.701  -1.527  0.793   1.00 28.89 ? 75  ASP A O   1 
ATOM   584  C CB  . ASP A 1 78  ? 15.235  0.249   2.897   1.00 28.32 ? 75  ASP A CB  1 
ATOM   585  C CG  . ASP A 1 78  ? 15.363  -1.190  3.433   1.00 29.05 ? 75  ASP A CG  1 
ATOM   586  O OD1 . ASP A 1 78  ? 14.883  -1.431  4.575   1.00 30.07 ? 75  ASP A OD1 1 
ATOM   587  O OD2 . ASP A 1 78  ? 15.944  -2.077  2.742   1.00 30.66 ? 75  ASP A OD2 1 
ATOM   588  N N   . SER A 1 79  ? 14.702  0.116   -0.288  1.00 29.66 ? 76  SER A N   1 
ATOM   589  C CA  . SER A 1 79  ? 14.899  -0.719  -1.462  1.00 30.89 ? 76  SER A CA  1 
ATOM   590  C C   . SER A 1 79  ? 16.159  -0.264  -2.152  1.00 31.48 ? 76  SER A C   1 
ATOM   591  O O   . SER A 1 79  ? 16.730  0.761   -1.758  1.00 32.12 ? 76  SER A O   1 
ATOM   592  C CB  . SER A 1 79  ? 13.747  -0.585  -2.453  1.00 30.61 ? 76  SER A CB  1 
ATOM   593  O OG  . SER A 1 79  ? 13.861  0.627   -3.173  1.00 32.53 ? 76  SER A OG  1 
ATOM   594  N N   . ASP A 1 80  ? 16.555  -1.013  -3.181  1.00 33.08 ? 77  ASP A N   1 
ATOM   595  C CA  . ASP A 1 80  ? 17.734  -0.675  -3.997  1.00 33.76 ? 77  ASP A CA  1 
ATOM   596  C C   . ASP A 1 80  ? 17.478  0.546   -4.893  1.00 34.41 ? 77  ASP A C   1 
ATOM   597  O O   . ASP A 1 80  ? 18.387  1.011   -5.596  1.00 34.84 ? 77  ASP A O   1 
ATOM   598  C CB  . ASP A 1 80  ? 18.261  -1.878  -4.806  1.00 34.69 ? 77  ASP A CB  1 
ATOM   599  C CG  . ASP A 1 80  ? 17.164  -2.659  -5.550  1.00 36.45 ? 77  ASP A CG  1 
ATOM   600  O OD1 . ASP A 1 80  ? 15.980  -2.319  -5.412  1.00 37.05 ? 77  ASP A OD1 1 
ATOM   601  O OD2 . ASP A 1 80  ? 17.514  -3.642  -6.262  1.00 40.77 ? 77  ASP A OD2 1 
ATOM   602  N N   . ARG A 1 81  ? 16.246  1.058   -4.872  1.00 33.11 ? 78  ARG A N   1 
ATOM   603  C CA  . ARG A 1 81  ? 15.873  2.195   -5.730  1.00 33.20 ? 78  ARG A CA  1 
ATOM   604  C C   . ARG A 1 81  ? 15.396  3.377   -4.887  1.00 31.88 ? 78  ARG A C   1 
ATOM   605  O O   . ARG A 1 81  ? 14.797  4.304   -5.409  1.00 33.02 ? 78  ARG A O   1 
ATOM   606  C CB  . ARG A 1 81  ? 14.772  1.801   -6.727  1.00 32.60 ? 78  ARG A CB  1 
ATOM   607  C CG  . ARG A 1 81  ? 15.018  0.557   -7.561  1.00 34.88 ? 78  ARG A CG  1 
ATOM   608  C CD  . ARG A 1 81  ? 16.214  0.655   -8.456  1.00 38.54 ? 78  ARG A CD  1 
ATOM   609  N NE  . ARG A 1 81  ? 16.242  -0.448  -9.426  1.00 38.71 ? 78  ARG A NE  1 
ATOM   610  C CZ  . ARG A 1 81  ? 16.998  -0.468  -10.524 1.00 39.93 ? 78  ARG A CZ  1 
ATOM   611  N NH1 . ARG A 1 81  ? 17.786  0.565   -10.811 1.00 40.36 ? 78  ARG A NH1 1 
ATOM   612  N NH2 . ARG A 1 81  ? 16.972  -1.523  -11.325 1.00 35.68 ? 78  ARG A NH2 1 
ATOM   613  N N   . GLY A 1 82  ? 15.607  3.325   -3.577  1.00 30.49 ? 79  GLY A N   1 
ATOM   614  C CA  . GLY A 1 82  ? 15.224  4.447   -2.718  1.00 29.96 ? 79  GLY A CA  1 
ATOM   615  C C   . GLY A 1 82  ? 14.424  3.956   -1.519  1.00 29.63 ? 79  GLY A C   1 
ATOM   616  O O   . GLY A 1 82  ? 13.936  2.834   -1.527  1.00 28.67 ? 79  GLY A O   1 
ATOM   617  N N   . ASN A 1 83  ? 14.303  4.799   -0.500  1.00 28.81 ? 80  ASN A N   1 
ATOM   618  C CA  . ASN A 1 83  ? 13.623  4.430   0.765   1.00 28.22 ? 80  ASN A CA  1 
ATOM   619  C C   . ASN A 1 83  ? 12.443  5.375   0.946   1.00 27.16 ? 80  ASN A C   1 
ATOM   620  O O   . ASN A 1 83  ? 12.338  6.405   0.267   1.00 27.27 ? 80  ASN A O   1 
ATOM   621  C CB  . ASN A 1 83  ? 14.569  4.503   1.975   1.00 28.77 ? 80  ASN A CB  1 
ATOM   622  C CG  . ASN A 1 83  ? 15.792  3.554   1.876   1.00 30.02 ? 80  ASN A CG  1 
ATOM   623  O OD1 . ASN A 1 83  ? 15.918  2.709   0.977   1.00 31.83 ? 80  ASN A OD1 1 
ATOM   624  N ND2 . ASN A 1 83  ? 16.693  3.675   2.859   1.00 36.32 ? 80  ASN A ND2 1 
ATOM   625  N N   . GLY A 1 84  ? 11.538  5.048   1.864   1.00 26.35 ? 81  GLY A N   1 
ATOM   626  C CA  . GLY A 1 84  ? 10.373  5.870   2.011   1.00 26.51 ? 81  GLY A CA  1 
ATOM   627  C C   . GLY A 1 84  ? 9.413   5.427   3.079   1.00 26.24 ? 81  GLY A C   1 
ATOM   628  O O   . GLY A 1 84  ? 9.728   4.528   3.851   1.00 26.05 ? 81  GLY A O   1 
ATOM   629  N N   . ILE A 1 85  ? 8.264   6.112   3.128   1.00 26.03 ? 82  ILE A N   1 
ATOM   630  C CA  . ILE A 1 85  ? 7.152   5.730   4.023   1.00 26.79 ? 82  ILE A CA  1 
ATOM   631  C C   . ILE A 1 85  ? 5.834   5.741   3.247   1.00 26.14 ? 82  ILE A C   1 
ATOM   632  O O   . ILE A 1 85  ? 5.551   6.674   2.483   1.00 25.49 ? 82  ILE A O   1 
ATOM   633  C CB  . ILE A 1 85  ? 7.038   6.710   5.258   1.00 26.44 ? 82  ILE A CB  1 
ATOM   634  C CG1 . ILE A 1 85  ? 8.392   6.765   5.990   1.00 26.83 ? 82  ILE A CG1 1 
ATOM   635  C CG2 . ILE A 1 85  ? 6.023   6.212   6.232   1.00 29.43 ? 82  ILE A CG2 1 
ATOM   636  C CD1 . ILE A 1 85  ? 8.487   7.727   7.142   1.00 30.08 ? 82  ILE A CD1 1 
ATOM   637  N N   . LEU A 1 86  ? 5.032   4.704   3.458   1.00 25.83 ? 83  LEU A N   1 
ATOM   638  C CA  . LEU A 1 86  ? 3.648   4.683   2.968   1.00 25.66 ? 83  LEU A CA  1 
ATOM   639  C C   . LEU A 1 86  ? 2.707   4.868   4.147   1.00 25.50 ? 83  LEU A C   1 
ATOM   640  O O   . LEU A 1 86  ? 2.739   4.087   5.108   1.00 26.78 ? 83  LEU A O   1 
ATOM   641  C CB  . LEU A 1 86  ? 3.355   3.359   2.260   1.00 25.36 ? 83  LEU A CB  1 
ATOM   642  C CG  . LEU A 1 86  ? 1.959   3.117   1.660   1.00 27.24 ? 83  LEU A CG  1 
ATOM   643  C CD1 . LEU A 1 86  ? 1.720   4.077   0.594   1.00 24.16 ? 83  LEU A CD1 1 
ATOM   644  C CD2 . LEU A 1 86  ? 1.975   1.723   1.066   1.00 27.08 ? 83  LEU A CD2 1 
ATOM   645  N N   . TYR A 1 87  ? 1.863   5.888   4.067   1.00 25.67 ? 84  TYR A N   1 
ATOM   646  C CA  . TYR A 1 87  ? 0.868   6.120   5.102   1.00 26.55 ? 84  TYR A CA  1 
ATOM   647  C C   . TYR A 1 87  ? -0.523  5.768   4.621   1.00 25.54 ? 84  TYR A C   1 
ATOM   648  O O   . TYR A 1 87  ? -0.887  6.102   3.507   1.00 24.12 ? 84  TYR A O   1 
ATOM   649  C CB  . TYR A 1 87  ? 0.805   7.593   5.459   1.00 28.26 ? 84  TYR A CB  1 
ATOM   650  C CG  . TYR A 1 87  ? 2.130   8.186   5.844   1.00 30.51 ? 84  TYR A CG  1 
ATOM   651  C CD1 . TYR A 1 87  ? 2.498   8.270   7.178   1.00 32.31 ? 84  TYR A CD1 1 
ATOM   652  C CD2 . TYR A 1 87  ? 3.019   8.654   4.862   1.00 30.57 ? 84  TYR A CD2 1 
ATOM   653  C CE1 . TYR A 1 87  ? 3.718   8.815   7.539   1.00 33.36 ? 84  TYR A CE1 1 
ATOM   654  C CE2 . TYR A 1 87  ? 4.243   9.208   5.222   1.00 35.51 ? 84  TYR A CE2 1 
ATOM   655  C CZ  . TYR A 1 87  ? 4.585   9.276   6.566   1.00 34.60 ? 84  TYR A CZ  1 
ATOM   656  O OH  . TYR A 1 87  ? 5.807   9.826   6.969   1.00 35.54 ? 84  TYR A OH  1 
ATOM   657  N N   . ILE A 1 88  ? -1.299  5.140   5.506   1.00 25.52 ? 85  ILE A N   1 
ATOM   658  C CA  . ILE A 1 88  ? -2.742  5.015   5.320   1.00 25.25 ? 85  ILE A CA  1 
ATOM   659  C C   . ILE A 1 88  ? -3.458  5.646   6.545   1.00 26.00 ? 85  ILE A C   1 
ATOM   660  O O   . ILE A 1 88  ? -3.271  5.194   7.681   1.00 24.56 ? 85  ILE A O   1 
ATOM   661  C CB  . ILE A 1 88  ? -3.178  3.541   5.020   1.00 24.68 ? 85  ILE A CB  1 
ATOM   662  C CG1 . ILE A 1 88  ? -2.337  2.919   3.868   1.00 25.18 ? 85  ILE A CG1 1 
ATOM   663  C CG2 . ILE A 1 88  ? -4.699  3.512   4.635   1.00 24.33 ? 85  ILE A CG2 1 
ATOM   664  C CD1 . ILE A 1 88  ? -1.113  2.050   4.320   1.00 25.72 ? 85  ILE A CD1 1 
ATOM   665  N N   . ARG A 1 89  ? -4.221  6.732   6.321   1.00 27.02 ? 86  ARG A N   1 
ATOM   666  C CA  . ARG A 1 89  ? -4.794  7.505   7.420   1.00 28.36 ? 86  ARG A CA  1 
ATOM   667  C C   . ARG A 1 89  ? -6.313  7.518   7.313   1.00 27.49 ? 86  ARG A C   1 
ATOM   668  O O   . ARG A 1 89  ? -6.840  7.836   6.265   1.00 26.09 ? 86  ARG A O   1 
ATOM   669  C CB  . ARG A 1 89  ? -4.273  8.941   7.439   1.00 28.61 ? 86  ARG A CB  1 
ATOM   670  C CG  . ARG A 1 89  ? -2.743  9.068   7.509   1.00 31.54 ? 86  ARG A CG  1 
ATOM   671  C CD  . ARG A 1 89  ? -2.329  10.555  7.424   1.00 32.08 ? 86  ARG A CD  1 
ATOM   672  N NE  . ARG A 1 89  ? -0.871  10.707  7.574   1.00 37.79 ? 86  ARG A NE  1 
ATOM   673  C CZ  . ARG A 1 89  ? -0.126  11.612  6.937   1.00 35.99 ? 86  ARG A CZ  1 
ATOM   674  N NH1 . ARG A 1 89  ? -0.682  12.503  6.117   1.00 37.03 ? 86  ARG A NH1 1 
ATOM   675  N NH2 . ARG A 1 89  ? 1.185   11.639  7.152   1.00 40.80 ? 86  ARG A NH2 1 
ATOM   676  N N   . LYS A 1 90  ? -6.992  7.123   8.393   1.00 27.75 ? 87  LYS A N   1 
ATOM   677  C CA  . LYS A 1 90  ? -8.415  7.271   8.464   1.00 27.70 ? 87  LYS A CA  1 
ATOM   678  C C   . LYS A 1 90  ? -8.735  8.762   8.623   1.00 29.11 ? 87  LYS A C   1 
ATOM   679  O O   . LYS A 1 90  ? -8.201  9.418   9.513   1.00 29.72 ? 87  LYS A O   1 
ATOM   680  C CB  . LYS A 1 90  ? -8.984  6.436   9.632   1.00 28.09 ? 87  LYS A CB  1 
ATOM   681  C CG  . LYS A 1 90  ? -10.448 6.765   9.957   1.00 27.60 ? 87  LYS A CG  1 
ATOM   682  C CD  . LYS A 1 90  ? -11.033 5.767   10.885  1.00 30.34 ? 87  LYS A CD  1 
ATOM   683  C CE  . LYS A 1 90  ? -12.369 6.232   11.403  1.00 33.86 ? 87  LYS A CE  1 
ATOM   684  N NZ  . LYS A 1 90  ? -12.831 5.409   12.563  1.00 34.41 ? 87  LYS A NZ  1 
ATOM   685  N N   . LYS A 1 91  ? -9.622  9.284   7.778   1.00 28.59 ? 88  LYS A N   1 
ATOM   686  C CA  . LYS A 1 91  ? -10.033 10.686  7.848   1.00 30.30 ? 88  LYS A CA  1 
ATOM   687  C C   . LYS A 1 91  ? -11.389 10.841  8.516   1.00 31.53 ? 88  LYS A C   1 
ATOM   688  O O   . LYS A 1 91  ? -11.604 11.816  9.253   1.00 32.52 ? 88  LYS A O   1 
ATOM   689  C CB  . LYS A 1 91  ? -10.005 11.326  6.463   1.00 30.11 ? 88  LYS A CB  1 
ATOM   690  C CG  . LYS A 1 91  ? -8.667  11.249  5.789   1.00 32.65 ? 88  LYS A CG  1 
ATOM   691  C CD  . LYS A 1 91  ? -8.461  12.355  4.751   1.00 35.38 ? 88  LYS A CD  1 
ATOM   692  C CE  . LYS A 1 91  ? -9.482  12.292  3.652   1.00 35.55 ? 88  LYS A CE  1 
ATOM   693  N NZ  . LYS A 1 91  ? -9.061  13.082  2.469   1.00 34.99 ? 88  LYS A NZ  1 
ATOM   694  N N   . ASP A 1 92  ? -12.323 9.921   8.237   1.00 30.93 ? 89  ASP A N   1 
ATOM   695  C CA  . ASP A 1 92  ? -13.606 9.856   8.957   1.00 31.49 ? 89  ASP A CA  1 
ATOM   696  C C   . ASP A 1 92  ? -14.138 8.467   8.755   1.00 31.84 ? 89  ASP A C   1 
ATOM   697  O O   . ASP A 1 92  ? -13.372 7.598   8.302   1.00 30.39 ? 89  ASP A O   1 
ATOM   698  C CB  . ASP A 1 92  ? -14.631 10.904  8.463   1.00 31.86 ? 89  ASP A CB  1 
ATOM   699  C CG  . ASP A 1 92  ? -14.834 10.874  6.943   1.00 32.98 ? 89  ASP A CG  1 
ATOM   700  O OD1 . ASP A 1 92  ? -14.958 9.778   6.315   1.00 30.13 ? 89  ASP A OD1 1 
ATOM   701  O OD2 . ASP A 1 92  ? -14.858 11.977  6.375   1.00 32.69 ? 89  ASP A OD2 1 
ATOM   702  N N   . ASN A 1 93  ? -15.432 8.268   9.042   1.00 30.75 ? 90  ASN A N   1 
ATOM   703  C CA  . ASN A 1 93  ? -16.036 6.923   9.010   1.00 32.17 ? 90  ASN A CA  1 
ATOM   704  C C   . ASN A 1 93  ? -16.139 6.301   7.610   1.00 30.25 ? 90  ASN A C   1 
ATOM   705  O O   . ASN A 1 93  ? -16.387 5.089   7.471   1.00 29.58 ? 90  ASN A O   1 
ATOM   706  C CB  . ASN A 1 93  ? -17.446 6.935   9.660   1.00 33.80 ? 90  ASN A CB  1 
ATOM   707  C CG  . ASN A 1 93  ? -18.150 5.561   9.554   1.00 38.23 ? 90  ASN A CG  1 
ATOM   708  O OD1 . ASN A 1 93  ? -19.096 5.378   8.763   1.00 45.67 ? 90  ASN A OD1 1 
ATOM   709  N ND2 . ASN A 1 93  ? -17.659 4.585   10.316  1.00 43.03 ? 90  ASN A ND2 1 
ATOM   710  N N   . ASN A 1 94  ? -15.971 7.115   6.570   1.00 28.65 ? 91  ASN A N   1 
ATOM   711  C CA  . ASN A 1 94  ? -16.140 6.601   5.202   1.00 28.82 ? 91  ASN A CA  1 
ATOM   712  C C   . ASN A 1 94  ? -15.012 6.971   4.265   1.00 26.89 ? 91  ASN A C   1 
ATOM   713  O O   . ASN A 1 94  ? -15.186 6.874   3.073   1.00 25.16 ? 91  ASN A O   1 
ATOM   714  C CB  . ASN A 1 94  ? -17.458 7.099   4.557   1.00 30.03 ? 91  ASN A CB  1 
ATOM   715  C CG  . ASN A 1 94  ? -18.694 6.582   5.263   1.00 36.33 ? 91  ASN A CG  1 
ATOM   716  O OD1 . ASN A 1 94  ? -19.114 5.429   5.060   1.00 41.59 ? 91  ASN A OD1 1 
ATOM   717  N ND2 . ASN A 1 94  ? -19.322 7.449   6.063   1.00 41.28 ? 91  ASN A ND2 1 
ATOM   718  N N   . THR A 1 95  ? -13.882 7.451   4.802   1.00 25.41 ? 92  THR A N   1 
ATOM   719  C CA  . THR A 1 95  ? -12.853 8.054   3.969   1.00 25.81 ? 92  THR A CA  1 
ATOM   720  C C   . THR A 1 95  ? -11.490 7.792   4.586   1.00 25.87 ? 92  THR A C   1 
ATOM   721  O O   . THR A 1 95  ? -11.316 7.928   5.802   1.00 26.55 ? 92  THR A O   1 
ATOM   722  C CB  . THR A 1 95  ? -13.024 9.598   3.846   1.00 25.64 ? 92  THR A CB  1 
ATOM   723  O OG1 . THR A 1 95  ? -14.412 9.895   3.713   1.00 25.97 ? 92  THR A OG1 1 
ATOM   724  C CG2 . THR A 1 95  ? -12.293 10.136  2.640   1.00 28.19 ? 92  THR A CG2 1 
ATOM   725  N N   . LEU A 1 96  ? -10.534 7.442   3.733   1.00 25.40 ? 93  LEU A N   1 
ATOM   726  C CA  . LEU A 1 96  ? -9.166  7.374   4.132   1.00 25.49 ? 93  LEU A CA  1 
ATOM   727  C C   . LEU A 1 96  ? -8.272  8.085   3.130   1.00 24.95 ? 93  LEU A C   1 
ATOM   728  O O   . LEU A 1 96  ? -8.710  8.460   2.029   1.00 23.20 ? 93  LEU A O   1 
ATOM   729  C CB  . LEU A 1 96  ? -8.720  5.925   4.384   1.00 26.28 ? 93  LEU A CB  1 
ATOM   730  C CG  . LEU A 1 96  ? -8.771  4.859   3.296   1.00 28.49 ? 93  LEU A CG  1 
ATOM   731  C CD1 . LEU A 1 96  ? -7.560  4.860   2.339   1.00 31.24 ? 93  LEU A CD1 1 
ATOM   732  C CD2 . LEU A 1 96  ? -8.898  3.494   3.941   1.00 28.47 ? 93  LEU A CD2 1 
ATOM   733  N N   . GLN A 1 97  ? -7.020  8.289   3.536   1.00 24.69 ? 94  GLN A N   1 
ATOM   734  C CA  . GLN A 1 97  ? -6.007  8.867   2.648   1.00 24.49 ? 94  GLN A CA  1 
ATOM   735  C C   . GLN A 1 97  ? -4.809  7.956   2.603   1.00 23.49 ? 94  GLN A C   1 
ATOM   736  O O   . GLN A 1 97  ? -4.369  7.476   3.646   1.00 23.20 ? 94  GLN A O   1 
ATOM   737  C CB  . GLN A 1 97  ? -5.587  10.277  3.180   1.00 25.69 ? 94  GLN A CB  1 
ATOM   738  C CG  . GLN A 1 97  ? -4.818  11.170  2.161   1.00 27.02 ? 94  GLN A CG  1 
ATOM   739  C CD  . GLN A 1 97  ? -5.638  11.754  0.995   1.00 30.26 ? 94  GLN A CD  1 
ATOM   740  O OE1 . GLN A 1 97  ? -5.076  12.173  -0.026  1.00 33.51 ? 94  GLN A OE1 1 
ATOM   741  N NE2 . GLN A 1 97  ? -6.934  11.801  1.146   1.00 29.39 ? 94  GLN A NE2 1 
ATOM   742  N N   . ILE A 1 98  ? -4.250  7.776   1.409   1.00 22.87 ? 95  ILE A N   1 
ATOM   743  C CA  . ILE A 1 98  ? -2.997  7.041   1.197   1.00 23.48 ? 95  ILE A CA  1 
ATOM   744  C C   . ILE A 1 98  ? -1.985  8.049   0.679   1.00 24.60 ? 95  ILE A C   1 
ATOM   745  O O   . ILE A 1 98  ? -2.288  8.795   -0.272  1.00 25.32 ? 95  ILE A O   1 
ATOM   746  C CB  . ILE A 1 98  ? -3.171  5.896   0.164   1.00 22.97 ? 95  ILE A CB  1 
ATOM   747  C CG1 . ILE A 1 98  ? -4.315  4.963   0.629   1.00 22.66 ? 95  ILE A CG1 1 
ATOM   748  C CG2 . ILE A 1 98  ? -1.839  5.173   -0.089  1.00 23.11 ? 95  ILE A CG2 1 
ATOM   749  C CD1 . ILE A 1 98  ? -4.540  3.735   -0.273  1.00 24.54 ? 95  ILE A CD1 1 
ATOM   750  N N   . ILE A 1 99  ? -0.831  8.097   1.346   1.00 24.74 ? 96  ILE A N   1 
ATOM   751  C CA  . ILE A 1 99  ? 0.230   9.006   0.948   1.00 25.50 ? 96  ILE A CA  1 
ATOM   752  C C   . ILE A 1 99  ? 1.507   8.174   0.859   1.00 25.16 ? 96  ILE A C   1 
ATOM   753  O O   . ILE A 1 99  ? 1.910   7.575   1.851   1.00 24.90 ? 96  ILE A O   1 
ATOM   754  C CB  . ILE A 1 99  ? 0.492   10.118  2.007   1.00 25.81 ? 96  ILE A CB  1 
ATOM   755  C CG1 . ILE A 1 99  ? -0.793  10.881  2.343   1.00 27.78 ? 96  ILE A CG1 1 
ATOM   756  C CG2 . ILE A 1 99  ? 1.556   11.087  1.512   1.00 26.08 ? 96  ILE A CG2 1 
ATOM   757  C CD1 . ILE A 1 99  ? -1.399  10.449  3.699   1.00 30.02 ? 96  ILE A CD1 1 
ATOM   758  N N   . LEU A 1 100 ? 2.148   8.172   -0.305  1.00 24.82 ? 97  LEU A N   1 
ATOM   759  C CA  . LEU A 1 100 ? 3.453   7.549   -0.492  1.00 26.21 ? 97  LEU A CA  1 
ATOM   760  C C   . LEU A 1 100 ? 4.546   8.609   -0.645  1.00 27.34 ? 97  LEU A C   1 
ATOM   761  O O   . LEU A 1 100 ? 4.496   9.435   -1.587  1.00 26.05 ? 97  LEU A O   1 
ATOM   762  C CB  . LEU A 1 100 ? 3.469   6.659   -1.736  1.00 24.56 ? 97  LEU A CB  1 
ATOM   763  C CG  . LEU A 1 100 ? 4.777   5.877   -1.972  1.00 26.68 ? 97  LEU A CG  1 
ATOM   764  C CD1 . LEU A 1 100 ? 5.125   4.901   -0.835  1.00 26.81 ? 97  LEU A CD1 1 
ATOM   765  C CD2 . LEU A 1 100 ? 4.719   5.125   -3.335  1.00 28.67 ? 97  LEU A CD2 1 
ATOM   766  N N   . GLU A 1 101 ? 5.520   8.588   0.263   1.00 27.95 ? 98  GLU A N   1 
ATOM   767  C CA  . GLU A 1 101 ? 6.631   9.537   0.189   1.00 31.23 ? 98  GLU A CA  1 
ATOM   768  C C   . GLU A 1 101 ? 7.944   8.768   0.004   1.00 30.62 ? 98  GLU A C   1 
ATOM   769  O O   . GLU A 1 101 ? 8.356   8.009   0.876   1.00 31.77 ? 98  GLU A O   1 
ATOM   770  C CB  . GLU A 1 101 ? 6.674   10.424  1.437   1.00 31.77 ? 98  GLU A CB  1 
ATOM   771  C CG  . GLU A 1 101 ? 5.463   11.313  1.649   1.00 35.36 ? 98  GLU A CG  1 
ATOM   772  C CD  . GLU A 1 101 ? 5.509   12.107  2.958   1.00 36.37 ? 98  GLU A CD  1 
ATOM   773  O OE1 . GLU A 1 101 ? 6.493   11.946  3.716   1.00 40.64 ? 98  GLU A OE1 1 
ATOM   774  O OE2 . GLU A 1 101 ? 4.520   12.847  3.250   1.00 42.60 ? 98  GLU A OE2 1 
ATOM   775  N N   . HIS A 1 102 ? 8.587   8.951   -1.149  1.00 29.81 ? 99  HIS A N   1 
ATOM   776  C CA  . HIS A 1 102 ? 9.772   8.199   -1.509  1.00 30.41 ? 99  HIS A CA  1 
ATOM   777  C C   . HIS A 1 102 ? 10.977  9.160   -1.561  1.00 31.10 ? 99  HIS A C   1 
ATOM   778  O O   . HIS A 1 102 ? 10.837  10.263  -2.056  1.00 30.93 ? 99  HIS A O   1 
ATOM   779  C CB  . HIS A 1 102 ? 9.526   7.557   -2.871  1.00 31.01 ? 99  HIS A CB  1 
ATOM   780  C CG  . HIS A 1 102 ? 10.559  6.553   -3.270  1.00 31.83 ? 99  HIS A CG  1 
ATOM   781  N ND1 . HIS A 1 102 ? 10.675  5.319   -2.657  1.00 32.51 ? 99  HIS A ND1 1 
ATOM   782  C CD2 . HIS A 1 102 ? 11.516  6.590   -4.228  1.00 30.03 ? 99  HIS A CD2 1 
ATOM   783  C CE1 . HIS A 1 102 ? 11.673  4.647   -3.204  1.00 32.56 ? 99  HIS A CE1 1 
ATOM   784  N NE2 . HIS A 1 102 ? 12.200  5.396   -4.161  1.00 31.54 ? 99  HIS A NE2 1 
ATOM   785  N N   . ASP A 1 103 ? 12.137  8.729   -1.087  1.00 31.36 ? 100 ASP A N   1 
ATOM   786  C CA  . ASP A 1 103 ? 13.286  9.648   -0.932  1.00 33.45 ? 100 ASP A CA  1 
ATOM   787  C C   . ASP A 1 103 ? 14.174  9.796   -2.181  1.00 33.78 ? 100 ASP A C   1 
ATOM   788  O O   . ASP A 1 103 ? 15.135  10.606  -2.194  1.00 34.68 ? 100 ASP A O   1 
ATOM   789  C CB  . ASP A 1 103 ? 14.112  9.345   0.337   1.00 33.14 ? 100 ASP A CB  1 
ATOM   790  C CG  . ASP A 1 103 ? 15.091  8.158   0.175   1.00 37.68 ? 100 ASP A CG  1 
ATOM   791  O OD1 . ASP A 1 103 ? 15.188  7.530   -0.918  1.00 37.74 ? 100 ASP A OD1 1 
ATOM   792  O OD2 . ASP A 1 103 ? 15.776  7.841   1.179   1.00 42.28 ? 100 ASP A OD2 1 
ATOM   793  N N   . ASN A 1 104 ? 13.851  9.043   -3.233  1.00 32.69 ? 101 ASN A N   1 
ATOM   794  C CA  . ASN A 1 104 ? 14.633  9.091   -4.465  1.00 31.91 ? 101 ASN A CA  1 
ATOM   795  C C   . ASN A 1 104 ? 13.852  9.718   -5.608  1.00 32.18 ? 101 ASN A C   1 
ATOM   796  O O   . ASN A 1 104 ? 12.864  9.159   -6.114  1.00 31.22 ? 101 ASN A O   1 
ATOM   797  C CB  . ASN A 1 104 ? 15.194  7.694   -4.786  1.00 31.91 ? 101 ASN A CB  1 
ATOM   798  C CG  . ASN A 1 104 ? 16.119  7.691   -5.994  1.00 32.05 ? 101 ASN A CG  1 
ATOM   799  O OD1 . ASN A 1 104 ? 15.791  8.239   -7.039  1.00 33.99 ? 101 ASN A OD1 1 
ATOM   800  N ND2 . ASN A 1 104 ? 17.264  7.048   -5.861  1.00 34.04 ? 101 ASN A ND2 1 
ATOM   801  N N   . LYS A 1 105 ? 14.272  10.918  -6.004  1.00 31.68 ? 102 LYS A N   1 
ATOM   802  C CA  . LYS A 1 105 ? 13.505  11.718  -6.959  1.00 32.10 ? 102 LYS A CA  1 
ATOM   803  C C   . LYS A 1 105 ? 13.384  11.035  -8.324  1.00 31.29 ? 102 LYS A C   1 
ATOM   804  O O   . LYS A 1 105 ? 12.333  11.091  -8.955  1.00 31.96 ? 102 LYS A O   1 
ATOM   805  C CB  . LYS A 1 105 ? 14.169  13.091  -7.146  1.00 31.86 ? 102 LYS A CB  1 
ATOM   806  C CG  . LYS A 1 105 ? 13.300  14.067  -7.899  1.00 35.48 ? 102 LYS A CG  1 
ATOM   807  C CD  . LYS A 1 105 ? 14.047  15.367  -8.179  1.00 36.93 ? 102 LYS A CD  1 
ATOM   808  C CE  . LYS A 1 105 ? 13.266  16.188  -9.181  1.00 36.76 ? 102 LYS A CE  1 
ATOM   809  N NZ  . LYS A 1 105 ? 13.661  17.654  -9.152  1.00 37.49 ? 102 LYS A NZ  1 
ATOM   810  N N   . LEU A 1 106 ? 14.479  10.426  -8.782  1.00 30.40 ? 103 LEU A N   1 
ATOM   811  C CA  . LEU A 1 106 ? 14.517  9.770   -10.085 1.00 30.25 ? 103 LEU A CA  1 
ATOM   812  C C   . LEU A 1 106 ? 13.504  8.629   -10.069 1.00 29.33 ? 103 LEU A C   1 
ATOM   813  O O   . LEU A 1 106 ? 12.648  8.542   -10.934 1.00 29.00 ? 103 LEU A O   1 
ATOM   814  C CB  . LEU A 1 106 ? 15.912  9.216   -10.396 1.00 29.89 ? 103 LEU A CB  1 
ATOM   815  C CG  . LEU A 1 106 ? 16.100  8.596   -11.794 1.00 31.40 ? 103 LEU A CG  1 
ATOM   816  C CD1 . LEU A 1 106 ? 16.199  9.685   -12.806 1.00 30.89 ? 103 LEU A CD1 1 
ATOM   817  C CD2 . LEU A 1 106 ? 17.366  7.745   -11.864 1.00 32.96 ? 103 LEU A CD2 1 
ATOM   818  N N   . THR A 1 107 ? 13.617  7.777   -9.052  1.00 28.35 ? 104 THR A N   1 
ATOM   819  C CA  . THR A 1 107 ? 12.741  6.611   -8.916  1.00 28.66 ? 104 THR A CA  1 
ATOM   820  C C   . THR A 1 107 ? 11.289  7.032   -8.776  1.00 28.28 ? 104 THR A C   1 
ATOM   821  O O   . THR A 1 107 ? 10.399  6.402   -9.365  1.00 28.89 ? 104 THR A O   1 
ATOM   822  C CB  . THR A 1 107 ? 13.091  5.781   -7.672  1.00 27.69 ? 104 THR A CB  1 
ATOM   823  O OG1 . THR A 1 107 ? 14.411  5.239   -7.797  1.00 27.59 ? 104 THR A OG1 1 
ATOM   824  C CG2 . THR A 1 107 ? 12.110  4.608   -7.553  1.00 30.71 ? 104 THR A CG2 1 
ATOM   825  N N   . ALA A 1 108 ? 11.042  8.053   -7.963  1.00 29.07 ? 105 ALA A N   1 
ATOM   826  C CA  . ALA A 1 108 ? 9.666   8.589   -7.839  1.00 29.99 ? 105 ALA A CA  1 
ATOM   827  C C   . ALA A 1 108 ? 9.092   9.030   -9.208  1.00 30.59 ? 105 ALA A C   1 
ATOM   828  O O   . ALA A 1 108 ? 7.945   8.677   -9.576  1.00 30.13 ? 105 ALA A O   1 
ATOM   829  C CB  . ALA A 1 108 ? 9.631   9.700   -6.835  1.00 29.75 ? 105 ALA A CB  1 
ATOM   830  N N   . PHE A 1 109 ? 9.891   9.758   -9.994  1.00 29.97 ? 106 PHE A N   1 
ATOM   831  C CA  . PHE A 1 109 ? 9.464   10.200  -11.330 1.00 29.97 ? 106 PHE A CA  1 
ATOM   832  C C   . PHE A 1 109 ? 9.044   9.045   -12.234 1.00 28.93 ? 106 PHE A C   1 
ATOM   833  O O   . PHE A 1 109 ? 8.012   9.108   -12.922 1.00 29.62 ? 106 PHE A O   1 
ATOM   834  C CB  . PHE A 1 109 ? 10.595  11.006  -12.020 1.00 30.42 ? 106 PHE A CB  1 
ATOM   835  C CG  . PHE A 1 109 ? 10.291  11.424  -13.447 1.00 31.53 ? 106 PHE A CG  1 
ATOM   836  C CD1 . PHE A 1 109 ? 9.520   12.570  -13.704 1.00 34.02 ? 106 PHE A CD1 1 
ATOM   837  C CD2 . PHE A 1 109 ? 10.807  10.720  -14.529 1.00 31.78 ? 106 PHE A CD2 1 
ATOM   838  C CE1 . PHE A 1 109 ? 9.245   12.976  -14.998 1.00 32.14 ? 106 PHE A CE1 1 
ATOM   839  C CE2 . PHE A 1 109 ? 10.530  11.129  -15.858 1.00 30.11 ? 106 PHE A CE2 1 
ATOM   840  C CZ  . PHE A 1 109 ? 9.746   12.258  -16.085 1.00 33.35 ? 106 PHE A CZ  1 
ATOM   841  N N   . LEU A 1 110 ? 9.866   8.012   -12.254 1.00 27.33 ? 107 LEU A N   1 
ATOM   842  C CA  . LEU A 1 110 ? 9.604   6.884   -13.130 1.00 27.89 ? 107 LEU A CA  1 
ATOM   843  C C   . LEU A 1 110 ? 8.464   6.020   -12.586 1.00 26.91 ? 107 LEU A C   1 
ATOM   844  O O   . LEU A 1 110 ? 7.642   5.525   -13.368 1.00 27.89 ? 107 LEU A O   1 
ATOM   845  C CB  . LEU A 1 110 ? 10.872  6.082   -13.296 1.00 28.16 ? 107 LEU A CB  1 
ATOM   846  C CG  . LEU A 1 110 ? 12.016  6.784   -14.092 1.00 28.70 ? 107 LEU A CG  1 
ATOM   847  C CD1 . LEU A 1 110 ? 13.180  5.877   -14.157 1.00 29.62 ? 107 LEU A CD1 1 
ATOM   848  C CD2 . LEU A 1 110 ? 11.591  7.102   -15.488 1.00 29.20 ? 107 LEU A CD2 1 
ATOM   849  N N   . GLY A 1 111 ? 8.409   5.844   -11.268 1.00 27.73 ? 108 GLY A N   1 
ATOM   850  C CA  . GLY A 1 111 ? 7.397   4.937   -10.669 1.00 27.60 ? 108 GLY A CA  1 
ATOM   851  C C   . GLY A 1 111 ? 6.030   5.585   -10.563 1.00 28.92 ? 108 GLY A C   1 
ATOM   852  O O   . GLY A 1 111 ? 4.999   4.880   -10.421 1.00 27.49 ? 108 GLY A O   1 
ATOM   853  N N   . LYS A 1 112 ? 5.991   6.921   -10.646 1.00 29.12 ? 109 LYS A N   1 
ATOM   854  C CA  . LYS A 1 112 ? 4.738   7.650   -10.385 1.00 31.48 ? 109 LYS A CA  1 
ATOM   855  C C   . LYS A 1 112 ? 3.498   7.194   -11.166 1.00 31.59 ? 109 LYS A C   1 
ATOM   856  O O   . LYS A 1 112 ? 2.469   6.934   -10.527 1.00 32.58 ? 109 LYS A O   1 
ATOM   857  C CB  . LYS A 1 112 ? 4.868   9.185   -10.451 1.00 32.37 ? 109 LYS A CB  1 
ATOM   858  C CG  . LYS A 1 112 ? 3.668   9.849   -9.757  1.00 36.30 ? 109 LYS A CG  1 
ATOM   859  C CD  . LYS A 1 112 ? 3.808   11.361  -9.682  1.00 40.30 ? 109 LYS A CD  1 
ATOM   860  C CE  . LYS A 1 112 ? 2.635   11.963  -8.918  1.00 41.88 ? 109 LYS A CE  1 
ATOM   861  N NZ  . LYS A 1 112 ? 2.561   13.437  -9.174  1.00 40.00 ? 109 LYS A NZ  1 
ATOM   862  N N   . PRO A 1 113 ? 3.567   7.097   -12.516 1.00 32.13 ? 110 PRO A N   1 
ATOM   863  C CA  . PRO A 1 113 ? 2.321   6.678   -13.169 1.00 30.99 ? 110 PRO A CA  1 
ATOM   864  C C   . PRO A 1 113 ? 1.845   5.264   -12.795 1.00 29.55 ? 110 PRO A C   1 
ATOM   865  O O   . PRO A 1 113 ? 0.659   4.999   -12.907 1.00 28.88 ? 110 PRO A O   1 
ATOM   866  C CB  . PRO A 1 113 ? 2.647   6.720   -14.657 1.00 31.27 ? 110 PRO A CB  1 
ATOM   867  C CG  . PRO A 1 113 ? 4.119   6.713   -14.737 1.00 33.38 ? 110 PRO A CG  1 
ATOM   868  C CD  . PRO A 1 113 ? 4.639   7.339   -13.511 1.00 31.83 ? 110 PRO A CD  1 
ATOM   869  N N   . TYR A 1 114 ? 2.756   4.380   -12.402 1.00 28.35 ? 111 TYR A N   1 
ATOM   870  C CA  . TYR A 1 114 ? 2.404   3.007   -11.975 1.00 27.22 ? 111 TYR A CA  1 
ATOM   871  C C   . TYR A 1 114 ? 1.712   3.052   -10.618 1.00 25.65 ? 111 TYR A C   1 
ATOM   872  O O   . TYR A 1 114 ? 0.644   2.466   -10.407 1.00 23.88 ? 111 TYR A O   1 
ATOM   873  C CB  . TYR A 1 114 ? 3.679   2.150   -11.900 1.00 28.83 ? 111 TYR A CB  1 
ATOM   874  C CG  . TYR A 1 114 ? 4.302   2.007   -13.253 1.00 31.65 ? 111 TYR A CG  1 
ATOM   875  C CD1 . TYR A 1 114 ? 3.846   1.033   -14.137 1.00 35.72 ? 111 TYR A CD1 1 
ATOM   876  C CD2 . TYR A 1 114 ? 5.304   2.890   -13.678 1.00 31.86 ? 111 TYR A CD2 1 
ATOM   877  C CE1 . TYR A 1 114 ? 4.397   0.907   -15.400 1.00 37.94 ? 111 TYR A CE1 1 
ATOM   878  C CE2 . TYR A 1 114 ? 5.855   2.793   -14.934 1.00 34.96 ? 111 TYR A CE2 1 
ATOM   879  C CZ  . TYR A 1 114 ? 5.412   1.784   -15.793 1.00 34.80 ? 111 TYR A CZ  1 
ATOM   880  O OH  . TYR A 1 114 ? 5.945   1.695   -17.058 1.00 37.50 ? 111 TYR A OH  1 
ATOM   881  N N   . VAL A 1 115 ? 2.269   3.832   -9.712  1.00 24.17 ? 112 VAL A N   1 
ATOM   882  C CA  . VAL A 1 115 ? 1.646   4.011   -8.400  1.00 24.97 ? 112 VAL A CA  1 
ATOM   883  C C   . VAL A 1 115 ? 0.305   4.723   -8.504  1.00 24.82 ? 112 VAL A C   1 
ATOM   884  O O   . VAL A 1 115 ? -0.653  4.306   -7.859  1.00 22.61 ? 112 VAL A O   1 
ATOM   885  C CB  . VAL A 1 115 ? 2.570   4.780   -7.428  1.00 24.10 ? 112 VAL A CB  1 
ATOM   886  C CG1 . VAL A 1 115 ? 1.827   5.178   -6.152  1.00 28.38 ? 112 VAL A CG1 1 
ATOM   887  C CG2 . VAL A 1 115 ? 3.761   3.877   -7.064  1.00 25.25 ? 112 VAL A CG2 1 
ATOM   888  N N   . SER A 1 116 ? 0.236   5.801   -9.292  1.00 25.97 ? 113 SER A N   1 
ATOM   889  C CA  . SER A 1 116 ? -1.050  6.509   -9.457  1.00 27.73 ? 113 SER A CA  1 
ATOM   890  C C   . SER A 1 116 ? -2.096  5.627   -10.133 1.00 26.59 ? 113 SER A C   1 
ATOM   891  O O   . SER A 1 116 ? -3.266  5.668   -9.761  1.00 27.05 ? 113 SER A O   1 
ATOM   892  C CB  . SER A 1 116 ? -0.912  7.855   -10.182 1.00 29.18 ? 113 SER A CB  1 
ATOM   893  O OG  . SER A 1 116 ? -0.372  7.618   -11.461 1.00 36.15 ? 113 SER A OG  1 
ATOM   894  N N   . SER A 1 117 ? -1.702  4.810   -11.099 1.00 26.20 ? 114 SER A N   1 
ATOM   895  C CA  . SER A 1 117 ? -2.685  3.902   -11.717 1.00 26.20 ? 114 SER A CA  1 
ATOM   896  C C   . SER A 1 117 ? -3.231  2.897   -10.668 1.00 24.99 ? 114 SER A C   1 
ATOM   897  O O   . SER A 1 117 ? -4.433  2.525   -10.648 1.00 25.53 ? 114 SER A O   1 
ATOM   898  C CB  . SER A 1 117 ? -2.044  3.177   -12.914 1.00 26.94 ? 114 SER A CB  1 
ATOM   899  O OG  . SER A 1 117 ? -2.906  2.124   -13.342 1.00 33.26 ? 114 SER A OG  1 
ATOM   900  N N   . ASN A 1 118 ? -2.336  2.379   -9.859  1.00 22.93 ? 115 ASN A N   1 
ATOM   901  C CA  . ASN A 1 118 ? -2.720  1.493   -8.758  1.00 22.42 ? 115 ASN A CA  1 
ATOM   902  C C   . ASN A 1 118 ? -3.649  2.165   -7.776  1.00 21.67 ? 115 ASN A C   1 
ATOM   903  O O   . ASN A 1 118 ? -4.665  1.605   -7.385  1.00 20.40 ? 115 ASN A O   1 
ATOM   904  C CB  . ASN A 1 118 ? -1.471  1.008   -8.014  1.00 23.55 ? 115 ASN A CB  1 
ATOM   905  C CG  . ASN A 1 118 ? -0.809  -0.185  -8.693  1.00 25.06 ? 115 ASN A CG  1 
ATOM   906  O OD1 . ASN A 1 118 ? -1.469  -0.996  -9.384  1.00 28.07 ? 115 ASN A OD1 1 
ATOM   907  N ND2 . ASN A 1 118 ? 0.503   -0.304  -8.509  1.00 25.81 ? 115 ASN A ND2 1 
ATOM   908  N N   . LEU A 1 119 ? -3.306  3.384   -7.369  1.00 20.82 ? 116 LEU A N   1 
ATOM   909  C CA  . LEU A 1 119 ? -4.177  4.097   -6.445  1.00 21.02 ? 116 LEU A CA  1 
ATOM   910  C C   . LEU A 1 119 ? -5.560  4.408   -7.014  1.00 19.82 ? 116 LEU A C   1 
ATOM   911  O O   . LEU A 1 119 ? -6.558  4.329   -6.299  1.00 19.98 ? 116 LEU A O   1 
ATOM   912  C CB  . LEU A 1 119 ? -3.492  5.369   -5.886  1.00 21.33 ? 116 LEU A CB  1 
ATOM   913  C CG  . LEU A 1 119 ? -2.250  5.143   -5.026  1.00 22.41 ? 116 LEU A CG  1 
ATOM   914  C CD1 . LEU A 1 119 ? -1.575  6.479   -4.715  1.00 25.10 ? 116 LEU A CD1 1 
ATOM   915  C CD2 . LEU A 1 119 ? -2.594  4.395   -3.694  1.00 24.49 ? 116 LEU A CD2 1 
ATOM   916  N N   . ASP A 1 120 ? -5.616  4.782   -8.293  1.00 20.65 ? 117 ASP A N   1 
ATOM   917  C CA  . ASP A 1 120 ? -6.881  4.995   -8.997  1.00 21.09 ? 117 ASP A CA  1 
ATOM   918  C C   . ASP A 1 120 ? -7.716  3.746   -9.044  1.00 21.95 ? 117 ASP A C   1 
ATOM   919  O O   . ASP A 1 120 ? -8.899  3.799   -8.765  1.00 22.27 ? 117 ASP A O   1 
ATOM   920  C CB  . ASP A 1 120 ? -6.612  5.508   -10.434 1.00 21.53 ? 117 ASP A CB  1 
ATOM   921  C CG  . ASP A 1 120 ? -6.130  6.951   -10.470 1.00 25.33 ? 117 ASP A CG  1 
ATOM   922  O OD1 . ASP A 1 120 ? -6.132  7.627   -9.443  1.00 27.84 ? 117 ASP A OD1 1 
ATOM   923  O OD2 . ASP A 1 120 ? -5.761  7.409   -11.552 1.00 29.10 ? 117 ASP A OD2 1 
ATOM   924  N N   . ARG A 1 121 ? -7.093  2.609   -9.416  1.00 21.80 ? 118 ARG A N   1 
ATOM   925  C CA  . ARG A 1 121 ? -7.799  1.337   -9.463  1.00 23.28 ? 118 ARG A CA  1 
ATOM   926  C C   . ARG A 1 121 ? -8.311  0.938   -8.058  1.00 22.13 ? 118 ARG A C   1 
ATOM   927  O O   . ARG A 1 121 ? -9.439  0.506   -7.900  1.00 21.86 ? 118 ARG A O   1 
ATOM   928  C CB  . ARG A 1 121 ? -6.850  0.246   -10.019 1.00 22.88 ? 118 ARG A CB  1 
ATOM   929  C CG  . ARG A 1 121 ? -7.504  -1.136  -10.171 1.00 25.79 ? 118 ARG A CG  1 
ATOM   930  C CD  . ARG A 1 121 ? -6.493  -2.197  -10.644 1.00 23.90 ? 118 ARG A CD  1 
ATOM   931  N NE  . ARG A 1 121 ? -5.255  -2.140  -9.856  1.00 25.51 ? 118 ARG A NE  1 
ATOM   932  C CZ  . ARG A 1 121 ? -5.102  -2.607  -8.610  1.00 27.40 ? 118 ARG A CZ  1 
ATOM   933  N NH1 . ARG A 1 121 ? -6.093  -3.209  -7.925  1.00 23.53 ? 118 ARG A NH1 1 
ATOM   934  N NH2 . ARG A 1 121 ? -3.926  -2.412  -8.014  1.00 29.67 ? 118 ARG A NH2 1 
ATOM   935  N N   . LEU A 1 122 ? -7.484  1.097   -7.037  1.00 21.63 ? 119 LEU A N   1 
ATOM   936  C CA  . LEU A 1 122 ? -7.920  0.825   -5.661  1.00 23.88 ? 119 LEU A CA  1 
ATOM   937  C C   . LEU A 1 122 ? -9.106  1.721   -5.267  1.00 24.05 ? 119 LEU A C   1 
ATOM   938  O O   . LEU A 1 122 ? -10.092 1.226   -4.725  1.00 25.13 ? 119 LEU A O   1 
ATOM   939  C CB  . LEU A 1 122 ? -6.733  1.007   -4.689  1.00 24.20 ? 119 LEU A CB  1 
ATOM   940  C CG  . LEU A 1 122 ? -6.591  0.327   -3.340  1.00 28.94 ? 119 LEU A CG  1 
ATOM   941  C CD1 . LEU A 1 122 ? -6.577  -1.202  -3.442  1.00 27.32 ? 119 LEU A CD1 1 
ATOM   942  C CD2 . LEU A 1 122 ? -5.245  0.865   -2.760  1.00 24.58 ? 119 LEU A CD2 1 
ATOM   943  N N   . ALA A 1 123 ? -9.037  3.016   -5.565  1.00 23.70 ? 120 ALA A N   1 
ATOM   944  C CA  . ALA A 1 123 ? -10.125 3.928   -5.207  1.00 23.82 ? 120 ALA A CA  1 
ATOM   945  C C   . ALA A 1 123 ? -11.440 3.536   -5.883  1.00 25.09 ? 120 ALA A C   1 
ATOM   946  O O   . ALA A 1 123 ? -12.492 3.584   -5.262  1.00 26.43 ? 120 ALA A O   1 
ATOM   947  C CB  . ALA A 1 123 ? -9.763  5.348   -5.534  1.00 24.42 ? 120 ALA A CB  1 
ATOM   948  N N   . GLU A 1 124 ? -11.373 3.158   -7.160  1.00 25.79 ? 121 GLU A N   1 
ATOM   949  C CA  . GLU A 1 124 ? -12.549 2.834   -7.977  1.00 25.51 ? 121 GLU A CA  1 
ATOM   950  C C   . GLU A 1 124 ? -13.175 1.504   -7.630  1.00 25.56 ? 121 GLU A C   1 
ATOM   951  O O   . GLU A 1 124 ? -14.367 1.328   -7.880  1.00 26.82 ? 121 GLU A O   1 
ATOM   952  C CB  . GLU A 1 124 ? -12.197 2.865   -9.484  1.00 25.86 ? 121 GLU A CB  1 
ATOM   953  C CG  . GLU A 1 124 ? -11.931 4.269   -10.043 1.00 27.98 ? 121 GLU A CG  1 
ATOM   954  C CD  . GLU A 1 124 ? -11.107 4.263   -11.326 1.00 30.83 ? 121 GLU A CD  1 
ATOM   955  O OE1 . GLU A 1 124 ? -10.835 3.164   -11.892 1.00 36.07 ? 121 GLU A OE1 1 
ATOM   956  O OE2 . GLU A 1 124 ? -10.694 5.370   -11.752 1.00 36.23 ? 121 GLU A OE2 1 
ATOM   957  N N   . ASN A 1 125 ? -12.385 0.568   -7.074  1.00 23.63 ? 122 ASN A N   1 
ATOM   958  C CA  . ASN A 1 125 ? -12.827 -0.792  -6.781  1.00 22.46 ? 122 ASN A CA  1 
ATOM   959  C C   . ASN A 1 125 ? -12.753 -1.203  -5.295  1.00 22.71 ? 122 ASN A C   1 
ATOM   960  O O   . ASN A 1 125 ? -12.861 -2.372  -4.954  1.00 21.31 ? 122 ASN A O   1 
ATOM   961  C CB  . ASN A 1 125 ? -12.014 -1.767  -7.645  1.00 23.67 ? 122 ASN A CB  1 
ATOM   962  C CG  . ASN A 1 125 ? -12.272 -1.539  -9.145  1.00 24.32 ? 122 ASN A CG  1 
ATOM   963  O OD1 . ASN A 1 125 ? -13.374 -1.879  -9.670  1.00 24.88 ? 122 ASN A OD1 1 
ATOM   964  N ND2 . ASN A 1 125 ? -11.303 -0.919  -9.822  1.00 23.72 ? 122 ASN A ND2 1 
ATOM   965  N N   . ILE A 1 126 ? -12.601 -0.230  -4.407  1.00 21.20 ? 123 ILE A N   1 
ATOM   966  C CA  . ILE A 1 126 ? -12.191 -0.570  -3.015  1.00 21.21 ? 123 ILE A CA  1 
ATOM   967  C C   . ILE A 1 126 ? -13.170 -1.484  -2.316  1.00 21.19 ? 123 ILE A C   1 
ATOM   968  O O   . ILE A 1 126 ? -12.774 -2.464  -1.682  1.00 20.26 ? 123 ILE A O   1 
ATOM   969  C CB  . ILE A 1 126 ? -11.949 0.730   -2.146  1.00 20.10 ? 123 ILE A CB  1 
ATOM   970  C CG1 . ILE A 1 126 ? -11.424 0.389   -0.764  1.00 21.00 ? 123 ILE A CG1 1 
ATOM   971  C CG2 . ILE A 1 126 ? -13.199 1.573   -2.109  1.00 20.87 ? 123 ILE A CG2 1 
ATOM   972  C CD1 . ILE A 1 126 ? -10.067 -0.323  -0.737  1.00 21.62 ? 123 ILE A CD1 1 
ATOM   973  N N   . ASP A 1 127 ? -14.465 -1.227  -2.466  1.00 21.61 ? 124 ASP A N   1 
ATOM   974  C CA  . ASP A 1 127 ? -15.409 -2.022  -1.667  1.00 22.16 ? 124 ASP A CA  1 
ATOM   975  C C   . ASP A 1 127 ? -15.533 -3.509  -2.125  1.00 21.47 ? 124 ASP A C   1 
ATOM   976  O O   . ASP A 1 127 ? -15.733 -4.397  -1.268  1.00 22.61 ? 124 ASP A O   1 
ATOM   977  C CB  . ASP A 1 127 ? -16.748 -1.317  -1.597  1.00 24.04 ? 124 ASP A CB  1 
ATOM   978  C CG  . ASP A 1 127 ? -16.722 -0.159  -0.607  1.00 25.40 ? 124 ASP A CG  1 
ATOM   979  O OD1 . ASP A 1 127 ? -15.683 0.063   0.069   1.00 31.43 ? 124 ASP A OD1 1 
ATOM   980  O OD2 . ASP A 1 127 ? -17.771 0.490   -0.455  1.00 33.18 ? 124 ASP A OD2 1 
ATOM   981  N N   . GLU A 1 128 ? -15.416 -3.733  -3.444  1.00 22.78 ? 125 GLU A N   1 
ATOM   982  C CA  . GLU A 1 128 ? -15.385 -5.076  -4.066  1.00 22.64 ? 125 GLU A CA  1 
ATOM   983  C C   . GLU A 1 128 ? -14.082 -5.779  -3.689  1.00 22.83 ? 125 GLU A C   1 
ATOM   984  O O   . GLU A 1 128 ? -14.089 -6.934  -3.305  1.00 22.07 ? 125 GLU A O   1 
ATOM   985  C CB  . GLU A 1 128 ? -15.515 -5.005  -5.604  1.00 24.35 ? 125 GLU A CB  1 
ATOM   986  C CG  . GLU A 1 128 ? -16.832 -4.327  -6.135  1.00 28.94 ? 125 GLU A CG  1 
ATOM   987  C CD  . GLU A 1 128 ? -16.784 -2.774  -6.391  1.00 38.06 ? 125 GLU A CD  1 
ATOM   988  O OE1 . GLU A 1 128 ? -15.944 -2.020  -5.825  1.00 36.07 ? 125 GLU A OE1 1 
ATOM   989  O OE2 . GLU A 1 128 ? -17.618 -2.291  -7.211  1.00 42.20 ? 125 GLU A OE2 1 
ATOM   990  N N   . ILE A 1 129 ? -12.968 -5.049  -3.730  1.00 21.88 ? 126 ILE A N   1 
ATOM   991  C CA  . ILE A 1 129 ? -11.673 -5.667  -3.307  1.00 21.09 ? 126 ILE A CA  1 
ATOM   992  C C   . ILE A 1 129 ? -11.752 -6.115  -1.806  1.00 20.75 ? 126 ILE A C   1 
ATOM   993  O O   . ILE A 1 129 ? -11.386 -7.243  -1.415  1.00 20.92 ? 126 ILE A O   1 
ATOM   994  C CB  . ILE A 1 129 ? -10.536 -4.669  -3.547  1.00 19.30 ? 126 ILE A CB  1 
ATOM   995  C CG1 . ILE A 1 129 ? -10.255 -4.557  -5.066  1.00 22.83 ? 126 ILE A CG1 1 
ATOM   996  C CG2 . ILE A 1 129 ? -9.283  -5.117  -2.701  1.00 19.20 ? 126 ILE A CG2 1 
ATOM   997  C CD1 . ILE A 1 129 ? -9.465  -3.293  -5.472  1.00 25.14 ? 126 ILE A CD1 1 
ATOM   998  N N   . ILE A 1 130 ? -12.253 -5.242  -0.947  1.00 19.42 ? 127 ILE A N   1 
ATOM   999  C CA  . ILE A 1 130 ? -12.291 -5.510  0.481   1.00 20.06 ? 127 ILE A CA  1 
ATOM   1000 C C   . ILE A 1 130 ? -13.324 -6.566  0.809   1.00 20.30 ? 127 ILE A C   1 
ATOM   1001 O O   . ILE A 1 130 ? -13.123 -7.355  1.712   1.00 21.07 ? 127 ILE A O   1 
ATOM   1002 C CB  . ILE A 1 130 ? -12.601 -4.233  1.289   1.00 18.54 ? 127 ILE A CB  1 
ATOM   1003 C CG1 . ILE A 1 130 ? -11.468 -3.171  1.138   1.00 20.78 ? 127 ILE A CG1 1 
ATOM   1004 C CG2 . ILE A 1 130 ? -12.952 -4.594  2.805   1.00 21.29 ? 127 ILE A CG2 1 
ATOM   1005 C CD1 . ILE A 1 130 ? -10.097 -3.508  1.916   1.00 18.90 ? 127 ILE A CD1 1 
ATOM   1006 N N   . ARG A 1 131 ? -14.440 -6.586  0.089   1.00 21.77 ? 128 ARG A N   1 
ATOM   1007 C CA  . ARG A 1 131 ? -15.454 -7.607  0.343   1.00 22.11 ? 128 ARG A CA  1 
ATOM   1008 C C   . ARG A 1 131 ? -14.854 -9.008  0.149   1.00 21.45 ? 128 ARG A C   1 
ATOM   1009 O O   . ARG A 1 131 ? -15.030 -9.905  0.986   1.00 22.22 ? 128 ARG A O   1 
ATOM   1010 C CB  . ARG A 1 131 ? -16.624 -7.430  -0.581  1.00 21.80 ? 128 ARG A CB  1 
ATOM   1011 C CG  . ARG A 1 131 ? -17.769 -8.363  -0.273  1.00 30.03 ? 128 ARG A CG  1 
ATOM   1012 C CD  . ARG A 1 131 ? -18.939 -8.121  -1.232  1.00 37.14 ? 128 ARG A CD  1 
ATOM   1013 N NE  . ARG A 1 131 ? -18.557 -8.465  -2.597  1.00 41.69 ? 128 ARG A NE  1 
ATOM   1014 C CZ  . ARG A 1 131 ? -18.595 -9.694  -3.099  1.00 42.15 ? 128 ARG A CZ  1 
ATOM   1015 N NH1 . ARG A 1 131 ? -19.024 -10.710 -2.362  1.00 42.89 ? 128 ARG A NH1 1 
ATOM   1016 N NH2 . ARG A 1 131 ? -18.197 -9.903  -4.341  1.00 43.17 ? 128 ARG A NH2 1 
ATOM   1017 N N   . LEU A 1 132 ? -14.157 -9.172  -0.956  1.00 21.34 ? 129 LEU A N   1 
ATOM   1018 C CA  . LEU A 1 132 ? -13.415 -10.427 -1.222  1.00 21.72 ? 129 LEU A CA  1 
ATOM   1019 C C   . LEU A 1 132 ? -12.311 -10.728 -0.189  1.00 21.19 ? 129 LEU A C   1 
ATOM   1020 O O   . LEU A 1 132 ? -12.157 -11.892 0.217   1.00 21.82 ? 129 LEU A O   1 
ATOM   1021 C CB  . LEU A 1 132 ? -12.840 -10.384 -2.657  1.00 21.63 ? 129 LEU A CB  1 
ATOM   1022 C CG  . LEU A 1 132 ? -13.923 -10.510 -3.719  1.00 23.07 ? 129 LEU A CG  1 
ATOM   1023 C CD1 . LEU A 1 132 ? -13.289 -10.295 -5.111  1.00 23.53 ? 129 LEU A CD1 1 
ATOM   1024 C CD2 . LEU A 1 132 ? -14.621 -11.878 -3.687  1.00 23.23 ? 129 LEU A CD2 1 
ATOM   1025 N N   . GLU A 1 133 ? -11.539 -9.709  0.219   1.00 21.01 ? 130 GLU A N   1 
ATOM   1026 C CA  . GLU A 1 133 ? -10.550 -9.888  1.302   1.00 21.74 ? 130 GLU A CA  1 
ATOM   1027 C C   . GLU A 1 133 ? -11.216 -10.386 2.580   1.00 21.98 ? 130 GLU A C   1 
ATOM   1028 O O   . GLU A 1 133 ? -10.731 -11.270 3.236   1.00 21.01 ? 130 GLU A O   1 
ATOM   1029 C CB  . GLU A 1 133 ? -9.763  -8.567  1.562   1.00 22.63 ? 130 GLU A CB  1 
ATOM   1030 C CG  . GLU A 1 133 ? -8.767  -8.217  0.427   1.00 20.90 ? 130 GLU A CG  1 
ATOM   1031 C CD  . GLU A 1 133 ? -7.652  -9.285  0.316   1.00 26.96 ? 130 GLU A CD  1 
ATOM   1032 O OE1 . GLU A 1 133 ? -7.295  -9.959  1.312   1.00 25.59 ? 130 GLU A OE1 1 
ATOM   1033 O OE2 . GLU A 1 133 ? -7.154  -9.450  -0.797  1.00 29.98 ? 130 GLU A OE2 1 
ATOM   1034 N N   . ARG A 1 134 ? -12.336 -9.786  2.936   1.00 21.70 ? 131 ARG A N   1 
ATOM   1035 C CA  . ARG A 1 134 ? -13.061 -10.198 4.132   1.00 22.01 ? 131 ARG A CA  1 
ATOM   1036 C C   . ARG A 1 134 ? -13.556 -11.647 4.114   1.00 23.54 ? 131 ARG A C   1 
ATOM   1037 O O   . ARG A 1 134 ? -13.594 -12.332 5.158   1.00 24.92 ? 131 ARG A O   1 
ATOM   1038 C CB  . ARG A 1 134 ? -14.229 -9.252  4.315   1.00 20.74 ? 131 ARG A CB  1 
ATOM   1039 C CG  . ARG A 1 134 ? -13.743 -7.902  4.806   1.00 18.81 ? 131 ARG A CG  1 
ATOM   1040 C CD  . ARG A 1 134 ? -14.950 -6.999  5.127   1.00 19.94 ? 131 ARG A CD  1 
ATOM   1041 N NE  . ARG A 1 134 ? -15.509 -7.373  6.426   1.00 23.88 ? 131 ARG A NE  1 
ATOM   1042 C CZ  . ARG A 1 134 ? -16.418 -6.664  7.100   1.00 26.64 ? 131 ARG A CZ  1 
ATOM   1043 N NH1 . ARG A 1 134 ? -16.891 -5.554  6.570   1.00 28.07 ? 131 ARG A NH1 1 
ATOM   1044 N NH2 . ARG A 1 134 ? -16.855 -7.074  8.305   1.00 27.31 ? 131 ARG A NH2 1 
ATOM   1045 N N   . ILE A 1 135 ? -13.983 -12.101 2.946   1.00 24.42 ? 132 ILE A N   1 
ATOM   1046 C CA  . ILE A 1 135 ? -14.515 -13.463 2.805   1.00 25.23 ? 132 ILE A CA  1 
ATOM   1047 C C   . ILE A 1 135 ? -13.334 -14.405 3.055   1.00 26.00 ? 132 ILE A C   1 
ATOM   1048 O O   . ILE A 1 135 ? -13.430 -15.374 3.840   1.00 26.86 ? 132 ILE A O   1 
ATOM   1049 C CB  . ILE A 1 135 ? -15.186 -13.736 1.412   1.00 25.60 ? 132 ILE A CB  1 
ATOM   1050 C CG1 . ILE A 1 135 ? -16.529 -13.010 1.275   1.00 24.58 ? 132 ILE A CG1 1 
ATOM   1051 C CG2 . ILE A 1 135 ? -15.450 -15.265 1.246   1.00 23.52 ? 132 ILE A CG2 1 
ATOM   1052 C CD1 . ILE A 1 135 ? -16.995 -12.864 -0.170  1.00 26.58 ? 132 ILE A CD1 1 
ATOM   1053 N N   . LYS A 1 136 ? -12.194 -14.084 2.454   1.00 25.49 ? 133 LYS A N   1 
ATOM   1054 C CA  . LYS A 1 136 ? -11.001 -14.945 2.565   1.00 26.59 ? 133 LYS A CA  1 
ATOM   1055 C C   . LYS A 1 136 ? -10.404 -14.909 3.970   1.00 26.75 ? 133 LYS A C   1 
ATOM   1056 O O   . LYS A 1 136 ? -9.957  -15.947 4.491   1.00 27.04 ? 133 LYS A O   1 
ATOM   1057 C CB  . LYS A 1 136 ? -9.961  -14.538 1.536   1.00 26.15 ? 133 LYS A CB  1 
ATOM   1058 C CG  . LYS A 1 136 ? -8.633  -15.275 1.677   1.00 32.11 ? 133 LYS A CG  1 
ATOM   1059 C CD  . LYS A 1 136 ? -7.495  -14.515 0.929   1.00 38.89 ? 133 LYS A CD  1 
ATOM   1060 C CE  . LYS A 1 136 ? -7.234  -13.127 1.546   1.00 41.76 ? 133 LYS A CE  1 
ATOM   1061 N NZ  . LYS A 1 136 ? -5.824  -12.610 1.351   1.00 41.88 ? 133 LYS A NZ  1 
ATOM   1062 N N   . ARG A 1 137 ? -10.376 -13.726 4.588   1.00 26.95 ? 134 ARG A N   1 
ATOM   1063 C CA  . ARG A 1 137 ? -9.794  -13.566 5.949   1.00 25.89 ? 134 ARG A CA  1 
ATOM   1064 C C   . ARG A 1 137 ? -10.713 -13.922 7.091   1.00 27.04 ? 134 ARG A C   1 
ATOM   1065 O O   . ARG A 1 137 ? -10.242 -14.023 8.250   1.00 27.40 ? 134 ARG A O   1 
ATOM   1066 C CB  . ARG A 1 137 ? -9.268  -12.114 6.163   1.00 26.08 ? 134 ARG A CB  1 
ATOM   1067 C CG  . ARG A 1 137 ? -8.229  -11.726 5.198   1.00 25.84 ? 134 ARG A CG  1 
ATOM   1068 C CD  . ARG A 1 137 ? -8.098  -10.202 5.051   1.00 27.34 ? 134 ARG A CD  1 
ATOM   1069 N NE  . ARG A 1 137 ? -7.051  -9.863  4.071   1.00 27.10 ? 134 ARG A NE  1 
ATOM   1070 C CZ  . ARG A 1 137 ? -5.754  -9.687  4.363   1.00 25.05 ? 134 ARG A CZ  1 
ATOM   1071 N NH1 . ARG A 1 137 ? -5.321  -9.770  5.613   1.00 24.56 ? 134 ARG A NH1 1 
ATOM   1072 N NH2 . ARG A 1 137 ? -4.889  -9.408  3.392   1.00 25.65 ? 134 ARG A NH2 1 
ATOM   1073 N N   . LYS A 1 138 ? -12.012 -14.069 6.783   1.00 26.64 ? 135 LYS A N   1 
ATOM   1074 C CA  . LYS A 1 138 ? -13.067 -14.300 7.772   1.00 28.27 ? 135 LYS A CA  1 
ATOM   1075 C C   . LYS A 1 138 ? -13.119 -13.189 8.832   1.00 28.91 ? 135 LYS A C   1 
ATOM   1076 O O   . LYS A 1 138 ? -13.158 -13.447 10.058  1.00 29.77 ? 135 LYS A O   1 
ATOM   1077 C CB  . LYS A 1 138 ? -12.945 -15.709 8.363   1.00 27.71 ? 135 LYS A CB  1 
ATOM   1078 C CG  . LYS A 1 138 ? -12.968 -16.786 7.306   1.00 33.62 ? 135 LYS A CG  1 
ATOM   1079 C CD  . LYS A 1 138 ? -12.916 -18.163 7.934   1.00 39.55 ? 135 LYS A CD  1 
ATOM   1080 C CE  . LYS A 1 138 ? -11.541 -18.497 8.504   1.00 41.89 ? 135 LYS A CE  1 
ATOM   1081 N NZ  . LYS A 1 138 ? -11.635 -19.576 9.554   1.00 46.21 ? 135 LYS A NZ  1 
ATOM   1082 N N   . ILE A 1 139 ? -13.120 -11.948 8.334   1.00 27.40 ? 136 ILE A N   1 
ATOM   1083 C CA  . ILE A 1 139 ? -13.292 -10.776 9.195   1.00 27.28 ? 136 ILE A CA  1 
ATOM   1084 C C   . ILE A 1 139 ? -14.374 -9.858  8.674   1.00 28.21 ? 136 ILE A C   1 
ATOM   1085 O O   . ILE A 1 139 ? -14.871 -8.948  9.399   1.00 28.61 ? 136 ILE A O   1 
ATOM   1086 C CB  . ILE A 1 139 ? -11.996 -10.022 9.378   1.00 26.90 ? 136 ILE A CB  1 
ATOM   1087 C CG1 . ILE A 1 139 ? -11.470 -9.490  8.040   1.00 26.71 ? 136 ILE A CG1 1 
ATOM   1088 C CG2 . ILE A 1 139 ? -10.967 -10.895 10.081  1.00 26.32 ? 136 ILE A CG2 1 
ATOM   1089 C CD1 . ILE A 1 139 ? -10.218 -8.611  8.144   1.00 27.53 ? 136 ILE A CD1 1 
ATOM   1090 O OXT . ILE A 1 139 ? -14.788 -9.998  7.501   1.00 28.57 ? 136 ILE A OXT 1 
HETATM 1091 O O   . HOH B 2 .   ? 1.756   -2.141  -11.128 1.00 28.64 ? 137 HOH A O   1 
HETATM 1092 O O   . HOH B 2 .   ? 2.006   -4.384  -7.815  1.00 26.85 ? 138 HOH A O   1 
HETATM 1093 O O   . HOH B 2 .   ? -9.627  -8.801  -3.104  1.00 26.79 ? 139 HOH A O   1 
HETATM 1094 O O   . HOH B 2 .   ? -19.049 -3.335  6.614   1.00 29.26 ? 140 HOH A O   1 
HETATM 1095 O O   . HOH B 2 .   ? -18.289 -5.239  9.864   1.00 42.26 ? 141 HOH A O   1 
HETATM 1096 O O   . HOH B 2 .   ? -12.986 5.724   -3.522  1.00 27.69 ? 142 HOH A O   1 
HETATM 1097 O O   . HOH B 2 .   ? -7.512  11.844  -4.343  1.00 29.13 ? 143 HOH A O   1 
HETATM 1098 O O   . HOH B 2 .   ? 18.232  -5.742  1.568   1.00 25.12 ? 144 HOH A O   1 
HETATM 1099 O O   . HOH B 2 .   ? -6.706  2.551   15.059  1.00 28.41 ? 145 HOH A O   1 
HETATM 1100 O O   . HOH B 2 .   ? -8.223  -4.920  -8.970  1.00 29.36 ? 146 HOH A O   1 
HETATM 1101 O O   . HOH B 2 .   ? 14.390  -13.590 4.210   1.00 44.08 ? 147 HOH A O   1 
HETATM 1102 O O   . HOH B 2 .   ? 6.114   -2.807  13.993  1.00 35.39 ? 148 HOH A O   1 
HETATM 1103 O O   . HOH B 2 .   ? 17.364  10.628  -7.499  1.00 35.48 ? 149 HOH A O   1 
HETATM 1104 O O   . HOH B 2 .   ? 7.303   6.132   -16.116 1.00 32.66 ? 150 HOH A O   1 
HETATM 1105 O O   . HOH B 2 .   ? -17.072 11.682  4.641   1.00 34.13 ? 151 HOH A O   1 
HETATM 1106 O O   . HOH B 2 .   ? -15.864 0.394   -4.558  1.00 29.77 ? 152 HOH A O   1 
HETATM 1107 O O   . HOH B 2 .   ? -8.872  2.955   12.854  1.00 38.67 ? 153 HOH A O   1 
HETATM 1108 O O   . HOH B 2 .   ? -4.111  -9.818  0.226   1.00 37.56 ? 154 HOH A O   1 
HETATM 1109 O O   . HOH B 2 .   ? -17.524 -9.734  2.612   1.00 26.78 ? 155 HOH A O   1 
HETATM 1110 O O   . HOH B 2 .   ? -6.537  -10.711 8.034   1.00 34.82 ? 156 HOH A O   1 
HETATM 1111 O O   . HOH B 2 .   ? 12.195  4.911   5.102   1.00 35.16 ? 157 HOH A O   1 
HETATM 1112 O O   . HOH B 2 .   ? -13.618 13.952  2.143   1.00 44.86 ? 158 HOH A O   1 
HETATM 1113 O O   . HOH B 2 .   ? -11.321 0.365   -12.206 1.00 35.94 ? 159 HOH A O   1 
HETATM 1114 O O   . HOH B 2 .   ? -19.923 -0.232  -1.020  1.00 42.07 ? 160 HOH A O   1 
HETATM 1115 O O   . HOH B 2 .   ? -0.820  13.399  -5.415  1.00 38.18 ? 161 HOH A O   1 
HETATM 1116 O O   . HOH B 2 .   ? 13.900  0.448   6.497   1.00 41.70 ? 162 HOH A O   1 
HETATM 1117 O O   . HOH B 2 .   ? 17.069  -4.034  -13.108 1.00 33.08 ? 163 HOH A O   1 
HETATM 1118 O O   . HOH B 2 .   ? -13.554 -15.432 11.941  1.00 35.49 ? 164 HOH A O   1 
HETATM 1119 O O   . HOH B 2 .   ? -5.830  5.661   -13.801 1.00 40.90 ? 165 HOH A O   1 
HETATM 1120 O O   . HOH B 2 .   ? -15.847 13.952  8.078   1.00 43.12 ? 166 HOH A O   1 
HETATM 1121 O O   . HOH B 2 .   ? -6.358  11.680  -7.615  1.00 46.88 ? 167 HOH A O   1 
HETATM 1122 O O   . HOH B 2 .   ? -0.177  -9.066  8.641   1.00 44.89 ? 168 HOH A O   1 
HETATM 1123 O O   . HOH B 2 .   ? 16.076  4.019   -10.522 1.00 41.48 ? 169 HOH A O   1 
HETATM 1124 O O   . HOH B 2 .   ? -14.863 -8.704  11.911  1.00 41.71 ? 170 HOH A O   1 
HETATM 1125 O O   . HOH B 2 .   ? 6.879   -7.503  -12.519 1.00 37.86 ? 171 HOH A O   1 
HETATM 1126 O O   . HOH B 2 .   ? 13.670  -10.882 7.511   1.00 38.80 ? 172 HOH A O   1 
HETATM 1127 O O   . HOH B 2 .   ? -1.114  6.368   -14.314 1.00 39.03 ? 173 HOH A O   1 
HETATM 1128 O O   . HOH B 2 .   ? 16.651  12.013  -4.752  1.00 38.35 ? 174 HOH A O   1 
HETATM 1129 O O   . HOH B 2 .   ? -2.062  -12.031 3.793   1.00 40.81 ? 175 HOH A O   1 
HETATM 1130 O O   . HOH B 2 .   ? -6.840  -7.849  -2.886  1.00 50.89 ? 176 HOH A O   1 
HETATM 1131 O O   . HOH B 2 .   ? -7.289  -6.462  -6.809  1.00 29.30 ? 177 HOH A O   1 
HETATM 1132 O O   . HOH B 2 .   ? -10.015 -11.077 -4.780  1.00 33.51 ? 178 HOH A O   1 
HETATM 1133 O O   . HOH B 2 .   ? -17.532 -11.821 4.529   1.00 38.66 ? 179 HOH A O   1 
HETATM 1134 O O   . HOH B 2 .   ? -17.809 3.178   5.672   1.00 37.68 ? 180 HOH A O   1 
HETATM 1135 O O   . HOH B 2 .   ? 1.338   -7.895  -7.589  1.00 38.03 ? 181 HOH A O   1 
HETATM 1136 O O   . HOH B 2 .   ? 0.511   0.291   -12.084 1.00 34.67 ? 182 HOH A O   1 
HETATM 1137 O O   . HOH B 2 .   ? 12.016  8.144   4.450   1.00 40.36 ? 183 HOH A O   1 
HETATM 1138 O O   . HOH B 2 .   ? -20.499 7.174   1.625   1.00 55.22 ? 184 HOH A O   1 
HETATM 1139 O O   . HOH B 2 .   ? -18.168 -7.586  3.636   1.00 34.79 ? 185 HOH A O   1 
HETATM 1140 O O   . HOH B 2 .   ? 14.677  -2.766  7.124   1.00 44.38 ? 186 HOH A O   1 
HETATM 1141 O O   . HOH B 2 .   ? -18.511 11.021  1.356   1.00 38.30 ? 187 HOH A O   1 
HETATM 1142 O O   . HOH B 2 .   ? -17.225 2.544   8.966   1.00 39.79 ? 188 HOH A O   1 
HETATM 1143 O O   . HOH B 2 .   ? 15.725  -3.966  0.214   1.00 40.65 ? 189 HOH A O   1 
HETATM 1144 O O   . HOH B 2 .   ? 5.170   -3.007  -13.911 1.00 53.53 ? 190 HOH A O   1 
HETATM 1145 O O   . HOH B 2 .   ? -11.332 8.867   -4.486  1.00 40.36 ? 191 HOH A O   1 
HETATM 1146 O O   . HOH B 2 .   ? 16.452  5.416   5.142   1.00 43.50 ? 192 HOH A O   1 
HETATM 1147 O O   . HOH B 2 .   ? -8.514  -16.884 6.916   1.00 37.10 ? 193 HOH A O   1 
HETATM 1148 O O   . HOH B 2 .   ? -12.588 10.890  -3.160  1.00 43.27 ? 194 HOH A O   1 
HETATM 1149 O O   . HOH B 2 .   ? 16.932  -5.506  -8.105  1.00 46.21 ? 195 HOH A O   1 
HETATM 1150 O O   . HOH B 2 .   ? 3.506   -9.523  6.930   1.00 39.19 ? 196 HOH A O   1 
HETATM 1151 O O   . HOH B 2 .   ? 12.883  -11.080 -2.264  1.00 56.13 ? 197 HOH A O   1 
HETATM 1152 O O   . HOH B 2 .   ? 2.565   -8.165  -11.061 1.00 40.20 ? 198 HOH A O   1 
HETATM 1153 O O   . HOH B 2 .   ? -6.151  2.733   -13.044 1.00 36.88 ? 199 HOH A O   1 
HETATM 1154 O O   . HOH B 2 .   ? 2.541   -1.182  15.611  1.00 42.18 ? 200 HOH A O   1 
HETATM 1155 O O   . HOH B 2 .   ? -4.106  9.595   -8.992  1.00 44.00 ? 201 HOH A O   1 
HETATM 1156 O O   . HOH B 2 .   ? -5.128  -8.029  -7.087  1.00 43.60 ? 202 HOH A O   1 
HETATM 1157 O O   . HOH B 2 .   ? 10.517  9.754   2.873   1.00 53.07 ? 203 HOH A O   1 
HETATM 1158 O O   . HOH B 2 .   ? -11.462 6.280   14.629  1.00 44.52 ? 204 HOH A O   1 
HETATM 1159 O O   . HOH B 2 .   ? -19.500 -10.860 1.163   1.00 41.79 ? 205 HOH A O   1 
HETATM 1160 O O   . HOH B 2 .   ? -12.943 13.151  4.783   1.00 45.24 ? 206 HOH A O   1 
HETATM 1161 O O   . HOH B 2 .   ? 10.109  12.523  -0.306  1.00 51.56 ? 207 HOH A O   1 
HETATM 1162 O O   . HOH B 2 .   ? 0.714   3.115   18.610  1.00 49.36 ? 208 HOH A O   1 
HETATM 1163 O O   . HOH B 2 .   ? -20.827 0.591   6.768   1.00 49.68 ? 209 HOH A O   1 
HETATM 1164 O O   . HOH B 2 .   ? 6.615   -1.630  -16.825 1.00 42.83 ? 210 HOH A O   1 
HETATM 1165 O O   . HOH B 2 .   ? 15.366  6.342   7.934   1.00 51.25 ? 211 HOH A O   1 
HETATM 1166 O O   . HOH B 2 .   ? 10.533  -11.817 -2.031  1.00 49.35 ? 212 HOH A O   1 
HETATM 1167 O O   . HOH B 2 .   ? 10.422  12.324  2.107   1.00 43.33 ? 213 HOH A O   1 
HETATM 1168 O O   . HOH B 2 .   ? 8.954   -4.147  -17.329 1.00 44.84 ? 214 HOH A O   1 
HETATM 1169 O O   . HOH B 2 .   ? 20.623  -3.955  -7.162  1.00 54.74 ? 215 HOH A O   1 
HETATM 1170 O O   . HOH B 2 .   ? -8.085  1.217   -13.044 1.00 43.34 ? 216 HOH A O   1 
HETATM 1171 O O   . HOH B 2 .   ? 11.468  0.627   10.655  1.00 43.63 ? 217 HOH A O   1 
HETATM 1172 O O   . HOH B 2 .   ? 6.174   10.923  -13.101 1.00 35.93 ? 218 HOH A O   1 
HETATM 1173 O O   . HOH B 2 .   ? -4.994  0.906   12.802  1.00 48.80 ? 219 HOH A O   1 
HETATM 1174 O O   . HOH B 2 .   ? -3.689  -0.752  -11.781 1.00 33.78 ? 220 HOH A O   1 
HETATM 1175 O O   . HOH B 2 .   ? 0.670   -5.726  10.133  1.00 35.09 ? 221 HOH A O   1 
HETATM 1176 O O   . HOH B 2 .   ? -18.972 -8.547  6.564   1.00 51.96 ? 222 HOH A O   1 
HETATM 1177 O O   . HOH B 2 .   ? 5.996   8.807   -7.451  1.00 50.13 ? 223 HOH A O   1 
HETATM 1178 O O   . HOH B 2 .   ? -10.382 9.886   12.424  1.00 44.80 ? 224 HOH A O   1 
HETATM 1179 O O   . HOH B 2 .   ? -7.019  -10.169 10.303  1.00 47.64 ? 225 HOH A O   1 
HETATM 1180 O O   . HOH B 2 .   ? -15.284 -2.985  -8.556  1.00 42.27 ? 226 HOH A O   1 
HETATM 1181 O O   . HOH B 2 .   ? 0.927   -12.951 4.282   1.00 37.27 ? 227 HOH A O   1 
HETATM 1182 O O   . HOH B 2 .   ? -1.066  11.460  -8.182  1.00 45.71 ? 228 HOH A O   1 
HETATM 1183 O O   . HOH B 2 .   ? 17.482  7.374   -2.452  1.00 41.06 ? 229 HOH A O   1 
HETATM 1184 O O   . HOH B 2 .   ? -15.672 5.738   12.072  1.00 44.56 ? 230 HOH A O   1 
HETATM 1185 O O   . HOH B 2 .   ? -1.504  -6.138  14.961  1.00 44.60 ? 231 HOH A O   1 
HETATM 1186 O O   . HOH B 2 .   ? 17.906  -1.910  -16.280 1.00 45.09 ? 232 HOH A O   1 
HETATM 1187 O O   . HOH B 2 .   ? 10.643  -11.849 -8.197  1.00 48.77 ? 233 HOH A O   1 
HETATM 1188 O O   . HOH B 2 .   ? -15.877 -5.687  13.142  1.00 44.45 ? 234 HOH A O   1 
HETATM 1189 O O   . HOH B 2 .   ? -15.261 3.476   -10.135 1.00 54.66 ? 235 HOH A O   1 
HETATM 1190 O O   . HOH B 2 .   ? -14.348 -0.802  -12.096 1.00 56.68 ? 236 HOH A O   1 
HETATM 1191 O O   . HOH B 2 .   ? -5.395  -14.029 3.679   1.00 52.14 ? 237 HOH A O   1 
HETATM 1192 O O   . HOH B 2 .   ? 11.863  1.845   -4.787  1.00 54.04 ? 238 HOH A O   1 
# 
